data_7SVP
#
_entry.id   7SVP
#
_cell.length_a   89.721
_cell.length_b   132.238
_cell.length_c   113.861
_cell.angle_alpha   90.000
_cell.angle_beta   100.649
_cell.angle_gamma   90.000
#
_symmetry.space_group_name_H-M   'P 1 21 1'
#
loop_
_entity.id
_entity.type
_entity.pdbx_description
1 polymer 'Phospholipase D2'
2 non-polymer 1-(1-{(2S)-1-[(3R,5R)-3,5-dimethylpiperazin-1-yl]-1-oxopropan-2-yl}piperidin-4-yl)-1,3-dihydro-2H-benzimidazol-2-one
3 water water
#
_entity_poly.entity_id   1
_entity_poly.type   'polypeptide(L)'
_entity_poly.pdbx_seq_one_letter_code
;SSYRQARWWAQEITELAQGPGRDFLQLHRHDSYAPPRPGTLARWFVNGAGYFAAVADAILRAQEEIFITDWWLSPEVYLK
RPAHSDDWRLDIMLKRKAEEGVRVSILLFKEVELALGINSGYSKRALMLLHPNIKVMRHPDQVTLWAHHEKLLVVDQVVA
FLGGLDLAYGRWDDLHYRLTDLGDSSESAASQPPTPRPDSPATPDLSHNQFFWLGKDYSNLITKDWVQLDRPFEDFIDRE
TTPRMPWRDVGVVVHGLPARDLARHFIQRWNFTKTTKAKYKTPTYPYLLPKSTSTANQLPFTLPGGQCTTVQVLRSVDRW
SAGTLENSILNAYLHTIRESQHFLYIENQFFISCSDGRTVLNKVGDEIVDRILKAHKQGWCYRVYVLLPLLPGFEGDIST
GGGNSIQAILHFTYRTLCRGEYSILHRLKAAMGTAWRDYISICGLRTHGELGGHPVSELIYIHSKVLIADDRTVIIGSAN
INDRSLLGKRDSELAVLIEDTETEPSLMNGAEYQAGRFALSLRKHCFGVILGANTRPDLDLRDPICDDFFQLWQDMAESN
ANIYEQIFRCLPSNATRSLRTLREYVAVEPLATVSPPLARSELTQVQGHLVHFPLKFLEDESLLPPLGSKEGMIPLEVWT
;
_entity_poly.pdbx_strand_id   C,A,B,D
#
# COMPACT_ATOMS: atom_id res chain seq x y z
N LEU A 27 4.72 -17.56 9.53
CA LEU A 27 3.72 -17.92 8.53
C LEU A 27 4.35 -18.63 7.35
N HIS A 28 3.59 -19.54 6.73
CA HIS A 28 4.06 -20.33 5.60
C HIS A 28 3.62 -19.67 4.29
N ARG A 29 3.76 -20.40 3.19
CA ARG A 29 3.36 -19.89 1.89
C ARG A 29 1.88 -19.54 1.88
N HIS A 30 1.54 -18.46 1.20
CA HIS A 30 0.18 -17.91 1.13
C HIS A 30 -0.33 -17.47 2.50
N ASP A 31 0.59 -17.15 3.43
CA ASP A 31 0.23 -16.77 4.79
C ASP A 31 -0.65 -17.82 5.45
N SER A 32 -0.30 -19.09 5.24
CA SER A 32 -1.06 -20.21 5.75
C SER A 32 -0.41 -20.78 7.00
N TYR A 33 -1.23 -21.30 7.90
CA TYR A 33 -0.72 -21.93 9.12
C TYR A 33 -0.08 -23.29 8.85
N ALA A 34 -0.25 -23.84 7.66
CA ALA A 34 0.28 -25.15 7.32
C ALA A 34 1.22 -25.06 6.13
N PRO A 35 2.34 -25.78 6.15
CA PRO A 35 3.25 -25.77 5.01
C PRO A 35 2.81 -26.77 3.95
N PRO A 36 3.35 -26.68 2.73
CA PRO A 36 3.08 -27.72 1.73
C PRO A 36 3.57 -29.07 2.23
N ARG A 37 2.81 -30.11 1.89
CA ARG A 37 3.08 -31.47 2.35
C ARG A 37 3.33 -32.37 1.15
N PRO A 38 4.59 -32.55 0.74
CA PRO A 38 4.88 -33.46 -0.36
C PRO A 38 4.62 -34.91 0.02
N GLY A 39 4.38 -35.73 -1.01
CA GLY A 39 4.10 -37.14 -0.80
C GLY A 39 2.79 -37.40 -0.08
N THR A 40 1.75 -36.64 -0.41
CA THR A 40 0.45 -36.77 0.23
C THR A 40 -0.49 -37.57 -0.67
N LEU A 41 -1.16 -38.56 -0.09
CA LEU A 41 -2.15 -39.36 -0.81
C LEU A 41 -3.48 -38.62 -0.75
N ALA A 42 -3.97 -38.17 -1.91
CA ALA A 42 -5.22 -37.42 -2.00
C ALA A 42 -6.08 -38.01 -3.10
N ARG A 43 -7.39 -38.05 -2.87
CA ARG A 43 -8.34 -38.56 -3.85
C ARG A 43 -9.53 -37.63 -3.93
N TRP A 44 -9.89 -37.22 -5.14
CA TRP A 44 -11.01 -36.32 -5.34
C TRP A 44 -12.31 -37.09 -5.52
N PHE A 45 -13.42 -36.40 -5.24
CA PHE A 45 -14.75 -36.95 -5.40
C PHE A 45 -15.63 -35.91 -6.08
N VAL A 46 -16.37 -36.32 -7.10
CA VAL A 46 -17.36 -35.48 -7.76
C VAL A 46 -18.73 -36.03 -7.42
N ASN A 47 -19.64 -35.13 -7.04
CA ASN A 47 -20.98 -35.47 -6.55
C ASN A 47 -20.90 -36.18 -5.19
N GLY A 48 -22.03 -36.24 -4.49
CA GLY A 48 -22.00 -36.65 -3.09
C GLY A 48 -21.97 -38.15 -2.84
N ALA A 49 -22.28 -38.97 -3.84
CA ALA A 49 -22.40 -40.41 -3.60
C ALA A 49 -21.06 -41.02 -3.19
N GLY A 50 -20.02 -40.79 -3.99
CA GLY A 50 -18.72 -41.34 -3.66
C GLY A 50 -18.12 -40.72 -2.41
N TYR A 51 -18.34 -39.42 -2.21
CA TYR A 51 -17.86 -38.76 -1.01
C TYR A 51 -18.46 -39.38 0.24
N PHE A 52 -19.78 -39.57 0.25
CA PHE A 52 -20.44 -40.18 1.40
C PHE A 52 -20.04 -41.63 1.58
N ALA A 53 -19.83 -42.36 0.48
CA ALA A 53 -19.38 -43.74 0.59
C ALA A 53 -18.01 -43.82 1.27
N ALA A 54 -17.07 -42.96 0.83
CA ALA A 54 -15.75 -42.95 1.45
C ALA A 54 -15.82 -42.51 2.91
N VAL A 55 -16.68 -41.53 3.21
CA VAL A 55 -16.82 -41.08 4.59
C VAL A 55 -17.34 -42.20 5.48
N ALA A 56 -18.36 -42.93 4.99
CA ALA A 56 -18.89 -44.05 5.77
C ALA A 56 -17.84 -45.14 5.98
N ASP A 57 -17.10 -45.48 4.92
CA ASP A 57 -16.08 -46.51 5.05
C ASP A 57 -14.98 -46.10 6.02
N ALA A 58 -14.61 -44.81 6.01
CA ALA A 58 -13.61 -44.32 6.95
C ALA A 58 -14.13 -44.32 8.38
N ILE A 59 -15.40 -43.96 8.57
CA ILE A 59 -16.00 -43.98 9.90
C ILE A 59 -16.03 -45.41 10.44
N LEU A 60 -16.31 -46.38 9.57
CA LEU A 60 -16.30 -47.77 10.01
C LEU A 60 -14.92 -48.22 10.49
N ARG A 61 -13.86 -47.70 9.88
CA ARG A 61 -12.50 -48.08 10.22
C ARG A 61 -11.87 -47.20 11.29
N ALA A 62 -12.61 -46.24 11.84
CA ALA A 62 -12.07 -45.36 12.86
C ALA A 62 -11.75 -46.14 14.13
N GLN A 63 -10.71 -45.69 14.83
CA GLN A 63 -10.21 -46.38 16.02
C GLN A 63 -10.35 -45.56 17.29
N GLU A 64 -9.89 -44.31 17.28
CA GLU A 64 -9.87 -43.50 18.49
C GLU A 64 -10.73 -42.25 18.39
N GLU A 65 -10.59 -41.46 17.33
CA GLU A 65 -11.21 -40.15 17.27
C GLU A 65 -11.85 -39.91 15.91
N ILE A 66 -12.95 -39.15 15.93
CA ILE A 66 -13.58 -38.61 14.73
C ILE A 66 -14.00 -37.18 15.02
N PHE A 67 -13.48 -36.23 14.25
CA PHE A 67 -13.81 -34.81 14.38
C PHE A 67 -14.67 -34.39 13.19
N ILE A 68 -15.77 -33.69 13.45
CA ILE A 68 -16.70 -33.32 12.39
C ILE A 68 -16.99 -31.83 12.45
N THR A 69 -16.82 -31.15 11.33
CA THR A 69 -17.10 -29.73 11.16
C THR A 69 -18.12 -29.56 10.05
N ASP A 70 -19.28 -28.96 10.35
CA ASP A 70 -20.33 -28.84 9.35
C ASP A 70 -21.12 -27.55 9.55
N TRP A 71 -21.61 -27.03 8.43
CA TRP A 71 -22.55 -25.90 8.45
C TRP A 71 -23.98 -26.38 8.65
N TRP A 72 -24.28 -27.61 8.24
CA TRP A 72 -25.59 -28.23 8.51
C TRP A 72 -25.40 -29.73 8.47
N LEU A 73 -25.67 -30.39 9.59
CA LEU A 73 -25.53 -31.85 9.70
C LEU A 73 -26.90 -32.47 9.90
N SER A 74 -27.19 -33.50 9.10
CA SER A 74 -28.41 -34.29 9.27
C SER A 74 -28.06 -35.61 9.92
N PRO A 75 -28.41 -35.82 11.18
CA PRO A 75 -28.05 -37.09 11.84
C PRO A 75 -28.61 -38.32 11.16
N GLU A 76 -29.79 -38.21 10.55
CA GLU A 76 -30.47 -39.36 9.97
C GLU A 76 -30.18 -39.54 8.48
N VAL A 77 -29.19 -38.82 7.94
CA VAL A 77 -28.83 -38.99 6.53
C VAL A 77 -28.27 -40.38 6.31
N TYR A 78 -28.56 -40.94 5.14
CA TYR A 78 -27.99 -42.22 4.74
C TYR A 78 -26.74 -41.97 3.90
N LEU A 79 -25.65 -42.65 4.25
CA LEU A 79 -24.38 -42.47 3.56
C LEU A 79 -24.24 -43.36 2.33
N LYS A 80 -24.95 -44.49 2.28
CA LYS A 80 -24.93 -45.39 1.13
C LYS A 80 -26.36 -45.69 0.71
N ARG A 81 -26.62 -45.61 -0.60
CA ARG A 81 -27.94 -45.81 -1.17
C ARG A 81 -27.87 -46.82 -2.31
N PRO A 82 -28.96 -47.56 -2.58
CA PRO A 82 -30.27 -47.52 -1.90
C PRO A 82 -30.22 -48.07 -0.48
N ALA A 83 -31.10 -47.56 0.38
CA ALA A 83 -31.09 -47.90 1.79
C ALA A 83 -31.93 -49.16 2.02
N HIS A 84 -31.28 -50.20 2.55
CA HIS A 84 -31.96 -51.43 2.94
C HIS A 84 -31.90 -51.69 4.44
N SER A 85 -31.13 -50.91 5.18
CA SER A 85 -31.01 -51.07 6.63
C SER A 85 -30.45 -49.78 7.20
N ASP A 86 -30.37 -49.73 8.54
CA ASP A 86 -29.80 -48.59 9.24
C ASP A 86 -28.30 -48.72 9.46
N ASP A 87 -27.67 -49.76 8.89
CA ASP A 87 -26.25 -49.99 9.13
C ASP A 87 -25.37 -48.88 8.56
N TRP A 88 -25.88 -48.08 7.63
CA TRP A 88 -25.08 -47.03 7.01
C TRP A 88 -25.65 -45.64 7.25
N ARG A 89 -26.47 -45.46 8.28
CA ARG A 89 -26.94 -44.15 8.66
C ARG A 89 -25.91 -43.46 9.54
N LEU A 90 -25.80 -42.13 9.39
CA LEU A 90 -24.76 -41.38 10.08
C LEU A 90 -24.89 -41.50 11.59
N ASP A 91 -26.10 -41.29 12.11
CA ASP A 91 -26.30 -41.38 13.56
C ASP A 91 -26.03 -42.78 14.07
N ILE A 92 -26.51 -43.80 13.35
CA ILE A 92 -26.31 -45.18 13.79
C ILE A 92 -24.82 -45.54 13.77
N MET A 93 -24.11 -45.15 12.70
CA MET A 93 -22.68 -45.46 12.63
C MET A 93 -21.90 -44.75 13.72
N LEU A 94 -22.21 -43.47 13.97
CA LEU A 94 -21.52 -42.74 15.03
C LEU A 94 -21.81 -43.36 16.39
N LYS A 95 -23.05 -43.75 16.64
CA LYS A 95 -23.40 -44.40 17.90
C LYS A 95 -22.65 -45.72 18.07
N ARG A 96 -22.61 -46.53 17.01
CA ARG A 96 -21.92 -47.82 17.09
C ARG A 96 -20.43 -47.63 17.34
N LYS A 97 -19.80 -46.67 16.66
CA LYS A 97 -18.38 -46.44 16.87
C LYS A 97 -18.10 -45.86 18.25
N ALA A 98 -18.99 -45.00 18.76
CA ALA A 98 -18.84 -44.50 20.12
C ALA A 98 -19.00 -45.61 21.15
N GLU A 99 -19.82 -46.63 20.84
CA GLU A 99 -19.91 -47.80 21.69
C GLU A 99 -18.63 -48.62 21.70
N GLU A 100 -17.72 -48.39 20.75
CA GLU A 100 -16.44 -49.07 20.71
C GLU A 100 -15.33 -48.28 21.42
N GLY A 101 -15.66 -47.14 22.04
CA GLY A 101 -14.69 -46.32 22.71
C GLY A 101 -14.18 -45.14 21.91
N VAL A 102 -14.80 -44.82 20.79
CA VAL A 102 -14.37 -43.70 19.95
C VAL A 102 -15.05 -42.43 20.43
N ARG A 103 -14.27 -41.39 20.67
CA ARG A 103 -14.79 -40.09 21.09
C ARG A 103 -15.06 -39.23 19.87
N VAL A 104 -16.30 -38.78 19.73
CA VAL A 104 -16.78 -38.08 18.55
C VAL A 104 -16.99 -36.62 18.91
N SER A 105 -16.06 -35.76 18.49
CA SER A 105 -16.16 -34.32 18.74
C SER A 105 -16.71 -33.64 17.50
N ILE A 106 -17.85 -32.96 17.67
CA ILE A 106 -18.55 -32.27 16.59
C ILE A 106 -18.79 -30.83 17.03
N LEU A 107 -18.49 -29.87 16.14
CA LEU A 107 -18.85 -28.46 16.30
C LEU A 107 -19.81 -28.12 15.16
N LEU A 108 -20.87 -27.39 15.47
CA LEU A 108 -21.86 -27.03 14.47
C LEU A 108 -22.06 -25.52 14.46
N PHE A 109 -22.68 -25.05 13.39
CA PHE A 109 -23.00 -23.63 13.27
C PHE A 109 -24.43 -23.38 13.74
N LYS A 110 -24.61 -22.32 14.52
CA LYS A 110 -25.92 -21.92 15.02
C LYS A 110 -26.42 -20.74 14.21
N GLU A 111 -27.54 -20.93 13.52
CA GLU A 111 -28.11 -19.87 12.70
C GLU A 111 -28.57 -18.71 13.56
N VAL A 112 -28.45 -17.49 13.01
CA VAL A 112 -28.87 -16.30 13.74
C VAL A 112 -30.37 -16.34 14.00
N GLU A 113 -31.15 -16.74 12.99
CA GLU A 113 -32.59 -16.90 13.13
C GLU A 113 -32.98 -18.30 12.69
N LEU A 114 -34.05 -18.81 13.28
CA LEU A 114 -34.54 -20.14 12.94
C LEU A 114 -35.12 -20.22 11.54
N ALA A 115 -35.21 -19.09 10.83
CA ALA A 115 -35.67 -19.12 9.44
C ALA A 115 -34.75 -19.98 8.58
N LEU A 116 -33.44 -19.89 8.80
CA LEU A 116 -32.50 -20.80 8.16
C LEU A 116 -32.75 -22.20 8.68
N GLY A 117 -33.34 -23.06 7.85
CA GLY A 117 -33.83 -24.34 8.30
C GLY A 117 -32.78 -25.41 8.51
N ILE A 118 -31.69 -25.06 9.17
CA ILE A 118 -30.71 -26.08 9.54
C ILE A 118 -31.11 -26.78 10.84
N ASN A 119 -31.77 -26.06 11.75
CA ASN A 119 -32.22 -26.58 13.03
C ASN A 119 -31.06 -27.24 13.79
N SER A 120 -30.08 -26.42 14.12
CA SER A 120 -28.90 -26.92 14.81
C SER A 120 -29.25 -27.51 16.18
N GLY A 121 -30.32 -27.04 16.80
CA GLY A 121 -30.73 -27.59 18.08
C GLY A 121 -31.09 -29.06 18.01
N TYR A 122 -31.87 -29.43 17.00
CA TYR A 122 -32.25 -30.83 16.85
C TYR A 122 -31.04 -31.71 16.55
N SER A 123 -30.13 -31.23 15.69
CA SER A 123 -28.93 -31.99 15.41
C SER A 123 -28.12 -32.23 16.67
N LYS A 124 -27.93 -31.16 17.45
CA LYS A 124 -27.18 -31.27 18.71
C LYS A 124 -27.83 -32.27 19.64
N ARG A 125 -29.16 -32.17 19.82
CA ARG A 125 -29.85 -33.03 20.76
C ARG A 125 -29.79 -34.49 20.34
N ALA A 126 -30.04 -34.77 19.06
CA ALA A 126 -30.00 -36.16 18.59
C ALA A 126 -28.60 -36.75 18.74
N LEU A 127 -27.58 -36.01 18.28
CA LEU A 127 -26.21 -36.51 18.37
C LEU A 127 -25.80 -36.76 19.82
N MET A 128 -26.19 -35.86 20.73
CA MET A 128 -25.90 -36.08 22.14
C MET A 128 -26.63 -37.30 22.68
N LEU A 129 -27.89 -37.48 22.31
CA LEU A 129 -28.65 -38.61 22.80
C LEU A 129 -28.13 -39.93 22.26
N LEU A 130 -27.34 -39.91 21.19
CA LEU A 130 -26.78 -41.16 20.65
C LEU A 130 -25.90 -41.87 21.67
N HIS A 131 -24.90 -41.17 22.22
CA HIS A 131 -23.93 -41.80 23.12
C HIS A 131 -23.14 -40.74 23.89
N PRO A 132 -22.72 -41.02 25.12
CA PRO A 132 -21.92 -40.03 25.86
C PRO A 132 -20.63 -39.64 25.17
N ASN A 133 -19.99 -40.56 24.44
CA ASN A 133 -18.75 -40.24 23.75
C ASN A 133 -18.95 -39.26 22.60
N ILE A 134 -20.19 -38.98 22.21
CA ILE A 134 -20.47 -37.98 21.18
C ILE A 134 -20.68 -36.65 21.89
N LYS A 135 -19.68 -35.77 21.80
CA LYS A 135 -19.75 -34.43 22.36
C LYS A 135 -19.90 -33.45 21.20
N VAL A 136 -20.96 -32.65 21.24
CA VAL A 136 -21.32 -31.70 20.19
C VAL A 136 -21.38 -30.31 20.80
N MET A 137 -20.76 -29.34 20.14
CA MET A 137 -20.79 -27.95 20.56
C MET A 137 -21.22 -27.11 19.37
N ARG A 138 -21.82 -25.96 19.66
CA ARG A 138 -22.33 -25.08 18.61
C ARG A 138 -21.74 -23.68 18.76
N HIS A 139 -21.59 -22.99 17.63
CA HIS A 139 -20.99 -21.66 17.60
C HIS A 139 -21.43 -20.98 16.32
N PRO A 140 -21.63 -19.65 16.34
CA PRO A 140 -21.48 -18.71 17.45
C PRO A 140 -22.68 -18.63 18.39
N ASP A 141 -22.46 -18.06 19.57
CA ASP A 141 -23.53 -17.83 20.53
C ASP A 141 -24.03 -16.39 20.51
N GLN A 142 -23.14 -15.42 20.27
CA GLN A 142 -23.53 -14.03 20.20
C GLN A 142 -24.14 -13.71 18.83
N VAL A 143 -24.57 -12.47 18.66
CA VAL A 143 -25.22 -12.04 17.42
C VAL A 143 -24.17 -11.50 16.47
N THR A 144 -24.12 -12.07 15.27
CA THR A 144 -23.18 -11.63 14.25
C THR A 144 -23.74 -11.99 12.87
N LEU A 145 -23.21 -11.34 11.85
CA LEU A 145 -23.65 -11.59 10.47
C LEU A 145 -22.97 -12.80 9.84
N TRP A 146 -22.02 -13.44 10.53
CA TRP A 146 -21.14 -14.41 9.91
C TRP A 146 -21.37 -15.80 10.46
N ALA A 147 -20.90 -16.80 9.70
CA ALA A 147 -21.21 -18.19 9.98
C ALA A 147 -19.97 -19.08 9.94
N HIS A 148 -20.15 -20.39 10.08
CA HIS A 148 -19.09 -21.38 9.92
C HIS A 148 -19.48 -22.27 8.75
N HIS A 149 -18.90 -22.01 7.58
CA HIS A 149 -19.24 -22.72 6.35
C HIS A 149 -18.33 -23.91 6.07
N GLU A 150 -17.40 -24.20 6.97
CA GLU A 150 -16.42 -25.26 6.71
C GLU A 150 -17.09 -26.63 6.79
N LYS A 151 -16.65 -27.53 5.91
CA LYS A 151 -17.05 -28.93 5.93
C LYS A 151 -15.80 -29.78 6.08
N LEU A 152 -15.71 -30.52 7.19
CA LEU A 152 -14.51 -31.28 7.51
C LEU A 152 -14.89 -32.52 8.30
N LEU A 153 -14.23 -33.64 7.99
CA LEU A 153 -14.40 -34.86 8.77
C LEU A 153 -13.04 -35.54 8.86
N VAL A 154 -12.47 -35.59 10.06
CA VAL A 154 -11.13 -36.12 10.29
C VAL A 154 -11.27 -37.41 11.11
N VAL A 155 -10.57 -38.45 10.66
CA VAL A 155 -10.57 -39.76 11.32
C VAL A 155 -9.15 -40.02 11.81
N ASP A 156 -9.04 -40.25 13.12
CA ASP A 156 -7.78 -40.57 13.81
C ASP A 156 -6.69 -39.54 13.53
N GLN A 157 -7.08 -38.34 13.12
CA GLN A 157 -6.14 -37.29 12.70
C GLN A 157 -5.23 -37.77 11.58
N VAL A 158 -5.70 -38.73 10.78
CA VAL A 158 -4.89 -39.30 9.71
C VAL A 158 -5.62 -39.20 8.37
N VAL A 159 -6.95 -39.20 8.40
CA VAL A 159 -7.74 -39.18 7.16
C VAL A 159 -8.73 -38.03 7.22
N ALA A 160 -8.59 -37.05 6.33
CA ALA A 160 -9.43 -35.86 6.36
C ALA A 160 -10.21 -35.71 5.07
N PHE A 161 -11.54 -35.69 5.17
CA PHE A 161 -12.42 -35.36 4.07
C PHE A 161 -12.83 -33.91 4.19
N LEU A 162 -12.73 -33.16 3.08
CA LEU A 162 -13.18 -31.78 3.08
C LEU A 162 -13.76 -31.46 1.70
N GLY A 163 -14.29 -30.25 1.58
CA GLY A 163 -14.93 -29.79 0.37
C GLY A 163 -16.16 -28.99 0.71
N GLY A 164 -17.08 -28.91 -0.25
CA GLY A 164 -18.33 -28.22 -0.06
C GLY A 164 -19.50 -29.08 0.36
N LEU A 165 -19.25 -30.36 0.66
CA LEU A 165 -20.31 -31.32 0.93
C LEU A 165 -20.53 -31.46 2.43
N ASP A 166 -21.66 -30.94 2.91
CA ASP A 166 -22.11 -31.24 4.25
C ASP A 166 -22.77 -32.62 4.29
N LEU A 167 -22.90 -33.15 5.50
CA LEU A 167 -23.68 -34.38 5.71
C LEU A 167 -25.14 -34.01 5.95
N ALA A 168 -25.73 -33.41 4.93
CA ALA A 168 -27.06 -32.82 5.02
C ALA A 168 -27.94 -33.37 3.91
N TYR A 169 -29.23 -33.07 4.02
CA TYR A 169 -30.21 -33.53 3.05
C TYR A 169 -29.98 -32.92 1.69
N GLY A 170 -30.23 -33.72 0.65
CA GLY A 170 -30.18 -33.24 -0.71
C GLY A 170 -28.79 -33.15 -1.31
N ARG A 171 -27.73 -33.34 -0.51
CA ARG A 171 -26.38 -33.25 -1.06
C ARG A 171 -26.02 -34.49 -1.86
N TRP A 172 -26.56 -35.65 -1.48
CA TRP A 172 -26.25 -36.89 -2.18
C TRP A 172 -26.80 -36.85 -3.60
N ASP A 173 -25.96 -37.23 -4.56
CA ASP A 173 -26.35 -37.29 -5.97
C ASP A 173 -25.27 -38.05 -6.71
N ASP A 174 -25.49 -38.27 -8.01
CA ASP A 174 -24.55 -39.00 -8.85
C ASP A 174 -24.55 -38.38 -10.24
N LEU A 175 -23.85 -39.03 -11.18
CA LEU A 175 -23.76 -38.51 -12.54
C LEU A 175 -25.10 -38.48 -13.24
N HIS A 176 -26.07 -39.28 -12.78
CA HIS A 176 -27.38 -39.31 -13.42
C HIS A 176 -28.17 -38.04 -13.15
N TYR A 177 -27.97 -37.42 -11.99
CA TYR A 177 -28.69 -36.21 -11.60
C TYR A 177 -30.21 -36.40 -11.76
N ARG A 178 -30.72 -37.45 -11.13
CA ARG A 178 -32.11 -37.84 -11.31
C ARG A 178 -33.06 -36.79 -10.76
N LEU A 179 -34.11 -36.50 -11.53
CA LEU A 179 -35.15 -35.58 -11.12
C LEU A 179 -36.35 -36.27 -10.48
N THR A 180 -36.38 -37.60 -10.50
CA THR A 180 -37.53 -38.36 -10.03
C THR A 180 -37.08 -39.46 -9.08
N ASP A 181 -37.92 -39.75 -8.09
CA ASP A 181 -37.72 -40.89 -7.20
C ASP A 181 -39.12 -41.37 -6.80
N LEU A 182 -39.65 -42.35 -7.55
CA LEU A 182 -41.00 -42.83 -7.34
C LEU A 182 -41.09 -44.32 -7.04
N GLY A 183 -40.09 -45.11 -7.42
CA GLY A 183 -40.12 -46.54 -7.16
C GLY A 183 -40.46 -47.37 -8.39
N LEU A 206 -37.59 -51.76 5.43
CA LEU A 206 -36.81 -50.93 4.54
C LEU A 206 -35.89 -51.78 3.67
N SER A 207 -35.96 -53.10 3.87
CA SER A 207 -35.07 -54.02 3.17
C SER A 207 -35.30 -54.04 1.67
N HIS A 208 -36.48 -53.60 1.21
CA HIS A 208 -36.81 -53.58 -0.21
C HIS A 208 -37.16 -52.17 -0.67
N ASN A 209 -36.41 -51.19 -0.18
CA ASN A 209 -36.64 -49.78 -0.50
C ASN A 209 -35.85 -49.41 -1.75
N GLN A 210 -36.54 -48.92 -2.77
CA GLN A 210 -35.91 -48.49 -4.01
C GLN A 210 -35.68 -46.99 -4.06
N PHE A 211 -35.99 -46.26 -3.00
CA PHE A 211 -35.83 -44.81 -2.99
C PHE A 211 -34.38 -44.44 -2.69
N PHE A 212 -33.80 -43.62 -3.57
CA PHE A 212 -32.45 -43.10 -3.31
C PHE A 212 -32.48 -41.92 -2.35
N TRP A 213 -33.59 -41.18 -2.31
CA TRP A 213 -33.77 -40.04 -1.41
C TRP A 213 -35.05 -40.27 -0.61
N LEU A 214 -34.90 -40.47 0.70
CA LEU A 214 -36.02 -40.79 1.59
C LEU A 214 -36.44 -39.55 2.36
N GLY A 215 -37.74 -39.28 2.35
CA GLY A 215 -38.32 -38.19 3.13
C GLY A 215 -37.74 -36.82 2.82
N LYS A 216 -37.08 -36.23 3.81
CA LYS A 216 -36.53 -34.89 3.66
C LYS A 216 -35.37 -34.85 2.68
N ASP A 217 -34.79 -35.99 2.33
CA ASP A 217 -33.67 -36.00 1.39
C ASP A 217 -34.14 -35.61 -0.02
N TYR A 218 -35.33 -36.05 -0.41
CA TYR A 218 -35.92 -35.66 -1.68
C TYR A 218 -36.46 -34.24 -1.54
N SER A 219 -35.88 -33.30 -2.27
CA SER A 219 -36.25 -31.90 -2.10
C SER A 219 -35.91 -31.10 -3.35
N ASN A 220 -36.77 -30.14 -3.67
CA ASN A 220 -36.46 -29.08 -4.64
C ASN A 220 -36.29 -27.81 -3.84
N LEU A 221 -35.04 -27.36 -3.69
CA LEU A 221 -34.73 -26.30 -2.73
C LEU A 221 -35.42 -24.98 -3.12
N ILE A 222 -35.38 -24.63 -4.40
CA ILE A 222 -35.96 -23.36 -4.83
C ILE A 222 -37.48 -23.41 -4.75
N THR A 223 -38.08 -24.58 -5.00
CA THR A 223 -39.53 -24.69 -4.90
C THR A 223 -40.01 -24.55 -3.47
N LYS A 224 -39.40 -25.30 -2.55
CA LYS A 224 -39.83 -25.31 -1.15
C LYS A 224 -38.66 -25.71 -0.27
N ASP A 225 -38.48 -24.97 0.83
CA ASP A 225 -37.40 -25.24 1.75
C ASP A 225 -37.81 -26.34 2.75
N TRP A 226 -36.82 -26.84 3.49
CA TRP A 226 -37.07 -27.88 4.46
C TRP A 226 -37.94 -27.36 5.61
N VAL A 227 -38.86 -28.20 6.07
CA VAL A 227 -39.72 -27.90 7.21
C VAL A 227 -39.79 -29.12 8.11
N GLN A 228 -39.81 -28.88 9.41
CA GLN A 228 -40.00 -29.94 10.42
C GLN A 228 -38.94 -31.03 10.29
N LEU A 229 -37.69 -30.64 10.53
CA LEU A 229 -36.58 -31.59 10.41
C LEU A 229 -36.61 -32.67 11.49
N ASP A 230 -37.35 -32.45 12.59
CA ASP A 230 -37.42 -33.44 13.65
C ASP A 230 -38.11 -34.73 13.19
N ARG A 231 -38.86 -34.70 12.09
CA ARG A 231 -39.47 -35.90 11.52
C ARG A 231 -38.75 -36.24 10.24
N PRO A 232 -37.69 -37.05 10.28
CA PRO A 232 -36.89 -37.23 9.06
C PRO A 232 -37.60 -37.99 7.97
N PHE A 233 -38.21 -39.12 8.30
CA PHE A 233 -38.80 -40.04 7.34
C PHE A 233 -40.26 -39.66 7.06
N GLU A 234 -40.39 -38.52 6.38
CA GLU A 234 -41.70 -37.97 6.00
C GLU A 234 -41.48 -36.95 4.90
N ASP A 235 -42.18 -37.12 3.80
CA ASP A 235 -42.02 -36.25 2.65
C ASP A 235 -42.76 -34.94 2.87
N PHE A 236 -42.12 -33.84 2.50
CA PHE A 236 -42.71 -32.51 2.56
C PHE A 236 -43.04 -31.94 1.20
N ILE A 237 -42.69 -32.65 0.12
CA ILE A 237 -43.13 -32.32 -1.22
C ILE A 237 -43.61 -33.61 -1.88
N ASP A 238 -44.45 -33.45 -2.91
CA ASP A 238 -45.04 -34.59 -3.61
C ASP A 238 -44.08 -35.08 -4.69
N ARG A 239 -43.62 -36.33 -4.55
CA ARG A 239 -42.72 -36.90 -5.54
C ARG A 239 -43.40 -37.05 -6.90
N GLU A 240 -44.72 -37.25 -6.89
CA GLU A 240 -45.46 -37.47 -8.14
C GLU A 240 -45.63 -36.20 -8.96
N THR A 241 -45.43 -35.03 -8.37
CA THR A 241 -45.66 -33.76 -9.06
C THR A 241 -44.44 -32.86 -9.11
N THR A 242 -43.67 -32.79 -8.02
CA THR A 242 -42.56 -31.84 -7.94
C THR A 242 -41.23 -32.56 -8.14
N PRO A 243 -40.47 -32.25 -9.19
CA PRO A 243 -39.18 -32.91 -9.39
C PRO A 243 -38.15 -32.42 -8.38
N ARG A 244 -37.12 -33.25 -8.20
CA ARG A 244 -36.03 -32.94 -7.29
C ARG A 244 -35.04 -31.98 -7.94
N MET A 245 -34.21 -31.36 -7.12
CA MET A 245 -33.17 -30.45 -7.61
C MET A 245 -31.83 -31.15 -7.54
N PRO A 246 -31.18 -31.42 -8.68
CA PRO A 246 -29.89 -32.12 -8.65
C PRO A 246 -28.82 -31.33 -7.90
N TRP A 247 -27.92 -32.06 -7.24
CA TRP A 247 -26.86 -31.49 -6.43
C TRP A 247 -25.51 -31.87 -7.01
N ARG A 248 -24.65 -30.87 -7.24
CA ARG A 248 -23.31 -31.11 -7.73
C ARG A 248 -22.32 -30.43 -6.80
N ASP A 249 -21.37 -31.20 -6.29
CA ASP A 249 -20.34 -30.66 -5.42
C ASP A 249 -19.09 -31.53 -5.53
N VAL A 250 -17.96 -30.94 -5.19
CA VAL A 250 -16.65 -31.60 -5.31
C VAL A 250 -15.97 -31.61 -3.94
N GLY A 251 -15.52 -32.79 -3.53
CA GLY A 251 -14.77 -32.92 -2.29
C GLY A 251 -13.46 -33.65 -2.54
N VAL A 252 -12.71 -33.83 -1.45
CA VAL A 252 -11.41 -34.47 -1.54
C VAL A 252 -11.04 -35.06 -0.19
N VAL A 253 -10.36 -36.21 -0.22
CA VAL A 253 -9.82 -36.85 0.96
C VAL A 253 -8.30 -36.76 0.91
N VAL A 254 -7.69 -36.38 2.03
CA VAL A 254 -6.25 -36.26 2.17
C VAL A 254 -5.78 -37.17 3.30
N HIS A 255 -4.64 -37.81 3.09
CA HIS A 255 -4.07 -38.74 4.05
C HIS A 255 -2.71 -38.25 4.52
N GLY A 256 -2.47 -38.31 5.82
CA GLY A 256 -1.18 -37.97 6.37
C GLY A 256 -1.09 -36.62 7.04
N LEU A 257 -0.02 -35.89 6.76
CA LEU A 257 0.21 -34.61 7.42
C LEU A 257 -0.86 -33.55 7.15
N PRO A 258 -1.37 -33.37 5.92
CA PRO A 258 -2.46 -32.40 5.75
C PRO A 258 -3.69 -32.72 6.58
N ALA A 259 -4.00 -34.00 6.75
CA ALA A 259 -5.08 -34.38 7.66
C ALA A 259 -4.75 -33.97 9.09
N ARG A 260 -3.49 -34.11 9.49
CA ARG A 260 -3.08 -33.66 10.82
C ARG A 260 -3.24 -32.15 10.97
N ASP A 261 -2.95 -31.38 9.91
CA ASP A 261 -3.11 -29.94 9.97
C ASP A 261 -4.58 -29.54 10.05
N LEU A 262 -5.44 -30.24 9.31
CA LEU A 262 -6.88 -30.01 9.43
C LEU A 262 -7.37 -30.36 10.84
N ALA A 263 -6.83 -31.43 11.41
CA ALA A 263 -7.14 -31.77 12.80
C ALA A 263 -6.66 -30.69 13.75
N ARG A 264 -5.51 -30.08 13.46
CA ARG A 264 -5.03 -28.97 14.28
C ARG A 264 -5.98 -27.78 14.19
N HIS A 265 -6.49 -27.49 12.99
CA HIS A 265 -7.48 -26.43 12.85
C HIS A 265 -8.73 -26.73 13.66
N PHE A 266 -9.22 -27.98 13.58
CA PHE A 266 -10.38 -28.37 14.37
C PHE A 266 -10.10 -28.24 15.86
N ILE A 267 -8.90 -28.63 16.30
CA ILE A 267 -8.53 -28.55 17.70
C ILE A 267 -8.49 -27.10 18.17
N GLN A 268 -7.93 -26.21 17.35
CA GLN A 268 -7.90 -24.80 17.70
C GLN A 268 -9.31 -24.25 17.83
N ARG A 269 -10.20 -24.60 16.89
CA ARG A 269 -11.59 -24.14 16.99
C ARG A 269 -12.26 -24.70 18.23
N TRP A 270 -12.02 -25.99 18.53
CA TRP A 270 -12.65 -26.62 19.68
C TRP A 270 -12.21 -25.97 20.98
N ASN A 271 -10.90 -25.71 21.12
CA ASN A 271 -10.40 -25.09 22.34
C ASN A 271 -10.80 -23.62 22.44
N PHE A 272 -10.93 -22.93 21.30
CA PHE A 272 -11.40 -21.55 21.32
C PHE A 272 -12.85 -21.49 21.76
N THR A 273 -13.70 -22.37 21.21
CA THR A 273 -15.11 -22.38 21.59
C THR A 273 -15.30 -22.87 23.02
N LYS A 274 -14.42 -23.76 23.49
CA LYS A 274 -14.49 -24.21 24.88
C LYS A 274 -14.27 -23.05 25.83
N THR A 275 -13.28 -22.20 25.56
CA THR A 275 -13.06 -20.98 26.32
C THR A 275 -13.84 -19.82 25.73
N THR A 276 -15.11 -20.07 25.41
CA THR A 276 -15.99 -19.01 24.95
C THR A 276 -17.39 -19.10 25.55
N LYS A 277 -17.66 -20.03 26.46
CA LYS A 277 -18.99 -20.21 27.03
C LYS A 277 -18.86 -20.78 28.43
N ALA A 278 -20.00 -20.94 29.11
CA ALA A 278 -20.02 -21.45 30.47
C ALA A 278 -20.29 -22.96 30.53
N LYS A 279 -21.31 -23.44 29.82
CA LYS A 279 -21.60 -24.87 29.83
C LYS A 279 -20.54 -25.66 29.08
N TYR A 280 -19.88 -25.06 28.10
CA TYR A 280 -18.83 -25.74 27.35
C TYR A 280 -17.51 -25.80 28.09
N LYS A 281 -17.34 -25.02 29.16
CA LYS A 281 -16.09 -25.00 29.91
C LYS A 281 -15.97 -26.16 30.89
N THR A 282 -17.03 -26.93 31.10
CA THR A 282 -16.99 -28.06 32.00
C THR A 282 -16.14 -29.18 31.40
N PRO A 283 -15.58 -30.06 32.24
CA PRO A 283 -14.81 -31.20 31.71
C PRO A 283 -15.66 -32.19 30.91
N THR A 284 -16.96 -31.95 30.84
CA THR A 284 -17.83 -32.76 29.99
C THR A 284 -17.48 -32.59 28.51
N TYR A 285 -16.74 -31.55 28.17
CA TYR A 285 -16.20 -31.33 26.83
C TYR A 285 -14.69 -31.20 26.97
N PRO A 286 -13.97 -32.33 27.02
CA PRO A 286 -12.54 -32.28 27.32
C PRO A 286 -11.74 -31.58 26.22
N TYR A 287 -10.58 -31.05 26.62
CA TYR A 287 -9.67 -30.44 25.67
C TYR A 287 -9.16 -31.48 24.68
N LEU A 288 -8.92 -31.02 23.45
CA LEU A 288 -8.35 -31.85 22.40
C LEU A 288 -6.95 -31.34 22.05
N LEU A 289 -6.04 -32.28 21.77
CA LEU A 289 -4.66 -31.94 21.50
C LEU A 289 -4.18 -32.66 20.25
N PRO A 290 -3.27 -32.06 19.49
CA PRO A 290 -2.80 -32.67 18.25
C PRO A 290 -1.76 -33.76 18.51
N LYS A 291 -1.38 -34.43 17.43
CA LYS A 291 -0.37 -35.48 17.46
C LYS A 291 0.19 -35.65 16.07
N SER A 292 1.50 -35.85 15.99
CA SER A 292 2.22 -35.97 14.71
C SER A 292 3.05 -37.24 14.69
N THR A 293 2.44 -38.36 15.08
CA THR A 293 3.12 -39.65 15.13
C THR A 293 3.25 -40.21 13.70
N SER A 294 4.15 -39.60 12.94
CA SER A 294 4.40 -40.03 11.57
C SER A 294 5.78 -39.56 11.11
N LEU A 303 -7.02 -46.54 3.85
CA LEU A 303 -6.67 -45.58 2.82
C LEU A 303 -7.23 -45.99 1.46
N PRO A 304 -8.24 -45.27 0.98
CA PRO A 304 -8.75 -45.53 -0.37
C PRO A 304 -7.70 -45.20 -1.42
N GLY A 305 -7.77 -45.90 -2.55
CA GLY A 305 -6.84 -45.67 -3.64
C GLY A 305 -6.93 -44.27 -4.20
N GLY A 306 -5.84 -43.52 -4.13
CA GLY A 306 -5.79 -42.14 -4.57
C GLY A 306 -4.56 -41.87 -5.41
N GLN A 307 -4.09 -40.63 -5.33
CA GLN A 307 -2.95 -40.17 -6.11
C GLN A 307 -1.96 -39.46 -5.20
N CYS A 308 -0.67 -39.56 -5.56
CA CYS A 308 0.40 -38.92 -4.80
C CYS A 308 0.62 -37.51 -5.33
N THR A 309 0.37 -36.51 -4.49
CA THR A 309 0.48 -35.11 -4.86
C THR A 309 1.17 -34.36 -3.72
N THR A 310 1.18 -33.04 -3.82
CA THR A 310 1.61 -32.16 -2.74
C THR A 310 0.43 -31.30 -2.33
N VAL A 311 -0.02 -31.45 -1.09
CA VAL A 311 -1.24 -30.82 -0.61
C VAL A 311 -0.90 -29.85 0.51
N GLN A 312 -1.38 -28.62 0.40
CA GLN A 312 -1.23 -27.60 1.42
C GLN A 312 -2.62 -27.17 1.90
N VAL A 313 -2.80 -27.13 3.21
CA VAL A 313 -4.09 -26.80 3.81
C VAL A 313 -4.19 -25.28 3.93
N LEU A 314 -5.34 -24.73 3.53
CA LEU A 314 -5.60 -23.30 3.58
C LEU A 314 -6.92 -23.07 4.30
N ARG A 315 -7.03 -21.91 4.95
CA ARG A 315 -8.23 -21.62 5.72
C ARG A 315 -8.48 -20.12 5.76
N SER A 316 -9.72 -19.78 6.09
CA SER A 316 -10.15 -18.40 6.31
C SER A 316 -10.76 -18.34 7.71
N VAL A 317 -10.02 -17.78 8.66
CA VAL A 317 -10.45 -17.70 10.05
C VAL A 317 -10.23 -16.28 10.56
N ASP A 318 -10.99 -15.93 11.60
CA ASP A 318 -10.90 -14.62 12.24
C ASP A 318 -10.95 -14.82 13.74
N ARG A 319 -10.82 -13.71 14.49
CA ARG A 319 -10.83 -13.76 15.94
C ARG A 319 -12.15 -14.22 16.51
N TRP A 320 -13.25 -14.09 15.76
CA TRP A 320 -14.55 -14.54 16.25
C TRP A 320 -14.74 -16.03 16.05
N SER A 321 -14.21 -16.58 14.96
CA SER A 321 -14.37 -18.00 14.64
C SER A 321 -13.26 -18.83 15.25
N ALA A 322 -12.02 -18.39 15.09
CA ALA A 322 -10.85 -19.04 15.67
C ALA A 322 -10.09 -18.05 16.55
N GLY A 323 -8.92 -18.45 17.01
CA GLY A 323 -8.10 -17.57 17.83
C GLY A 323 -7.21 -16.60 17.09
N THR A 324 -7.10 -16.74 15.77
CA THR A 324 -6.19 -15.92 14.98
C THR A 324 -6.89 -15.46 13.72
N LEU A 325 -6.18 -14.66 12.92
CA LEU A 325 -6.69 -14.12 11.67
C LEU A 325 -5.86 -14.70 10.52
N GLU A 326 -6.54 -15.30 9.55
CA GLU A 326 -5.86 -15.90 8.40
C GLU A 326 -6.79 -15.85 7.19
N ASN A 327 -6.21 -15.55 6.02
CA ASN A 327 -6.95 -15.50 4.77
C ASN A 327 -6.14 -16.17 3.67
N SER A 328 -5.61 -17.36 3.98
CA SER A 328 -4.72 -18.05 3.04
C SER A 328 -5.45 -18.48 1.77
N ILE A 329 -6.77 -18.67 1.84
CA ILE A 329 -7.52 -19.10 0.66
C ILE A 329 -7.46 -18.04 -0.42
N LEU A 330 -7.66 -16.77 -0.05
CA LEU A 330 -7.62 -15.69 -1.03
C LEU A 330 -6.23 -15.57 -1.66
N ASN A 331 -5.18 -15.67 -0.85
CA ASN A 331 -3.82 -15.60 -1.39
C ASN A 331 -3.54 -16.75 -2.34
N ALA A 332 -3.98 -17.96 -1.98
CA ALA A 332 -3.79 -19.11 -2.85
C ALA A 332 -4.53 -18.94 -4.17
N TYR A 333 -5.78 -18.46 -4.11
CA TYR A 333 -6.54 -18.24 -5.33
C TYR A 333 -5.86 -17.21 -6.23
N LEU A 334 -5.43 -16.08 -5.64
CA LEU A 334 -4.81 -15.03 -6.44
C LEU A 334 -3.49 -15.51 -7.04
N HIS A 335 -2.68 -16.25 -6.27
CA HIS A 335 -1.42 -16.75 -6.80
C HIS A 335 -1.65 -17.76 -7.91
N THR A 336 -2.64 -18.65 -7.74
CA THR A 336 -2.91 -19.64 -8.77
C THR A 336 -3.41 -18.98 -10.06
N ILE A 337 -4.25 -17.96 -9.93
CA ILE A 337 -4.74 -17.26 -11.12
C ILE A 337 -3.61 -16.50 -11.79
N ARG A 338 -2.81 -15.78 -11.00
CA ARG A 338 -1.73 -14.97 -11.56
C ARG A 338 -0.67 -15.83 -12.23
N GLU A 339 -0.33 -16.97 -11.63
CA GLU A 339 0.69 -17.86 -12.18
C GLU A 339 0.13 -18.85 -13.20
N SER A 340 -1.18 -18.85 -13.43
CA SER A 340 -1.76 -19.72 -14.45
C SER A 340 -1.25 -19.31 -15.83
N GLN A 341 -1.02 -20.30 -16.68
CA GLN A 341 -0.44 -20.06 -18.00
C GLN A 341 -1.31 -20.49 -19.15
N HIS A 342 -2.20 -21.47 -18.97
CA HIS A 342 -2.97 -22.01 -20.09
C HIS A 342 -4.47 -21.85 -19.92
N PHE A 343 -5.03 -22.25 -18.77
CA PHE A 343 -6.47 -22.14 -18.60
C PHE A 343 -6.83 -22.12 -17.13
N LEU A 344 -8.07 -21.73 -16.85
CA LEU A 344 -8.61 -21.68 -15.49
C LEU A 344 -10.04 -22.21 -15.54
N TYR A 345 -10.27 -23.39 -14.99
CA TYR A 345 -11.59 -23.98 -14.87
C TYR A 345 -12.11 -23.69 -13.47
N ILE A 346 -13.10 -22.81 -13.37
CA ILE A 346 -13.67 -22.39 -12.09
C ILE A 346 -15.08 -22.94 -11.98
N GLU A 347 -15.36 -23.63 -10.88
CA GLU A 347 -16.69 -24.17 -10.59
C GLU A 347 -17.01 -23.79 -9.15
N ASN A 348 -17.83 -22.76 -8.98
CA ASN A 348 -18.10 -22.19 -7.66
C ASN A 348 -19.57 -21.83 -7.53
N GLN A 349 -20.08 -21.91 -6.30
CA GLN A 349 -21.48 -21.61 -6.04
C GLN A 349 -21.79 -20.13 -6.26
N PHE A 350 -20.91 -19.25 -5.77
CA PHE A 350 -21.11 -17.81 -5.87
C PHE A 350 -19.90 -17.17 -6.53
N PHE A 351 -20.14 -16.20 -7.41
CA PHE A 351 -19.08 -15.45 -8.08
C PHE A 351 -19.33 -13.97 -7.82
N ILE A 352 -18.82 -13.48 -6.70
CA ILE A 352 -18.97 -12.09 -6.30
C ILE A 352 -17.56 -11.53 -6.08
N SER A 353 -17.11 -10.72 -7.03
CA SER A 353 -15.73 -10.26 -7.08
C SER A 353 -15.72 -8.87 -7.73
N CYS A 354 -14.56 -8.47 -8.26
CA CYS A 354 -14.41 -7.21 -9.00
C CYS A 354 -14.71 -6.01 -8.11
N SER A 355 -13.85 -5.83 -7.11
CA SER A 355 -13.88 -4.67 -6.23
C SER A 355 -13.91 -3.36 -7.02
N THR A 359 -18.41 -1.95 -2.49
CA THR A 359 -19.22 -2.96 -1.79
C THR A 359 -18.49 -4.30 -1.73
N VAL A 360 -17.82 -4.66 -2.83
CA VAL A 360 -17.07 -5.91 -2.92
C VAL A 360 -15.59 -5.60 -2.73
N LEU A 361 -14.88 -6.48 -2.02
CA LEU A 361 -13.49 -6.24 -1.65
C LEU A 361 -12.51 -7.26 -2.22
N ASN A 362 -12.91 -8.52 -2.39
CA ASN A 362 -12.00 -9.52 -2.92
C ASN A 362 -11.67 -9.23 -4.38
N LYS A 363 -10.45 -9.62 -4.78
CA LYS A 363 -9.94 -9.28 -6.10
C LYS A 363 -9.62 -10.51 -6.94
N VAL A 364 -10.51 -11.51 -6.91
CA VAL A 364 -10.36 -12.65 -7.81
C VAL A 364 -10.67 -12.24 -9.24
N GLY A 365 -11.76 -11.49 -9.45
CA GLY A 365 -12.12 -11.07 -10.79
C GLY A 365 -11.10 -10.13 -11.40
N ASP A 366 -10.51 -9.25 -10.59
CA ASP A 366 -9.49 -8.35 -11.10
C ASP A 366 -8.28 -9.14 -11.62
N GLU A 367 -7.84 -10.15 -10.87
CA GLU A 367 -6.72 -10.95 -11.35
C GLU A 367 -7.09 -11.75 -12.58
N ILE A 368 -8.33 -12.24 -12.66
CA ILE A 368 -8.78 -12.96 -13.86
C ILE A 368 -8.72 -12.03 -15.07
N VAL A 369 -9.21 -10.80 -14.91
CA VAL A 369 -9.19 -9.83 -15.99
C VAL A 369 -7.75 -9.51 -16.40
N ASP A 370 -6.87 -9.32 -15.42
CA ASP A 370 -5.48 -9.00 -15.73
C ASP A 370 -4.81 -10.14 -16.48
N ARG A 371 -5.06 -11.38 -16.07
CA ARG A 371 -4.46 -12.52 -16.75
C ARG A 371 -4.99 -12.64 -18.18
N ILE A 372 -6.30 -12.43 -18.38
CA ILE A 372 -6.86 -12.49 -19.71
C ILE A 372 -6.27 -11.40 -20.60
N LEU A 373 -6.13 -10.18 -20.06
CA LEU A 373 -5.57 -9.09 -20.83
C LEU A 373 -4.10 -9.33 -21.17
N LYS A 374 -3.34 -9.89 -20.23
CA LYS A 374 -1.94 -10.20 -20.51
C LYS A 374 -1.82 -11.29 -21.57
N ALA A 375 -2.70 -12.30 -21.51
CA ALA A 375 -2.71 -13.32 -22.55
C ALA A 375 -3.05 -12.73 -23.91
N HIS A 376 -4.01 -11.81 -23.96
CA HIS A 376 -4.38 -11.18 -25.21
C HIS A 376 -3.23 -10.34 -25.77
N LYS A 377 -2.60 -9.53 -24.92
CA LYS A 377 -1.51 -8.68 -25.38
C LYS A 377 -0.31 -9.50 -25.82
N GLN A 378 0.02 -10.56 -25.08
CA GLN A 378 1.12 -11.44 -25.45
C GLN A 378 0.75 -12.39 -26.59
N GLY A 379 -0.52 -12.48 -26.94
CA GLY A 379 -0.95 -13.33 -28.03
C GLY A 379 -0.79 -14.81 -27.77
N TRP A 380 -1.13 -15.27 -26.58
CA TRP A 380 -1.09 -16.69 -26.24
C TRP A 380 -2.49 -17.22 -26.04
N CYS A 381 -2.67 -18.51 -26.33
CA CYS A 381 -3.97 -19.14 -26.16
C CYS A 381 -4.28 -19.29 -24.67
N TYR A 382 -5.49 -18.92 -24.29
CA TYR A 382 -5.87 -18.90 -22.88
C TYR A 382 -7.39 -18.90 -22.79
N ARG A 383 -7.93 -19.86 -22.04
CA ARG A 383 -9.38 -20.01 -21.87
C ARG A 383 -9.73 -19.99 -20.39
N VAL A 384 -10.83 -19.35 -20.06
CA VAL A 384 -11.34 -19.30 -18.69
C VAL A 384 -12.74 -19.87 -18.69
N TYR A 385 -12.93 -21.00 -18.01
CA TYR A 385 -14.23 -21.65 -17.89
C TYR A 385 -14.80 -21.35 -16.52
N VAL A 386 -15.99 -20.75 -16.49
CA VAL A 386 -16.68 -20.43 -15.25
C VAL A 386 -18.03 -21.13 -15.27
N LEU A 387 -18.31 -21.89 -14.21
CA LEU A 387 -19.58 -22.58 -14.07
C LEU A 387 -20.23 -22.14 -12.78
N LEU A 388 -21.40 -21.51 -12.89
CA LEU A 388 -22.17 -21.04 -11.75
C LEU A 388 -23.57 -21.62 -11.84
N PRO A 389 -24.21 -21.86 -10.70
CA PRO A 389 -25.61 -22.29 -10.73
C PRO A 389 -26.49 -21.18 -11.31
N LEU A 390 -27.63 -21.57 -11.88
CA LEU A 390 -28.45 -20.60 -12.60
C LEU A 390 -29.23 -19.70 -11.64
N LEU A 391 -29.63 -20.21 -10.48
CA LEU A 391 -30.32 -19.42 -9.47
C LEU A 391 -29.71 -19.70 -8.11
N PRO A 392 -29.68 -18.72 -7.21
CA PRO A 392 -29.11 -18.97 -5.88
C PRO A 392 -29.93 -20.00 -5.10
N GLY A 393 -29.26 -20.62 -4.13
CA GLY A 393 -29.88 -21.66 -3.35
C GLY A 393 -30.83 -21.14 -2.29
N PHE A 394 -31.98 -20.61 -2.72
CA PHE A 394 -33.00 -20.12 -1.80
C PHE A 394 -34.38 -20.40 -2.37
N GLU A 395 -35.36 -20.54 -1.49
CA GLU A 395 -36.73 -20.73 -1.91
C GLU A 395 -37.29 -19.40 -2.41
N GLY A 396 -37.95 -19.45 -3.58
CA GLY A 396 -38.53 -18.25 -4.15
C GLY A 396 -39.08 -18.49 -5.54
N ASP A 397 -40.05 -17.67 -5.95
CA ASP A 397 -40.69 -17.80 -7.26
C ASP A 397 -39.92 -16.93 -8.26
N ILE A 398 -39.23 -17.57 -9.19
CA ILE A 398 -38.51 -16.84 -10.23
C ILE A 398 -39.47 -16.18 -11.20
N SER A 399 -40.69 -16.69 -11.32
CA SER A 399 -41.69 -16.07 -12.20
C SER A 399 -42.02 -14.66 -11.73
N THR A 400 -42.13 -14.46 -10.42
CA THR A 400 -42.34 -13.13 -9.85
C THR A 400 -41.08 -12.28 -9.84
N GLY A 401 -39.95 -12.83 -10.30
CA GLY A 401 -38.69 -12.14 -10.28
C GLY A 401 -37.73 -12.57 -9.19
N GLY A 402 -38.07 -13.61 -8.44
CA GLY A 402 -37.22 -14.06 -7.36
C GLY A 402 -37.57 -13.43 -6.02
N GLY A 403 -36.78 -13.77 -5.02
CA GLY A 403 -36.92 -13.25 -3.68
C GLY A 403 -36.04 -12.05 -3.43
N ASN A 404 -35.65 -11.87 -2.17
CA ASN A 404 -34.77 -10.77 -1.79
C ASN A 404 -33.30 -11.20 -1.82
N SER A 405 -32.98 -12.33 -1.18
CA SER A 405 -31.61 -12.84 -1.24
C SER A 405 -31.24 -13.26 -2.65
N ILE A 406 -32.17 -13.89 -3.38
CA ILE A 406 -31.89 -14.29 -4.75
C ILE A 406 -31.62 -13.07 -5.62
N GLN A 407 -32.45 -12.03 -5.48
CA GLN A 407 -32.25 -10.83 -6.27
C GLN A 407 -30.91 -10.16 -5.94
N ALA A 408 -30.56 -10.09 -4.66
CA ALA A 408 -29.29 -9.47 -4.28
C ALA A 408 -28.10 -10.26 -4.81
N ILE A 409 -28.14 -11.58 -4.69
CA ILE A 409 -27.03 -12.41 -5.17
C ILE A 409 -26.91 -12.30 -6.69
N LEU A 410 -28.04 -12.32 -7.40
CA LEU A 410 -28.01 -12.15 -8.84
C LEU A 410 -27.45 -10.77 -9.22
N HIS A 411 -27.84 -9.73 -8.48
CA HIS A 411 -27.34 -8.40 -8.76
C HIS A 411 -25.83 -8.33 -8.60
N PHE A 412 -25.32 -8.88 -7.50
CA PHE A 412 -23.87 -8.85 -7.27
C PHE A 412 -23.12 -9.70 -8.30
N THR A 413 -23.67 -10.86 -8.65
CA THR A 413 -23.03 -11.70 -9.66
C THR A 413 -22.99 -11.01 -11.02
N TYR A 414 -24.08 -10.36 -11.41
CA TYR A 414 -24.11 -9.64 -12.68
C TYR A 414 -23.21 -8.42 -12.66
N ARG A 415 -23.09 -7.74 -11.51
CA ARG A 415 -22.13 -6.67 -11.37
C ARG A 415 -20.71 -7.18 -11.55
N THR A 416 -20.42 -8.35 -10.98
CA THR A 416 -19.10 -8.95 -11.16
C THR A 416 -18.84 -9.32 -12.61
N LEU A 417 -19.84 -9.86 -13.30
CA LEU A 417 -19.62 -10.45 -14.63
C LEU A 417 -19.76 -9.42 -15.75
N CYS A 418 -20.93 -8.82 -15.90
CA CYS A 418 -21.17 -7.99 -17.07
C CYS A 418 -21.67 -6.58 -16.75
N ARG A 419 -22.52 -6.44 -15.73
CA ARG A 419 -23.10 -5.14 -15.42
C ARG A 419 -22.10 -4.26 -14.68
N GLY A 420 -22.13 -2.97 -14.99
CA GLY A 420 -21.23 -2.03 -14.36
C GLY A 420 -19.92 -1.86 -15.11
N GLU A 421 -19.10 -0.93 -14.60
CA GLU A 421 -17.82 -0.64 -15.21
C GLU A 421 -16.67 -1.44 -14.62
N TYR A 422 -16.84 -2.00 -13.42
CA TYR A 422 -15.84 -2.87 -12.81
C TYR A 422 -15.98 -4.32 -13.25
N SER A 423 -17.00 -4.64 -14.05
CA SER A 423 -17.27 -6.02 -14.42
C SER A 423 -16.20 -6.55 -15.36
N ILE A 424 -16.06 -7.88 -15.37
CA ILE A 424 -15.10 -8.53 -16.24
C ILE A 424 -15.41 -8.24 -17.70
N LEU A 425 -16.69 -8.38 -18.08
CA LEU A 425 -17.07 -8.24 -19.48
C LEU A 425 -16.84 -6.83 -19.97
N HIS A 426 -17.14 -5.81 -19.15
CA HIS A 426 -16.98 -4.43 -19.59
C HIS A 426 -15.53 -4.10 -19.89
N ARG A 427 -14.62 -4.50 -18.98
CA ARG A 427 -13.20 -4.24 -19.18
C ARG A 427 -12.65 -5.03 -20.37
N LEU A 428 -13.04 -6.31 -20.48
CA LEU A 428 -12.60 -7.11 -21.61
C LEU A 428 -13.11 -6.53 -22.92
N LYS A 429 -14.34 -6.04 -22.95
CA LYS A 429 -14.87 -5.38 -24.14
C LYS A 429 -14.06 -4.14 -24.48
N ALA A 430 -13.89 -3.24 -23.52
CA ALA A 430 -13.15 -2.01 -23.76
C ALA A 430 -11.71 -2.28 -24.17
N ALA A 431 -11.19 -3.48 -23.89
CA ALA A 431 -9.84 -3.82 -24.31
C ALA A 431 -9.78 -4.54 -25.67
N MET A 432 -10.77 -5.38 -26.00
CA MET A 432 -10.59 -6.24 -27.17
C MET A 432 -11.84 -6.40 -28.04
N GLY A 433 -12.82 -5.50 -27.95
CA GLY A 433 -14.01 -5.66 -28.77
C GLY A 433 -14.79 -6.91 -28.36
N THR A 434 -15.15 -7.72 -29.36
CA THR A 434 -15.94 -8.93 -29.14
C THR A 434 -15.07 -10.17 -28.94
N ALA A 435 -13.74 -9.99 -28.85
CA ALA A 435 -12.84 -11.12 -28.68
C ALA A 435 -12.93 -11.76 -27.30
N TRP A 436 -13.67 -11.15 -26.37
CA TRP A 436 -13.79 -11.72 -25.03
C TRP A 436 -14.39 -13.11 -25.05
N ARG A 437 -15.20 -13.42 -26.07
CA ARG A 437 -15.81 -14.74 -26.18
C ARG A 437 -14.79 -15.85 -26.38
N ASP A 438 -13.59 -15.50 -26.86
CA ASP A 438 -12.54 -16.49 -27.09
C ASP A 438 -11.66 -16.74 -25.88
N TYR A 439 -11.83 -15.97 -24.80
CA TYR A 439 -11.02 -16.12 -23.61
C TYR A 439 -11.80 -16.56 -22.38
N ILE A 440 -13.08 -16.18 -22.26
CA ILE A 440 -13.88 -16.51 -21.10
C ILE A 440 -15.17 -17.17 -21.56
N SER A 441 -15.74 -17.99 -20.68
CA SER A 441 -16.98 -18.71 -20.98
C SER A 441 -17.70 -18.98 -19.67
N ILE A 442 -18.81 -18.29 -19.43
CA ILE A 442 -19.62 -18.45 -18.23
C ILE A 442 -20.83 -19.29 -18.57
N CYS A 443 -21.05 -20.37 -17.82
CA CYS A 443 -22.13 -21.31 -18.10
C CYS A 443 -22.69 -21.86 -16.80
N GLY A 444 -23.69 -22.72 -16.93
CA GLY A 444 -24.32 -23.39 -15.82
C GLY A 444 -24.86 -24.74 -16.26
N LEU A 445 -25.58 -25.44 -15.37
CA LEU A 445 -26.03 -26.80 -15.63
C LEU A 445 -27.54 -26.89 -15.51
N ARG A 446 -28.15 -27.64 -16.42
CA ARG A 446 -29.57 -27.93 -16.40
C ARG A 446 -29.81 -29.30 -17.01
N THR A 447 -30.80 -30.03 -16.47
CA THR A 447 -31.10 -31.37 -16.93
C THR A 447 -32.61 -31.51 -17.12
N HIS A 448 -33.00 -32.53 -17.88
CA HIS A 448 -34.39 -32.79 -18.20
C HIS A 448 -34.71 -34.26 -18.00
N GLY A 449 -35.99 -34.53 -17.79
CA GLY A 449 -36.48 -35.88 -17.60
C GLY A 449 -37.97 -35.94 -17.86
N GLU A 450 -38.58 -37.05 -17.47
CA GLU A 450 -40.00 -37.29 -17.66
C GLU A 450 -40.69 -37.42 -16.31
N LEU A 451 -41.83 -36.75 -16.15
CA LEU A 451 -42.59 -36.84 -14.91
C LEU A 451 -44.05 -36.51 -15.21
N GLY A 452 -44.95 -37.28 -14.62
CA GLY A 452 -46.37 -37.02 -14.76
C GLY A 452 -46.87 -37.04 -16.19
N GLY A 453 -46.17 -37.74 -17.08
CA GLY A 453 -46.54 -37.77 -18.47
C GLY A 453 -46.02 -36.63 -19.31
N HIS A 454 -45.25 -35.70 -18.73
CA HIS A 454 -44.72 -34.59 -19.49
C HIS A 454 -43.24 -34.39 -19.18
N PRO A 455 -42.49 -33.81 -20.11
CA PRO A 455 -41.09 -33.50 -19.82
C PRO A 455 -40.97 -32.40 -18.78
N VAL A 456 -40.04 -32.58 -17.85
CA VAL A 456 -39.72 -31.60 -16.83
C VAL A 456 -38.24 -31.29 -16.91
N SER A 457 -37.85 -30.14 -16.36
CA SER A 457 -36.45 -29.73 -16.37
C SER A 457 -36.14 -29.01 -15.07
N GLU A 458 -34.87 -29.07 -14.68
CA GLU A 458 -34.41 -28.38 -13.48
C GLU A 458 -32.91 -28.15 -13.59
N LEU A 459 -32.45 -27.05 -12.99
CA LEU A 459 -31.03 -26.77 -12.96
C LEU A 459 -30.33 -27.71 -12.01
N ILE A 460 -29.08 -28.03 -12.33
CA ILE A 460 -28.20 -28.78 -11.43
C ILE A 460 -27.48 -27.76 -10.57
N TYR A 461 -27.81 -27.72 -9.28
CA TYR A 461 -27.26 -26.71 -8.39
C TYR A 461 -25.77 -26.96 -8.20
N ILE A 462 -24.96 -25.96 -8.56
CA ILE A 462 -23.51 -26.06 -8.48
C ILE A 462 -23.09 -25.56 -7.10
N HIS A 463 -22.95 -26.48 -6.15
CA HIS A 463 -22.41 -26.17 -4.83
C HIS A 463 -20.92 -26.43 -4.75
N SER A 464 -20.29 -26.80 -5.85
CA SER A 464 -18.85 -27.07 -5.87
C SER A 464 -18.06 -25.81 -5.60
N LYS A 465 -16.88 -25.97 -5.02
CA LYS A 465 -15.89 -24.89 -4.84
C LYS A 465 -14.54 -25.45 -5.27
N VAL A 466 -14.25 -25.34 -6.57
CA VAL A 466 -13.06 -25.96 -7.16
C VAL A 466 -12.50 -25.05 -8.24
N LEU A 467 -11.17 -24.91 -8.24
CA LEU A 467 -10.44 -24.21 -9.29
C LEU A 467 -9.37 -25.14 -9.84
N ILE A 468 -9.29 -25.24 -11.16
CA ILE A 468 -8.31 -26.09 -11.84
C ILE A 468 -7.46 -25.20 -12.73
N ALA A 469 -6.14 -25.32 -12.61
CA ALA A 469 -5.20 -24.49 -13.35
C ALA A 469 -4.21 -25.37 -14.08
N ASP A 470 -4.14 -25.21 -15.41
CA ASP A 470 -3.11 -25.79 -16.27
C ASP A 470 -3.02 -27.31 -16.16
N ASP A 471 -4.11 -27.96 -15.73
CA ASP A 471 -4.12 -29.41 -15.52
C ASP A 471 -2.99 -29.86 -14.59
N ARG A 472 -2.55 -28.94 -13.72
CA ARG A 472 -1.48 -29.24 -12.78
C ARG A 472 -1.74 -28.75 -11.37
N THR A 473 -2.71 -27.85 -11.15
CA THR A 473 -3.01 -27.34 -9.82
C THR A 473 -4.52 -27.35 -9.59
N VAL A 474 -4.94 -27.72 -8.38
CA VAL A 474 -6.36 -27.80 -8.06
C VAL A 474 -6.58 -27.28 -6.64
N ILE A 475 -7.45 -26.28 -6.50
CA ILE A 475 -7.91 -25.82 -5.20
C ILE A 475 -9.31 -26.35 -4.98
N ILE A 476 -9.48 -27.16 -3.94
CA ILE A 476 -10.78 -27.72 -3.58
C ILE A 476 -11.12 -27.29 -2.17
N GLY A 477 -12.27 -26.67 -1.98
CA GLY A 477 -12.58 -26.17 -0.66
C GLY A 477 -14.05 -25.95 -0.42
N SER A 478 -14.34 -25.30 0.69
CA SER A 478 -15.69 -24.89 1.06
C SER A 478 -15.92 -23.40 0.89
N ALA A 479 -14.92 -22.64 0.47
CA ALA A 479 -15.01 -21.20 0.38
C ALA A 479 -15.54 -20.79 -0.99
N ASN A 480 -16.69 -20.12 -0.99
CA ASN A 480 -17.23 -19.58 -2.23
C ASN A 480 -16.40 -18.36 -2.66
N ILE A 481 -16.60 -17.94 -3.91
CA ILE A 481 -15.91 -16.75 -4.43
C ILE A 481 -16.80 -15.57 -4.05
N ASN A 482 -16.63 -15.11 -2.81
CA ASN A 482 -17.35 -13.96 -2.27
C ASN A 482 -16.57 -13.43 -1.08
N ASP A 483 -16.96 -12.24 -0.63
CA ASP A 483 -16.21 -11.57 0.42
C ASP A 483 -16.28 -12.34 1.74
N ARG A 484 -17.42 -12.96 2.03
CA ARG A 484 -17.57 -13.62 3.32
C ARG A 484 -16.65 -14.84 3.45
N SER A 485 -16.32 -15.50 2.34
CA SER A 485 -15.53 -16.72 2.40
C SER A 485 -14.06 -16.52 2.10
N LEU A 486 -13.68 -15.47 1.37
CA LEU A 486 -12.31 -15.27 0.96
C LEU A 486 -11.54 -14.27 1.81
N LEU A 487 -12.22 -13.29 2.40
CA LEU A 487 -11.52 -12.28 3.20
C LEU A 487 -11.04 -12.84 4.53
N GLY A 488 -11.63 -13.94 5.01
CA GLY A 488 -11.19 -14.54 6.25
C GLY A 488 -11.77 -13.87 7.48
N LYS A 489 -11.95 -12.55 7.40
CA LYS A 489 -12.50 -11.80 8.53
C LYS A 489 -13.92 -12.23 8.84
N ARG A 490 -14.69 -12.67 7.83
CA ARG A 490 -16.10 -12.95 8.05
C ARG A 490 -16.36 -14.40 8.42
N ASP A 491 -16.08 -15.33 7.51
CA ASP A 491 -16.47 -16.72 7.70
C ASP A 491 -15.25 -17.64 7.76
N SER A 492 -15.37 -18.68 8.59
CA SER A 492 -14.35 -19.72 8.66
C SER A 492 -14.57 -20.69 7.50
N GLU A 493 -13.54 -20.85 6.66
CA GLU A 493 -13.61 -21.72 5.50
C GLU A 493 -12.36 -22.59 5.45
N LEU A 494 -12.49 -23.76 4.84
CA LEU A 494 -11.38 -24.68 4.67
C LEU A 494 -11.20 -25.02 3.20
N ALA A 495 -9.94 -25.24 2.80
CA ALA A 495 -9.63 -25.58 1.42
C ALA A 495 -8.27 -26.27 1.39
N VAL A 496 -7.98 -26.91 0.27
CA VAL A 496 -6.70 -27.56 0.04
C VAL A 496 -6.20 -27.21 -1.35
N LEU A 497 -4.92 -26.88 -1.44
CA LEU A 497 -4.23 -26.64 -2.69
C LEU A 497 -3.42 -27.89 -3.02
N ILE A 498 -3.67 -28.48 -4.18
CA ILE A 498 -3.11 -29.77 -4.57
C ILE A 498 -2.33 -29.57 -5.86
N GLU A 499 -1.03 -29.87 -5.81
CA GLU A 499 -0.15 -29.75 -6.96
C GLU A 499 0.38 -31.13 -7.33
N ASP A 500 0.55 -31.38 -8.61
CA ASP A 500 0.89 -32.70 -9.12
C ASP A 500 2.39 -32.86 -9.26
N THR A 501 2.93 -33.94 -8.71
CA THR A 501 4.33 -34.30 -8.91
C THR A 501 4.51 -35.39 -9.96
N GLU A 502 3.48 -36.18 -10.23
CA GLU A 502 3.51 -37.21 -11.27
C GLU A 502 2.69 -36.73 -12.45
N THR A 503 3.24 -36.87 -13.65
CA THR A 503 2.63 -36.34 -14.86
C THR A 503 2.17 -37.48 -15.77
N GLU A 504 1.46 -37.09 -16.83
CA GLU A 504 0.85 -37.98 -17.80
C GLU A 504 0.76 -37.24 -19.12
N PRO A 505 1.04 -37.90 -20.24
CA PRO A 505 0.93 -37.22 -21.54
C PRO A 505 -0.48 -36.75 -21.83
N SER A 506 -0.59 -35.59 -22.46
CA SER A 506 -1.87 -35.02 -22.86
C SER A 506 -1.58 -33.93 -23.89
N LEU A 507 -2.62 -33.18 -24.27
CA LEU A 507 -2.50 -32.15 -25.28
C LEU A 507 -2.83 -30.78 -24.68
N MET A 508 -2.03 -29.79 -25.06
CA MET A 508 -2.25 -28.39 -24.71
C MET A 508 -2.05 -27.56 -25.97
N ASN A 509 -3.15 -27.03 -26.52
CA ASN A 509 -3.12 -26.24 -27.75
C ASN A 509 -2.41 -27.01 -28.87
N GLY A 510 -2.67 -28.31 -28.95
CA GLY A 510 -2.08 -29.14 -29.98
C GLY A 510 -0.64 -29.53 -29.74
N ALA A 511 -0.10 -29.30 -28.54
CA ALA A 511 1.28 -29.64 -28.23
C ALA A 511 1.31 -30.68 -27.11
N GLU A 512 2.37 -31.48 -27.09
CA GLU A 512 2.54 -32.46 -26.02
C GLU A 512 2.68 -31.74 -24.68
N TYR A 513 1.96 -32.22 -23.68
CA TYR A 513 1.88 -31.55 -22.39
C TYR A 513 1.87 -32.59 -21.29
N GLN A 514 2.79 -32.46 -20.33
CA GLN A 514 2.86 -33.39 -19.20
C GLN A 514 1.91 -32.89 -18.12
N ALA A 515 0.64 -33.26 -18.26
CA ALA A 515 -0.40 -32.79 -17.35
C ALA A 515 -0.42 -33.64 -16.08
N GLY A 516 -0.67 -32.99 -14.96
CA GLY A 516 -0.71 -33.72 -13.70
C GLY A 516 -1.87 -34.70 -13.67
N ARG A 517 -1.63 -35.86 -13.04
CA ARG A 517 -2.63 -36.94 -13.06
C ARG A 517 -3.89 -36.54 -12.32
N PHE A 518 -3.74 -35.98 -11.10
CA PHE A 518 -4.90 -35.62 -10.30
C PHE A 518 -5.75 -34.56 -11.00
N ALA A 519 -5.11 -33.47 -11.43
CA ALA A 519 -5.84 -32.38 -12.05
C ALA A 519 -6.43 -32.80 -13.40
N LEU A 520 -5.67 -33.56 -14.20
CA LEU A 520 -6.19 -34.00 -15.48
C LEU A 520 -7.39 -34.93 -15.29
N SER A 521 -7.32 -35.84 -14.32
CA SER A 521 -8.44 -36.73 -14.05
C SER A 521 -9.66 -35.93 -13.63
N LEU A 522 -9.48 -34.97 -12.72
CA LEU A 522 -10.61 -34.18 -12.24
C LEU A 522 -11.23 -33.37 -13.38
N ARG A 523 -10.40 -32.72 -14.19
CA ARG A 523 -10.92 -31.89 -15.28
C ARG A 523 -11.61 -32.73 -16.35
N LYS A 524 -11.03 -33.90 -16.68
CA LYS A 524 -11.66 -34.77 -17.66
C LYS A 524 -12.99 -35.30 -17.16
N HIS A 525 -13.07 -35.67 -15.88
CA HIS A 525 -14.35 -36.11 -15.33
C HIS A 525 -15.38 -34.99 -15.36
N CYS A 526 -14.97 -33.77 -15.00
CA CYS A 526 -15.89 -32.64 -15.03
C CYS A 526 -16.39 -32.37 -16.45
N PHE A 527 -15.48 -32.38 -17.43
CA PHE A 527 -15.88 -32.13 -18.81
C PHE A 527 -16.79 -33.25 -19.33
N GLY A 528 -16.48 -34.51 -19.00
CA GLY A 528 -17.30 -35.60 -19.45
C GLY A 528 -18.71 -35.56 -18.88
N VAL A 529 -18.83 -35.19 -17.60
CA VAL A 529 -20.15 -35.06 -17.01
C VAL A 529 -20.89 -33.86 -17.59
N ILE A 530 -20.21 -32.73 -17.73
CA ILE A 530 -20.85 -31.53 -18.27
C ILE A 530 -21.27 -31.77 -19.72
N LEU A 531 -20.40 -32.41 -20.51
CA LEU A 531 -20.71 -32.75 -21.88
C LEU A 531 -21.39 -34.12 -21.93
N GLY A 532 -21.50 -34.69 -23.12
CA GLY A 532 -22.15 -35.98 -23.31
C GLY A 532 -21.19 -37.09 -23.68
N ALA A 533 -20.04 -37.16 -23.01
CA ALA A 533 -18.99 -38.10 -23.40
C ALA A 533 -19.50 -39.54 -23.41
N ASN A 534 -20.33 -39.91 -22.44
CA ASN A 534 -20.88 -41.26 -22.41
C ASN A 534 -21.82 -41.51 -23.58
N THR A 535 -22.39 -40.46 -24.18
CA THR A 535 -23.22 -40.57 -25.36
C THR A 535 -22.53 -40.07 -26.62
N ARG A 536 -21.40 -39.39 -26.50
CA ARG A 536 -20.61 -38.91 -27.65
C ARG A 536 -19.17 -39.38 -27.45
N PRO A 537 -18.88 -40.66 -27.71
CA PRO A 537 -17.52 -41.17 -27.53
C PRO A 537 -16.50 -40.56 -28.48
N ASP A 538 -16.94 -39.84 -29.51
CA ASP A 538 -16.02 -39.25 -30.48
C ASP A 538 -15.38 -37.96 -29.99
N LEU A 539 -15.88 -37.36 -28.91
CA LEU A 539 -15.35 -36.09 -28.43
C LEU A 539 -14.04 -36.31 -27.69
N ASP A 540 -13.04 -35.49 -28.02
CA ASP A 540 -11.72 -35.57 -27.41
C ASP A 540 -11.60 -34.53 -26.31
N LEU A 541 -11.41 -34.98 -25.08
CA LEU A 541 -11.32 -34.10 -23.92
C LEU A 541 -9.88 -33.87 -23.46
N ARG A 542 -8.90 -34.27 -24.27
CA ARG A 542 -7.51 -34.15 -23.84
C ARG A 542 -7.00 -32.72 -23.91
N ASP A 543 -7.40 -31.97 -24.94
CA ASP A 543 -6.95 -30.59 -25.08
C ASP A 543 -8.03 -29.65 -24.59
N PRO A 544 -7.81 -28.94 -23.48
CA PRO A 544 -8.86 -28.08 -22.92
C PRO A 544 -8.82 -26.63 -23.37
N ILE A 545 -7.78 -26.20 -24.08
CA ILE A 545 -7.62 -24.80 -24.46
C ILE A 545 -7.67 -24.58 -25.95
N CYS A 546 -7.59 -25.63 -26.77
CA CYS A 546 -7.50 -25.45 -28.21
C CYS A 546 -8.79 -24.87 -28.78
N ASP A 547 -8.67 -24.28 -29.97
CA ASP A 547 -9.78 -23.54 -30.55
C ASP A 547 -10.96 -24.46 -30.87
N ASP A 548 -10.68 -25.67 -31.37
CA ASP A 548 -11.75 -26.59 -31.73
C ASP A 548 -12.60 -26.97 -30.52
N PHE A 549 -11.94 -27.31 -29.40
CA PHE A 549 -12.68 -27.72 -28.22
C PHE A 549 -13.45 -26.56 -27.61
N PHE A 550 -12.86 -25.36 -27.59
CA PHE A 550 -13.55 -24.20 -27.05
C PHE A 550 -14.76 -23.86 -27.91
N GLN A 551 -14.62 -23.94 -29.23
CA GLN A 551 -15.75 -23.71 -30.12
C GLN A 551 -16.85 -24.74 -29.87
N LEU A 552 -16.47 -26.02 -29.72
CA LEU A 552 -17.47 -27.05 -29.44
C LEU A 552 -18.17 -26.79 -28.11
N TRP A 553 -17.41 -26.38 -27.10
CA TRP A 553 -17.98 -26.08 -25.79
C TRP A 553 -19.02 -24.96 -25.89
N GLN A 554 -18.65 -23.86 -26.54
CA GLN A 554 -19.57 -22.73 -26.64
C GLN A 554 -20.78 -23.08 -27.50
N ASP A 555 -20.58 -23.84 -28.58
CA ASP A 555 -21.69 -24.25 -29.42
C ASP A 555 -22.67 -25.13 -28.64
N MET A 556 -22.15 -26.09 -27.87
CA MET A 556 -23.02 -26.95 -27.08
C MET A 556 -23.78 -26.13 -26.04
N ALA A 557 -23.11 -25.19 -25.38
CA ALA A 557 -23.77 -24.37 -24.37
C ALA A 557 -24.91 -23.56 -24.99
N GLU A 558 -24.62 -22.88 -26.11
CA GLU A 558 -25.65 -22.05 -26.75
C GLU A 558 -26.81 -22.91 -27.26
N SER A 559 -26.50 -24.05 -27.89
CA SER A 559 -27.54 -24.91 -28.42
C SER A 559 -28.44 -25.45 -27.31
N ASN A 560 -27.84 -25.91 -26.20
CA ASN A 560 -28.64 -26.44 -25.11
C ASN A 560 -29.49 -25.34 -24.46
N ALA A 561 -28.92 -24.14 -24.30
CA ALA A 561 -29.71 -23.05 -23.75
C ALA A 561 -30.90 -22.72 -24.65
N ASN A 562 -30.67 -22.68 -25.97
CA ASN A 562 -31.76 -22.41 -26.90
C ASN A 562 -32.83 -23.50 -26.83
N ILE A 563 -32.41 -24.76 -26.79
CA ILE A 563 -33.39 -25.87 -26.76
C ILE A 563 -34.19 -25.82 -25.47
N TYR A 564 -33.53 -25.59 -24.34
CA TYR A 564 -34.24 -25.54 -23.06
C TYR A 564 -35.23 -24.38 -23.02
N GLU A 565 -34.82 -23.21 -23.54
CA GLU A 565 -35.76 -22.10 -23.59
C GLU A 565 -36.94 -22.38 -24.51
N GLN A 566 -36.68 -23.03 -25.64
CA GLN A 566 -37.75 -23.33 -26.59
C GLN A 566 -38.75 -24.33 -26.01
N ILE A 567 -38.25 -25.32 -25.27
CA ILE A 567 -39.11 -26.40 -24.79
C ILE A 567 -39.79 -26.05 -23.48
N PHE A 568 -39.03 -25.62 -22.47
CA PHE A 568 -39.58 -25.40 -21.14
C PHE A 568 -39.89 -23.94 -20.84
N ARG A 569 -39.37 -23.00 -21.64
CA ARG A 569 -39.48 -21.58 -21.34
C ARG A 569 -39.00 -21.28 -19.93
N CYS A 570 -37.87 -21.91 -19.56
CA CYS A 570 -37.38 -21.89 -18.20
C CYS A 570 -36.78 -20.53 -17.86
N LEU A 571 -36.56 -20.31 -16.57
CA LEU A 571 -35.96 -19.12 -16.03
C LEU A 571 -34.81 -19.49 -15.11
N PRO A 572 -33.76 -18.66 -15.03
CA PRO A 572 -33.58 -17.38 -15.73
C PRO A 572 -33.21 -17.55 -17.19
N SER A 573 -33.52 -16.55 -18.01
CA SER A 573 -33.28 -16.62 -19.44
C SER A 573 -33.03 -15.22 -19.98
N ASN A 574 -32.43 -15.16 -21.17
CA ASN A 574 -32.16 -13.89 -21.83
C ASN A 574 -33.36 -13.34 -22.58
N ALA A 575 -34.47 -14.08 -22.63
CA ALA A 575 -35.67 -13.60 -23.29
C ALA A 575 -36.53 -12.71 -22.39
N THR A 576 -36.18 -12.57 -21.13
CA THR A 576 -36.91 -11.74 -20.18
C THR A 576 -35.94 -10.70 -19.62
N ARG A 577 -35.86 -9.55 -20.29
CA ARG A 577 -34.93 -8.49 -19.91
C ARG A 577 -35.56 -7.43 -19.01
N SER A 578 -36.88 -7.49 -18.79
CA SER A 578 -37.56 -6.53 -17.92
C SER A 578 -38.61 -7.28 -17.12
N LEU A 579 -39.02 -6.66 -16.00
CA LEU A 579 -39.98 -7.31 -15.12
C LEU A 579 -41.36 -7.44 -15.79
N ARG A 580 -41.75 -6.45 -16.59
CA ARG A 580 -43.02 -6.55 -17.30
C ARG A 580 -42.97 -7.64 -18.37
N THR A 581 -41.87 -7.71 -19.12
CA THR A 581 -41.72 -8.78 -20.10
C THR A 581 -41.67 -10.13 -19.40
N LEU A 582 -41.06 -10.20 -18.22
CA LEU A 582 -41.08 -11.43 -17.44
C LEU A 582 -42.50 -11.80 -17.02
N ARG A 583 -43.29 -10.81 -16.59
CA ARG A 583 -44.65 -11.09 -16.15
C ARG A 583 -45.51 -11.59 -17.30
N GLU A 584 -45.37 -10.99 -18.48
CA GLU A 584 -46.11 -11.46 -19.64
C GLU A 584 -45.53 -12.74 -20.23
N TYR A 585 -44.27 -13.06 -19.90
CA TYR A 585 -43.64 -14.26 -20.44
C TYR A 585 -44.11 -15.52 -19.74
N VAL A 586 -44.36 -15.44 -18.43
CA VAL A 586 -44.83 -16.60 -17.67
C VAL A 586 -46.27 -16.96 -17.97
N ALA A 587 -47.02 -16.07 -18.62
CA ALA A 587 -48.41 -16.35 -18.95
C ALA A 587 -48.56 -17.39 -20.05
N VAL A 588 -47.49 -17.67 -20.79
CA VAL A 588 -47.53 -18.62 -21.90
C VAL A 588 -47.20 -20.00 -21.38
N GLU A 589 -48.07 -20.96 -21.69
CA GLU A 589 -47.84 -22.35 -21.28
C GLU A 589 -46.72 -22.96 -22.13
N PRO A 590 -45.71 -23.56 -21.50
CA PRO A 590 -44.60 -24.14 -22.28
C PRO A 590 -45.03 -25.35 -23.08
N LEU A 591 -44.27 -25.59 -24.17
CA LEU A 591 -44.56 -26.69 -25.08
C LEU A 591 -44.43 -28.05 -24.43
N ALA A 592 -43.69 -28.14 -23.31
CA ALA A 592 -43.56 -29.43 -22.62
C ALA A 592 -44.91 -29.95 -22.16
N THR A 593 -45.79 -29.06 -21.71
CA THR A 593 -47.13 -29.43 -21.27
C THR A 593 -48.18 -29.28 -22.36
N VAL A 594 -47.82 -28.82 -23.55
CA VAL A 594 -48.78 -28.65 -24.64
C VAL A 594 -48.77 -29.88 -25.53
N SER A 595 -47.61 -30.17 -26.12
CA SER A 595 -47.41 -31.34 -26.97
C SER A 595 -46.21 -32.10 -26.43
N PRO A 596 -46.40 -32.91 -25.38
CA PRO A 596 -45.27 -33.62 -24.76
C PRO A 596 -44.51 -34.48 -25.74
N PRO A 597 -45.17 -35.18 -26.69
CA PRO A 597 -44.38 -35.91 -27.70
C PRO A 597 -43.46 -35.02 -28.51
N LEU A 598 -43.92 -33.84 -28.92
CA LEU A 598 -43.09 -32.95 -29.73
C LEU A 598 -41.91 -32.41 -28.94
N ALA A 599 -42.16 -32.00 -27.69
CA ALA A 599 -41.06 -31.53 -26.84
C ALA A 599 -40.07 -32.66 -26.56
N ARG A 600 -40.58 -33.88 -26.35
CA ARG A 600 -39.70 -35.02 -26.12
C ARG A 600 -38.83 -35.31 -27.33
N SER A 601 -39.41 -35.22 -28.53
CA SER A 601 -38.63 -35.41 -29.75
C SER A 601 -37.57 -34.32 -29.89
N GLU A 602 -37.93 -33.07 -29.58
CA GLU A 602 -36.98 -31.98 -29.67
C GLU A 602 -35.83 -32.15 -28.67
N LEU A 603 -36.14 -32.65 -27.46
CA LEU A 603 -35.14 -32.76 -26.41
C LEU A 603 -34.06 -33.79 -26.72
N THR A 604 -34.25 -34.63 -27.74
CA THR A 604 -33.22 -35.61 -28.10
C THR A 604 -31.97 -34.93 -28.63
N GLN A 605 -32.04 -33.65 -29.00
CA GLN A 605 -30.89 -32.90 -29.46
C GLN A 605 -30.09 -32.26 -28.32
N VAL A 606 -30.52 -32.47 -27.08
CA VAL A 606 -29.79 -31.96 -25.92
C VAL A 606 -28.61 -32.89 -25.64
N GLN A 607 -27.40 -32.34 -25.63
CA GLN A 607 -26.19 -33.09 -25.31
C GLN A 607 -25.56 -32.47 -24.07
N GLY A 608 -25.34 -33.29 -23.04
CA GLY A 608 -24.78 -32.79 -21.81
C GLY A 608 -25.79 -31.97 -21.02
N HIS A 609 -25.28 -31.35 -19.95
CA HIS A 609 -26.08 -30.48 -19.09
C HIS A 609 -25.68 -29.03 -19.18
N LEU A 610 -24.74 -28.68 -20.05
CA LEU A 610 -24.18 -27.33 -20.08
C LEU A 610 -25.10 -26.38 -20.82
N VAL A 611 -25.40 -25.24 -20.20
CA VAL A 611 -26.24 -24.21 -20.80
C VAL A 611 -25.61 -22.84 -20.52
N HIS A 612 -25.67 -21.95 -21.50
CA HIS A 612 -25.07 -20.63 -21.35
C HIS A 612 -25.77 -19.85 -20.23
N PHE A 613 -24.98 -19.10 -19.48
CA PHE A 613 -25.51 -18.32 -18.37
C PHE A 613 -26.27 -17.11 -18.88
N PRO A 614 -27.46 -16.84 -18.35
CA PRO A 614 -28.26 -15.67 -18.80
C PRO A 614 -27.75 -14.34 -18.26
N LEU A 615 -26.76 -13.79 -18.95
CA LEU A 615 -26.16 -12.52 -18.55
C LEU A 615 -27.08 -11.33 -18.78
N LYS A 616 -28.19 -11.52 -19.49
CA LYS A 616 -29.14 -10.45 -19.77
C LYS A 616 -30.48 -10.65 -19.09
N PHE A 617 -30.56 -11.56 -18.12
CA PHE A 617 -31.80 -11.78 -17.37
C PHE A 617 -32.09 -10.56 -16.51
N LEU A 618 -33.25 -9.93 -16.72
CA LEU A 618 -33.66 -8.75 -15.96
C LEU A 618 -32.63 -7.62 -16.07
N GLU A 619 -32.05 -7.45 -17.26
CA GLU A 619 -31.00 -6.46 -17.41
C GLU A 619 -31.53 -5.04 -17.46
N ASP A 620 -32.80 -4.85 -17.80
CA ASP A 620 -33.42 -3.53 -17.76
C ASP A 620 -34.03 -3.24 -16.40
N GLU A 621 -33.23 -3.38 -15.35
CA GLU A 621 -33.69 -3.16 -13.98
C GLU A 621 -32.52 -2.82 -13.07
N GLY A 632 -31.94 1.40 5.11
CA GLY A 632 -30.52 1.15 4.98
C GLY A 632 -29.89 0.60 6.24
N MET A 633 -30.67 -0.14 7.02
CA MET A 633 -30.20 -0.77 8.24
C MET A 633 -29.75 -2.21 8.04
N ILE A 634 -29.79 -2.71 6.81
CA ILE A 634 -29.29 -4.04 6.46
C ILE A 634 -28.03 -3.86 5.63
N PRO A 635 -26.86 -4.28 6.13
CA PRO A 635 -25.64 -4.18 5.31
C PRO A 635 -25.76 -5.01 4.05
N LEU A 636 -25.12 -4.54 2.99
CA LEU A 636 -25.10 -5.25 1.73
C LEU A 636 -24.04 -6.34 1.69
N GLU A 637 -23.25 -6.48 2.74
CA GLU A 637 -22.18 -7.47 2.78
C GLU A 637 -22.66 -8.86 3.17
N VAL A 638 -23.93 -9.03 3.50
CA VAL A 638 -24.42 -10.37 3.83
C VAL A 638 -24.59 -11.20 2.57
N TRP A 639 -24.88 -10.57 1.43
CA TRP A 639 -25.02 -11.26 0.15
C TRP A 639 -23.79 -11.11 -0.73
N THR A 640 -22.62 -10.86 -0.14
CA THR A 640 -21.38 -10.74 -0.90
C THR A 640 -20.34 -11.72 -0.37
N HIS B 28 45.95 31.45 15.98
CA HIS B 28 46.83 30.69 15.11
C HIS B 28 46.94 31.34 13.74
N ARG B 29 46.75 30.55 12.68
CA ARG B 29 46.79 31.09 11.33
C ARG B 29 45.46 31.79 11.01
N HIS B 30 45.55 32.94 10.34
CA HIS B 30 44.41 33.78 10.00
C HIS B 30 43.63 34.22 11.23
N ASP B 31 44.29 34.28 12.39
CA ASP B 31 43.66 34.64 13.66
C ASP B 31 42.46 33.73 13.94
N SER B 32 42.73 32.43 13.97
CA SER B 32 41.70 31.42 14.17
C SER B 32 41.96 30.64 15.46
N TYR B 33 40.90 30.07 16.01
CA TYR B 33 40.99 29.31 17.25
C TYR B 33 41.51 27.89 17.04
N ALA B 34 41.68 27.46 15.78
CA ALA B 34 42.17 26.12 15.49
C ALA B 34 43.33 26.22 14.50
N PRO B 35 44.43 25.52 14.74
CA PRO B 35 45.54 25.54 13.78
C PRO B 35 45.26 24.62 12.61
N PRO B 36 46.03 24.72 11.53
CA PRO B 36 45.88 23.77 10.43
C PRO B 36 46.17 22.34 10.89
N ARG B 37 45.34 21.42 10.43
CA ARG B 37 45.48 20.01 10.79
C ARG B 37 45.89 19.20 9.56
N PRO B 38 47.14 18.75 9.47
CA PRO B 38 47.57 18.00 8.29
C PRO B 38 47.13 16.54 8.36
N GLY B 39 47.21 15.87 7.22
CA GLY B 39 46.82 14.47 7.14
C GLY B 39 45.37 14.23 7.48
N THR B 40 44.48 15.06 6.99
CA THR B 40 43.07 15.03 7.35
C THR B 40 42.23 14.63 6.14
N LEU B 41 41.27 13.74 6.37
CA LEU B 41 40.39 13.26 5.31
C LEU B 41 39.17 14.18 5.21
N ALA B 42 38.93 14.71 4.02
CA ALA B 42 37.79 15.58 3.76
C ALA B 42 37.16 15.20 2.43
N ARG B 43 35.83 15.19 2.38
CA ARG B 43 35.09 14.86 1.17
C ARG B 43 34.05 15.93 0.90
N TRP B 44 34.00 16.40 -0.34
CA TRP B 44 33.08 17.46 -0.73
C TRP B 44 31.78 16.87 -1.29
N PHE B 45 30.69 17.61 -1.09
CA PHE B 45 29.37 17.23 -1.58
C PHE B 45 28.78 18.41 -2.33
N VAL B 46 28.23 18.13 -3.52
CA VAL B 46 27.51 19.11 -4.32
C VAL B 46 26.03 18.75 -4.28
N ASN B 47 25.18 19.75 -4.03
CA ASN B 47 23.73 19.58 -3.88
C ASN B 47 23.41 18.80 -2.61
N GLY B 48 22.13 18.69 -2.28
CA GLY B 48 21.74 18.16 -0.98
C GLY B 48 21.65 16.66 -0.87
N ALA B 49 21.59 15.95 -2.00
CA ALA B 49 21.35 14.51 -1.96
C ALA B 49 22.46 13.76 -1.24
N GLY B 50 23.69 13.88 -1.74
CA GLY B 50 24.80 13.19 -1.11
C GLY B 50 25.07 13.65 0.31
N TYR B 51 24.90 14.94 0.56
CA TYR B 51 25.13 15.47 1.90
C TYR B 51 24.14 14.85 2.89
N PHE B 52 22.86 14.81 2.53
CA PHE B 52 21.86 14.24 3.43
C PHE B 52 22.08 12.74 3.60
N ALA B 53 22.46 12.05 2.53
CA ALA B 53 22.73 10.61 2.65
C ALA B 53 23.89 10.36 3.60
N ALA B 54 24.98 11.14 3.47
CA ALA B 54 26.12 10.98 4.36
C ALA B 54 25.76 11.32 5.80
N VAL B 55 24.95 12.37 6.00
CA VAL B 55 24.51 12.72 7.35
C VAL B 55 23.71 11.58 7.96
N ALA B 56 22.79 10.99 7.20
CA ALA B 56 22.01 9.87 7.70
C ALA B 56 22.91 8.68 8.05
N ASP B 57 23.85 8.36 7.16
CA ASP B 57 24.74 7.22 7.41
C ASP B 57 25.61 7.46 8.64
N ALA B 58 26.03 8.70 8.88
CA ALA B 58 26.80 9.00 10.08
C ALA B 58 25.92 8.93 11.33
N ILE B 59 24.67 9.37 11.23
CA ILE B 59 23.75 9.29 12.37
C ILE B 59 23.50 7.84 12.75
N LEU B 60 23.40 6.96 11.75
CA LEU B 60 23.11 5.56 12.04
C LEU B 60 24.22 4.91 12.86
N ARG B 61 25.47 5.29 12.63
CA ARG B 61 26.60 4.68 13.32
C ARG B 61 27.07 5.47 14.54
N ALA B 62 26.33 6.51 14.93
CA ALA B 62 26.67 7.27 16.12
C ALA B 62 26.50 6.42 17.38
N GLN B 63 27.36 6.65 18.36
CA GLN B 63 27.35 5.83 19.57
C GLN B 63 27.32 6.65 20.84
N GLU B 64 27.93 7.84 20.83
CA GLU B 64 28.12 8.62 22.04
C GLU B 64 27.33 9.92 22.03
N GLU B 65 27.54 10.79 21.03
CA GLU B 65 26.90 12.10 21.04
C GLU B 65 26.73 12.60 19.61
N ILE B 66 25.70 13.41 19.40
CA ILE B 66 25.45 14.09 18.14
C ILE B 66 25.21 15.56 18.44
N PHE B 67 26.00 16.42 17.82
CA PHE B 67 25.90 17.87 18.00
C PHE B 67 25.34 18.46 16.71
N ILE B 68 24.18 19.12 16.80
CA ILE B 68 23.51 19.67 15.63
C ILE B 68 23.27 21.15 15.84
N THR B 69 23.59 21.96 14.84
CA THR B 69 23.24 23.38 14.83
C THR B 69 22.85 23.78 13.43
N ASP B 70 21.70 24.44 13.30
CA ASP B 70 21.18 24.82 12.00
C ASP B 70 20.46 26.15 12.11
N TRP B 71 20.54 26.94 11.04
CA TRP B 71 19.74 28.15 10.94
C TRP B 71 18.25 27.80 10.87
N TRP B 72 17.92 26.70 10.20
CA TRP B 72 16.56 26.17 10.15
C TRP B 72 16.64 24.66 10.03
N LEU B 73 15.97 23.96 10.96
CA LEU B 73 15.97 22.51 11.00
C LEU B 73 14.52 22.03 10.90
N SER B 74 14.16 21.45 9.76
CA SER B 74 12.84 20.85 9.61
C SER B 74 12.88 19.43 10.17
N PRO B 75 12.08 19.11 11.19
CA PRO B 75 12.15 17.77 11.78
C PRO B 75 11.73 16.65 10.85
N GLU B 76 10.95 16.93 9.81
CA GLU B 76 10.36 15.90 8.95
C GLU B 76 10.89 15.97 7.52
N VAL B 77 12.20 16.15 7.37
CA VAL B 77 12.84 16.12 6.06
C VAL B 77 13.48 14.76 5.88
N TYR B 78 13.20 14.11 4.74
CA TYR B 78 13.71 12.78 4.47
C TYR B 78 15.14 12.86 3.97
N LEU B 79 16.05 12.18 4.66
CA LEU B 79 17.45 12.16 4.26
C LEU B 79 17.71 11.21 3.10
N LYS B 80 16.81 10.25 2.84
CA LYS B 80 16.92 9.35 1.71
C LYS B 80 15.69 9.54 0.83
N ARG B 81 15.92 9.73 -0.47
CA ARG B 81 14.86 9.98 -1.43
C ARG B 81 14.96 9.00 -2.59
N PRO B 82 13.83 8.58 -3.17
CA PRO B 82 12.47 8.92 -2.72
C PRO B 82 12.06 8.15 -1.48
N ALA B 83 11.19 8.74 -0.66
CA ALA B 83 10.82 8.14 0.61
C ALA B 83 9.95 6.91 0.39
N HIS B 84 10.40 5.78 0.92
CA HIS B 84 9.61 4.55 0.93
C HIS B 84 9.22 4.11 2.34
N SER B 85 9.87 4.67 3.36
CA SER B 85 9.55 4.36 4.76
C SER B 85 9.96 5.56 5.60
N ASP B 86 9.96 5.37 6.93
CA ASP B 86 10.38 6.40 7.86
C ASP B 86 11.74 6.10 8.48
N ASP B 87 12.49 5.17 7.92
CA ASP B 87 13.79 4.80 8.47
C ASP B 87 14.87 5.84 8.19
N TRP B 88 14.61 6.79 7.30
CA TRP B 88 15.61 7.80 6.93
C TRP B 88 15.07 9.21 7.14
N ARG B 89 14.15 9.38 8.08
CA ARG B 89 13.64 10.70 8.46
C ARG B 89 14.40 11.17 9.68
N LEU B 90 14.73 12.46 9.70
CA LEU B 90 15.63 12.98 10.74
C LEU B 90 15.05 12.80 12.14
N ASP B 91 13.76 13.11 12.32
CA ASP B 91 13.16 12.99 13.64
C ASP B 91 13.14 11.53 14.11
N ILE B 92 12.70 10.62 13.24
CA ILE B 92 12.62 9.21 13.60
C ILE B 92 14.00 8.64 13.84
N MET B 93 14.97 9.00 12.98
CA MET B 93 16.33 8.50 13.14
C MET B 93 16.96 9.00 14.44
N LEU B 94 16.74 10.27 14.78
CA LEU B 94 17.26 10.80 16.03
C LEU B 94 16.58 10.15 17.23
N LYS B 95 15.27 9.88 17.13
CA LYS B 95 14.59 9.15 18.19
C LYS B 95 15.18 7.76 18.37
N ARG B 96 15.44 7.05 17.26
CA ARG B 96 16.05 5.73 17.34
C ARG B 96 17.42 5.78 17.98
N LYS B 97 18.23 6.78 17.59
CA LYS B 97 19.57 6.92 18.18
C LYS B 97 19.47 7.22 19.67
N ALA B 98 18.54 8.08 20.07
CA ALA B 98 18.37 8.40 21.49
C ALA B 98 17.92 7.18 22.28
N GLU B 99 17.05 6.35 21.70
CA GLU B 99 16.63 5.13 22.36
C GLU B 99 17.81 4.19 22.60
N GLU B 100 18.85 4.30 21.78
CA GLU B 100 20.07 3.51 21.95
C GLU B 100 21.05 4.14 22.93
N GLY B 101 20.75 5.31 23.45
CA GLY B 101 21.59 5.97 24.42
C GLY B 101 22.54 7.01 23.85
N VAL B 102 22.16 7.70 22.78
CA VAL B 102 22.99 8.74 22.17
C VAL B 102 22.46 10.09 22.60
N ARG B 103 23.34 10.94 23.12
CA ARG B 103 22.95 12.26 23.60
C ARG B 103 22.94 13.24 22.43
N VAL B 104 21.75 13.63 22.00
CA VAL B 104 21.59 14.59 20.91
C VAL B 104 21.47 15.98 21.50
N SER B 105 22.35 16.88 21.09
CA SER B 105 22.36 18.27 21.54
C SER B 105 22.20 19.17 20.33
N ILE B 106 21.14 20.00 20.33
CA ILE B 106 20.79 20.81 19.18
C ILE B 106 20.66 22.26 19.62
N LEU B 107 21.27 23.16 18.85
CA LEU B 107 21.09 24.61 19.02
C LEU B 107 20.43 25.16 17.77
N LEU B 108 19.35 25.92 17.96
CA LEU B 108 18.57 26.47 16.86
C LEU B 108 18.52 27.98 16.96
N PHE B 109 18.33 28.63 15.82
CA PHE B 109 18.24 30.09 15.76
C PHE B 109 16.80 30.53 15.97
N LYS B 110 16.65 31.67 16.64
CA LYS B 110 15.34 32.24 16.94
C LYS B 110 14.98 33.25 15.85
N GLU B 111 14.03 32.87 14.99
CA GLU B 111 13.53 33.78 13.97
C GLU B 111 13.05 35.08 14.62
N VAL B 112 13.20 36.18 13.90
CA VAL B 112 13.06 37.49 14.53
C VAL B 112 11.62 37.74 14.94
N GLU B 113 10.71 37.92 13.98
CA GLU B 113 9.28 37.95 14.32
C GLU B 113 8.45 36.91 13.56
N LEU B 114 8.24 37.10 12.25
CA LEU B 114 7.24 36.27 11.56
C LEU B 114 7.72 35.63 10.27
N ALA B 115 8.26 36.44 9.36
CA ALA B 115 8.35 36.03 7.96
C ALA B 115 9.30 34.87 7.75
N LEU B 116 10.28 34.71 8.64
CA LEU B 116 11.15 33.55 8.56
C LEU B 116 10.33 32.28 8.78
N GLY B 117 10.21 31.46 7.74
CA GLY B 117 9.47 30.22 7.80
C GLY B 117 10.09 29.21 8.74
N ILE B 118 11.12 29.63 9.46
CA ILE B 118 11.69 28.82 10.54
C ILE B 118 10.67 28.82 11.67
N ASN B 119 9.93 27.74 11.82
CA ASN B 119 9.10 27.58 13.02
C ASN B 119 9.97 26.91 14.09
N SER B 120 10.96 27.69 14.56
CA SER B 120 11.87 27.20 15.58
C SER B 120 11.11 26.78 16.83
N GLY B 121 9.97 27.39 17.10
CA GLY B 121 9.10 26.89 18.15
C GLY B 121 8.67 25.46 17.88
N TYR B 122 8.11 25.21 16.69
CA TYR B 122 7.69 23.86 16.33
C TYR B 122 8.88 22.92 16.20
N SER B 123 9.99 23.41 15.67
CA SER B 123 11.19 22.58 15.54
C SER B 123 11.65 22.10 16.91
N LYS B 124 11.77 23.03 17.87
CA LYS B 124 12.17 22.67 19.22
C LYS B 124 11.14 21.75 19.86
N ARG B 125 9.85 22.03 19.65
CA ARG B 125 8.80 21.19 20.22
C ARG B 125 8.93 19.75 19.74
N ALA B 126 9.04 19.55 18.43
CA ALA B 126 9.15 18.20 17.88
C ALA B 126 10.44 17.52 18.33
N LEU B 127 11.56 18.24 18.29
CA LEU B 127 12.83 17.63 18.65
C LEU B 127 12.86 17.22 20.11
N MET B 128 12.28 18.02 21.00
CA MET B 128 12.20 17.64 22.40
C MET B 128 11.18 16.53 22.63
N LEU B 129 10.07 16.53 21.88
CA LEU B 129 9.09 15.46 21.98
C LEU B 129 9.62 14.13 21.47
N LEU B 130 10.69 14.15 20.68
CA LEU B 130 11.29 12.92 20.18
C LEU B 130 11.70 12.00 21.34
N HIS B 131 12.64 12.45 22.15
CA HIS B 131 13.13 11.64 23.27
C HIS B 131 13.83 12.54 24.27
N PRO B 132 13.87 12.17 25.55
CA PRO B 132 14.58 12.99 26.54
C PRO B 132 16.03 13.27 26.18
N ASN B 133 16.72 12.30 25.57
CA ASN B 133 18.12 12.51 25.21
C ASN B 133 18.31 13.63 24.20
N ILE B 134 17.27 13.96 23.43
CA ILE B 134 17.34 15.07 22.47
C ILE B 134 17.04 16.36 23.23
N LYS B 135 18.07 17.16 23.46
CA LYS B 135 17.94 18.44 24.14
C LYS B 135 18.25 19.56 23.15
N VAL B 136 17.32 20.50 23.02
CA VAL B 136 17.41 21.58 22.05
C VAL B 136 17.28 22.92 22.77
N MET B 137 18.10 23.88 22.37
CA MET B 137 18.06 25.23 22.92
C MET B 137 18.01 26.24 21.78
N ARG B 138 17.22 27.29 21.96
CA ARG B 138 17.07 28.35 20.98
C ARG B 138 17.85 29.58 21.38
N HIS B 139 18.37 30.30 20.38
CA HIS B 139 19.17 31.50 20.62
C HIS B 139 19.17 32.32 19.35
N PRO B 140 19.22 33.67 19.45
CA PRO B 140 19.22 34.48 20.67
C PRO B 140 17.83 34.77 21.21
N ASP B 141 17.75 35.15 22.48
CA ASP B 141 16.49 35.56 23.09
C ASP B 141 16.29 37.08 23.10
N GLN B 142 17.37 37.84 22.97
CA GLN B 142 17.27 39.30 22.97
C GLN B 142 16.94 39.81 21.58
N VAL B 143 16.54 41.09 21.52
CA VAL B 143 16.16 41.74 20.27
C VAL B 143 17.46 42.22 19.60
N THR B 144 17.90 41.50 18.58
CA THR B 144 19.09 41.86 17.83
C THR B 144 18.82 41.71 16.35
N LEU B 145 19.60 42.45 15.55
CA LEU B 145 19.49 42.43 14.10
C LEU B 145 20.17 41.23 13.47
N TRP B 146 20.86 40.41 14.25
CA TRP B 146 21.76 39.38 13.73
C TRP B 146 21.21 38.00 14.02
N ALA B 147 21.92 36.99 13.54
CA ALA B 147 21.41 35.62 13.53
C ALA B 147 22.56 34.64 13.71
N HIS B 148 22.20 33.38 13.94
CA HIS B 148 23.14 32.25 13.96
C HIS B 148 22.92 31.49 12.66
N HIS B 149 23.83 31.68 11.70
CA HIS B 149 23.66 31.14 10.36
C HIS B 149 24.54 29.93 10.07
N GLU B 150 25.46 29.58 10.97
CA GLU B 150 26.37 28.48 10.66
C GLU B 150 25.66 27.14 10.84
N LYS B 151 26.00 26.19 9.96
CA LYS B 151 25.37 24.88 9.90
C LYS B 151 26.41 23.82 10.21
N LEU B 152 26.07 22.87 11.07
CA LEU B 152 27.05 21.91 11.53
C LEU B 152 26.36 20.67 12.11
N LEU B 153 26.94 19.51 11.83
CA LEU B 153 26.51 18.26 12.46
C LEU B 153 27.74 17.42 12.75
N VAL B 154 27.99 17.16 14.04
CA VAL B 154 29.17 16.43 14.49
C VAL B 154 28.73 15.13 15.13
N VAL B 155 29.34 14.03 14.69
CA VAL B 155 29.07 12.70 15.22
C VAL B 155 30.29 12.26 16.03
N ASP B 156 30.04 11.93 17.31
CA ASP B 156 31.05 11.39 18.22
C ASP B 156 32.27 12.29 18.33
N GLN B 157 32.09 13.59 18.08
CA GLN B 157 33.18 14.57 18.08
C GLN B 157 34.32 14.13 17.15
N VAL B 158 34.01 13.28 16.17
CA VAL B 158 35.03 12.78 15.25
C VAL B 158 34.65 12.95 13.79
N VAL B 159 33.37 13.10 13.43
CA VAL B 159 32.97 13.33 12.05
C VAL B 159 32.18 14.63 11.99
N ALA B 160 32.68 15.60 11.22
CA ALA B 160 32.06 16.92 11.16
C ALA B 160 31.56 17.20 9.76
N PHE B 161 30.25 17.39 9.62
CA PHE B 161 29.63 17.83 8.39
C PHE B 161 29.30 19.31 8.50
N LEU B 162 29.76 20.10 7.52
CA LEU B 162 29.48 21.52 7.55
C LEU B 162 29.49 22.06 6.12
N GLY B 163 28.80 23.19 5.95
CA GLY B 163 28.69 23.83 4.66
C GLY B 163 27.54 24.84 4.67
N GLY B 164 27.01 25.08 3.49
CA GLY B 164 25.87 25.96 3.34
C GLY B 164 24.51 25.28 3.42
N LEU B 165 24.47 24.01 3.79
CA LEU B 165 23.25 23.22 3.75
C LEU B 165 22.59 23.19 5.12
N ASP B 166 21.30 23.50 5.15
CA ASP B 166 20.47 23.35 6.35
C ASP B 166 19.63 22.08 6.23
N LEU B 167 19.42 21.40 7.36
CA LEU B 167 18.59 20.21 7.40
C LEU B 167 17.10 20.60 7.49
N ALA B 168 16.66 21.30 6.45
CA ALA B 168 15.30 21.85 6.38
C ALA B 168 14.63 21.45 5.07
N TYR B 169 13.52 22.09 4.75
CA TYR B 169 12.86 21.85 3.47
C TYR B 169 13.51 22.67 2.35
N GLY B 170 13.55 22.09 1.16
CA GLY B 170 13.91 22.81 -0.05
C GLY B 170 15.37 22.82 -0.44
N ARG B 171 16.26 22.22 0.36
CA ARG B 171 17.68 22.18 0.02
C ARG B 171 18.08 20.89 -0.70
N TRP B 172 17.27 19.85 -0.64
CA TRP B 172 17.60 18.60 -1.31
C TRP B 172 17.48 18.75 -2.81
N ASP B 173 18.50 18.30 -3.54
CA ASP B 173 18.49 18.31 -5.00
C ASP B 173 19.65 17.45 -5.47
N ASP B 174 19.74 17.27 -6.79
CA ASP B 174 20.78 16.44 -7.39
C ASP B 174 21.21 17.09 -8.71
N LEU B 175 21.94 16.33 -9.53
CA LEU B 175 22.42 16.85 -10.80
C LEU B 175 21.28 17.22 -11.74
N HIS B 176 20.14 16.54 -11.62
CA HIS B 176 19.04 16.76 -12.55
C HIS B 176 18.33 18.09 -12.32
N TYR B 177 18.24 18.53 -11.06
CA TYR B 177 17.54 19.76 -10.69
C TYR B 177 16.11 19.76 -11.25
N ARG B 178 15.37 18.72 -10.87
CA ARG B 178 14.03 18.52 -11.40
C ARG B 178 13.11 19.67 -11.00
N LEU B 179 12.33 20.17 -11.96
CA LEU B 179 11.34 21.19 -11.71
C LEU B 179 9.94 20.62 -11.45
N THR B 180 9.74 19.33 -11.69
CA THR B 180 8.43 18.71 -11.55
C THR B 180 8.54 17.48 -10.66
N ASP B 181 7.53 17.31 -9.80
CA ASP B 181 7.41 16.15 -8.93
C ASP B 181 6.00 15.58 -9.03
N LEU B 182 5.49 15.47 -10.26
CA LEU B 182 4.12 15.01 -10.46
C LEU B 182 3.96 13.54 -10.08
N GLY B 183 4.98 12.72 -10.32
CA GLY B 183 4.93 11.31 -9.99
C GLY B 183 3.90 10.54 -10.78
N LEU B 206 3.10 4.66 1.46
CA LEU B 206 4.41 5.30 1.33
C LEU B 206 5.41 4.34 0.70
N SER B 207 5.12 3.04 0.79
CA SER B 207 6.04 2.03 0.28
C SER B 207 6.19 2.08 -1.24
N HIS B 208 5.28 2.75 -1.95
CA HIS B 208 5.38 2.91 -3.40
C HIS B 208 5.37 4.38 -3.79
N ASN B 209 5.93 5.24 -2.94
CA ASN B 209 5.94 6.67 -3.20
C ASN B 209 7.06 7.03 -4.16
N GLN B 210 6.75 7.86 -5.15
CA GLN B 210 7.73 8.35 -6.10
C GLN B 210 7.90 9.87 -6.03
N PHE B 211 7.51 10.47 -4.91
CA PHE B 211 7.67 11.90 -4.70
C PHE B 211 8.98 12.16 -3.97
N PHE B 212 9.90 12.88 -4.62
CA PHE B 212 11.16 13.23 -3.97
C PHE B 212 10.97 14.33 -2.93
N TRP B 213 10.05 15.26 -3.18
CA TRP B 213 9.73 16.34 -2.25
C TRP B 213 8.26 16.20 -1.88
N LEU B 214 8.00 15.48 -0.79
CA LEU B 214 6.63 15.21 -0.35
C LEU B 214 6.21 16.26 0.67
N GLY B 215 5.20 17.04 0.33
CA GLY B 215 4.66 18.03 1.25
C GLY B 215 5.40 19.34 1.16
N LYS B 216 5.90 19.82 2.31
CA LYS B 216 6.53 21.14 2.35
C LYS B 216 7.88 21.17 1.64
N ASP B 217 8.49 20.02 1.36
CA ASP B 217 9.75 20.03 0.63
C ASP B 217 9.57 20.57 -0.78
N TYR B 218 8.41 20.33 -1.38
CA TYR B 218 8.09 20.88 -2.70
C TYR B 218 7.78 22.35 -2.53
N SER B 219 8.66 23.22 -3.02
CA SER B 219 8.51 24.64 -2.78
C SER B 219 9.16 25.44 -3.89
N ASN B 220 8.71 26.69 -4.03
CA ASN B 220 9.35 27.70 -4.86
C ASN B 220 9.34 28.98 -4.04
N LEU B 221 10.48 29.31 -3.43
CA LEU B 221 10.51 30.35 -2.42
C LEU B 221 10.12 31.71 -2.99
N ILE B 222 10.62 32.05 -4.19
CA ILE B 222 10.31 33.34 -4.77
C ILE B 222 8.82 33.44 -5.10
N THR B 223 8.17 32.31 -5.36
CA THR B 223 6.74 32.32 -5.65
C THR B 223 5.92 32.39 -4.36
N LYS B 224 6.21 31.50 -3.41
CA LYS B 224 5.48 31.48 -2.14
C LYS B 224 6.40 30.97 -1.04
N ASP B 225 6.37 31.65 0.10
CA ASP B 225 7.16 31.23 1.26
C ASP B 225 6.47 30.05 1.95
N TRP B 226 7.24 29.36 2.79
CA TRP B 226 6.69 28.23 3.53
C TRP B 226 5.60 28.69 4.50
N VAL B 227 4.61 27.82 4.69
CA VAL B 227 3.50 28.10 5.59
C VAL B 227 3.00 26.77 6.15
N GLN B 228 2.49 26.83 7.38
CA GLN B 228 1.93 25.68 8.08
C GLN B 228 2.97 24.56 8.21
N LEU B 229 4.10 24.90 8.83
CA LEU B 229 5.14 23.90 9.08
C LEU B 229 4.70 22.84 10.07
N ASP B 230 3.70 23.14 10.91
CA ASP B 230 3.17 22.13 11.82
C ASP B 230 2.50 20.98 11.06
N ARG B 231 2.01 21.25 9.86
CA ARG B 231 1.50 20.21 8.98
C ARG B 231 2.55 19.94 7.90
N PRO B 232 3.45 18.97 8.12
CA PRO B 232 4.57 18.82 7.18
C PRO B 232 4.18 18.19 5.86
N PHE B 233 3.29 17.21 5.86
CA PHE B 233 2.91 16.50 4.64
C PHE B 233 1.73 17.18 3.94
N GLU B 234 1.86 18.48 3.69
CA GLU B 234 0.83 19.25 3.01
C GLU B 234 1.49 20.18 2.01
N ASP B 235 1.12 20.04 0.74
CA ASP B 235 1.66 20.90 -0.32
C ASP B 235 0.98 22.26 -0.24
N PHE B 236 1.75 23.29 0.11
CA PHE B 236 1.22 24.64 0.13
C PHE B 236 1.16 25.27 -1.25
N ILE B 237 1.68 24.58 -2.28
CA ILE B 237 1.54 24.99 -3.67
C ILE B 237 1.08 23.80 -4.48
N ASP B 238 0.71 24.06 -5.73
CA ASP B 238 0.19 23.03 -6.62
C ASP B 238 1.33 22.41 -7.44
N ARG B 239 1.41 21.08 -7.42
CA ARG B 239 2.45 20.38 -8.16
C ARG B 239 2.25 20.44 -9.67
N GLU B 240 1.03 20.72 -10.12
CA GLU B 240 0.73 20.71 -11.55
C GLU B 240 0.94 22.06 -12.22
N THR B 241 0.65 23.16 -11.51
CA THR B 241 0.73 24.49 -12.08
C THR B 241 2.04 25.21 -11.76
N THR B 242 2.51 25.13 -10.51
CA THR B 242 3.70 25.87 -10.11
C THR B 242 4.90 24.94 -10.05
N PRO B 243 6.01 25.29 -10.71
CA PRO B 243 7.21 24.46 -10.66
C PRO B 243 7.98 24.68 -9.36
N ARG B 244 9.12 24.01 -9.27
CA ARG B 244 10.00 24.11 -8.11
C ARG B 244 11.13 25.09 -8.37
N MET B 245 11.85 25.41 -7.29
CA MET B 245 13.08 26.18 -7.40
C MET B 245 14.26 25.27 -7.08
N PRO B 246 15.12 24.96 -8.05
CA PRO B 246 16.26 24.09 -7.77
C PRO B 246 17.19 24.70 -6.74
N TRP B 247 17.79 23.84 -5.92
CA TRP B 247 18.70 24.25 -4.86
C TRP B 247 20.09 23.71 -5.17
N ARG B 248 21.06 24.61 -5.28
CA ARG B 248 22.46 24.24 -5.43
C ARG B 248 23.22 24.63 -4.17
N ASP B 249 23.93 23.67 -3.59
CA ASP B 249 24.64 23.90 -2.35
C ASP B 249 25.92 23.07 -2.34
N VAL B 250 26.89 23.51 -1.54
CA VAL B 250 28.17 22.84 -1.40
C VAL B 250 28.44 22.61 0.07
N GLY B 251 28.74 21.35 0.42
CA GLY B 251 29.09 20.99 1.78
C GLY B 251 30.35 20.13 1.80
N VAL B 252 30.75 19.76 3.01
CA VAL B 252 31.98 19.00 3.20
C VAL B 252 31.89 18.20 4.49
N VAL B 253 32.61 17.08 4.52
CA VAL B 253 32.76 16.25 5.71
C VAL B 253 34.24 16.12 6.02
N VAL B 254 34.59 16.27 7.30
CA VAL B 254 35.96 16.19 7.78
C VAL B 254 36.00 15.18 8.92
N HIS B 255 37.16 14.56 9.11
CA HIS B 255 37.36 13.57 10.15
C HIS B 255 38.57 13.92 11.00
N GLY B 256 38.48 13.66 12.29
CA GLY B 256 39.63 13.80 13.16
C GLY B 256 39.71 15.11 13.93
N LEU B 257 40.92 15.66 14.01
CA LEU B 257 41.15 16.87 14.80
C LEU B 257 40.29 18.05 14.39
N PRO B 258 40.10 18.37 13.10
CA PRO B 258 39.17 19.46 12.76
C PRO B 258 37.76 19.21 13.27
N ALA B 259 37.32 17.96 13.26
CA ALA B 259 36.02 17.63 13.85
C ALA B 259 36.02 17.90 15.34
N ARG B 260 37.15 17.63 16.01
CA ARG B 260 37.27 17.96 17.43
C ARG B 260 37.18 19.47 17.64
N ASP B 261 37.79 20.26 16.75
CA ASP B 261 37.69 21.71 16.86
C ASP B 261 36.26 22.20 16.67
N LEU B 262 35.55 21.62 15.70
CA LEU B 262 34.15 21.97 15.50
C LEU B 262 33.31 21.59 16.71
N ALA B 263 33.59 20.44 17.30
CA ALA B 263 32.90 20.02 18.52
C ALA B 263 33.19 20.99 19.67
N ARG B 264 34.43 21.48 19.76
CA ARG B 264 34.76 22.46 20.77
C ARG B 264 33.99 23.76 20.55
N HIS B 265 33.86 24.19 19.29
CA HIS B 265 33.06 25.37 18.99
C HIS B 265 31.61 25.16 19.41
N PHE B 266 31.05 24.00 19.10
CA PHE B 266 29.67 23.70 19.50
C PHE B 266 29.53 23.69 21.02
N ILE B 267 30.52 23.13 21.73
CA ILE B 267 30.47 23.06 23.18
C ILE B 267 30.53 24.45 23.78
N GLN B 268 31.38 25.32 23.22
CA GLN B 268 31.44 26.70 23.68
C GLN B 268 30.11 27.41 23.46
N ARG B 269 29.49 27.21 22.29
CA ARG B 269 28.19 27.81 22.02
C ARG B 269 27.14 27.31 23.01
N TRP B 270 27.12 26.00 23.28
CA TRP B 270 26.14 25.43 24.20
C TRP B 270 26.33 25.95 25.61
N ASN B 271 27.59 26.03 26.06
CA ASN B 271 27.87 26.53 27.40
C ASN B 271 27.48 28.00 27.53
N PHE B 272 27.77 28.80 26.50
CA PHE B 272 27.37 30.20 26.52
C PHE B 272 25.85 30.34 26.56
N THR B 273 25.14 29.54 25.76
CA THR B 273 23.68 29.62 25.73
C THR B 273 23.07 29.16 27.04
N LYS B 274 23.71 28.22 27.74
CA LYS B 274 23.21 27.79 29.04
C LYS B 274 23.23 28.93 30.04
N THR B 275 24.28 29.74 30.03
CA THR B 275 24.40 30.88 30.94
C THR B 275 23.59 32.09 30.49
N THR B 276 23.06 32.08 29.27
CA THR B 276 22.28 33.22 28.78
C THR B 276 20.92 33.33 29.44
N LYS B 277 20.43 32.24 30.03
CA LYS B 277 19.14 32.25 30.71
C LYS B 277 19.14 31.29 31.90
N GLY B 306 37.52 11.11 2.66
CA GLY B 306 37.45 11.26 1.22
C GLY B 306 38.83 11.33 0.60
N GLN B 307 39.49 12.47 0.79
CA GLN B 307 40.83 12.69 0.27
C GLN B 307 41.70 13.29 1.36
N CYS B 308 42.98 12.92 1.35
CA CYS B 308 43.92 13.46 2.33
C CYS B 308 44.19 14.92 2.03
N THR B 309 44.09 15.76 3.06
CA THR B 309 44.26 17.19 2.91
C THR B 309 44.54 17.81 4.27
N THR B 310 44.93 19.08 4.25
CA THR B 310 45.13 19.87 5.47
C THR B 310 43.90 20.74 5.67
N VAL B 311 43.21 20.55 6.80
CA VAL B 311 41.95 21.22 7.09
C VAL B 311 42.16 22.17 8.25
N GLN B 312 41.75 23.42 8.07
CA GLN B 312 41.76 24.41 9.14
C GLN B 312 40.34 24.92 9.37
N VAL B 313 39.97 25.06 10.64
CA VAL B 313 38.64 25.49 11.02
C VAL B 313 38.65 27.00 11.24
N LEU B 314 37.77 27.71 10.55
CA LEU B 314 37.65 29.15 10.68
C LEU B 314 36.20 29.49 11.05
N ARG B 315 36.02 30.59 11.77
CA ARG B 315 34.70 30.94 12.23
C ARG B 315 34.58 32.46 12.37
N SER B 316 33.33 32.91 12.49
CA SER B 316 32.99 34.31 12.70
C SER B 316 32.00 34.37 13.86
N VAL B 317 32.50 34.70 15.06
CA VAL B 317 31.70 34.74 16.26
C VAL B 317 31.94 36.05 16.98
N ASP B 318 31.03 36.39 17.89
CA ASP B 318 31.10 37.62 18.67
C ASP B 318 30.74 37.30 20.11
N ARG B 319 30.97 38.29 20.99
CA ARG B 319 30.61 38.14 22.39
C ARG B 319 29.14 37.82 22.57
N TRP B 320 28.28 38.34 21.68
CA TRP B 320 26.87 37.97 21.72
C TRP B 320 26.65 36.54 21.24
N SER B 321 27.47 36.08 20.29
CA SER B 321 27.32 34.72 19.76
C SER B 321 27.97 33.71 20.70
N ALA B 322 29.27 33.85 20.95
CA ALA B 322 30.00 32.95 21.84
C ALA B 322 30.73 33.77 22.89
N GLY B 323 31.62 33.12 23.64
CA GLY B 323 32.38 33.79 24.67
C GLY B 323 33.63 34.51 24.22
N THR B 324 33.90 34.56 22.92
CA THR B 324 35.11 35.16 22.40
C THR B 324 34.78 35.94 21.13
N LEU B 325 35.82 36.56 20.55
CA LEU B 325 35.71 37.34 19.32
C LEU B 325 36.64 36.74 18.28
N GLU B 326 36.14 36.57 17.06
CA GLU B 326 36.93 35.99 15.99
C GLU B 326 36.25 36.24 14.65
N ASN B 327 37.04 36.60 13.64
CA ASN B 327 36.58 36.82 12.26
C ASN B 327 37.54 36.15 11.29
N SER B 328 37.86 34.89 11.57
CA SER B 328 38.94 34.21 10.87
C SER B 328 38.61 33.94 9.40
N ILE B 329 37.33 33.71 9.06
CA ILE B 329 37.00 33.37 7.68
C ILE B 329 37.28 34.55 6.76
N LEU B 330 37.07 35.78 7.22
CA LEU B 330 37.38 36.95 6.40
C LEU B 330 38.88 37.04 6.12
N ASN B 331 39.70 36.79 7.15
CA ASN B 331 41.15 36.81 6.96
C ASN B 331 41.58 35.71 6.00
N ALA B 332 40.97 34.52 6.11
CA ALA B 332 41.29 33.44 5.18
C ALA B 332 40.91 33.80 3.75
N TYR B 333 39.74 34.41 3.57
CA TYR B 333 39.34 34.86 2.24
C TYR B 333 40.35 35.85 1.68
N LEU B 334 40.73 36.85 2.48
CA LEU B 334 41.67 37.87 2.01
C LEU B 334 43.02 37.26 1.67
N HIS B 335 43.53 36.38 2.51
CA HIS B 335 44.82 35.76 2.24
C HIS B 335 44.78 34.89 0.99
N THR B 336 43.69 34.13 0.82
CA THR B 336 43.57 33.27 -0.36
C THR B 336 43.48 34.10 -1.63
N ILE B 337 42.75 35.21 -1.60
CA ILE B 337 42.67 36.08 -2.78
C ILE B 337 44.02 36.71 -3.08
N ARG B 338 44.71 37.20 -2.04
CA ARG B 338 46.03 37.81 -2.25
C ARG B 338 47.05 36.80 -2.75
N GLU B 339 47.05 35.60 -2.17
CA GLU B 339 48.01 34.56 -2.55
C GLU B 339 47.60 33.81 -3.81
N SER B 340 46.42 34.09 -4.37
CA SER B 340 46.00 33.43 -5.59
C SER B 340 46.94 33.78 -6.74
N GLN B 341 47.16 32.81 -7.61
CA GLN B 341 48.11 32.98 -8.71
C GLN B 341 47.49 32.80 -10.09
N HIS B 342 46.52 31.89 -10.24
CA HIS B 342 46.00 31.58 -11.57
C HIS B 342 44.53 31.93 -11.74
N PHE B 343 43.65 31.45 -10.86
CA PHE B 343 42.23 31.70 -11.04
C PHE B 343 41.52 31.67 -9.70
N LEU B 344 40.28 32.20 -9.70
CA LEU B 344 39.44 32.23 -8.52
C LEU B 344 38.01 31.92 -8.96
N TYR B 345 37.40 30.91 -8.35
CA TYR B 345 36.06 30.46 -8.68
C TYR B 345 35.20 30.54 -7.42
N ILE B 346 34.22 31.45 -7.42
CA ILE B 346 33.42 31.73 -6.24
C ILE B 346 31.97 31.37 -6.53
N GLU B 347 31.38 30.55 -5.66
CA GLU B 347 29.94 30.33 -5.64
C GLU B 347 29.43 30.79 -4.28
N ASN B 348 28.77 31.94 -4.25
CA ASN B 348 28.25 32.49 -3.01
C ASN B 348 26.84 33.03 -3.23
N GLN B 349 26.02 32.92 -2.18
CA GLN B 349 24.66 33.42 -2.23
C GLN B 349 24.62 34.95 -2.33
N PHE B 350 25.44 35.62 -1.54
CA PHE B 350 25.48 37.08 -1.49
C PHE B 350 26.90 37.57 -1.75
N PHE B 351 27.03 38.59 -2.60
CA PHE B 351 28.33 39.16 -2.96
C PHE B 351 28.26 40.67 -2.75
N ILE B 352 28.53 41.11 -1.53
CA ILE B 352 28.53 42.52 -1.17
C ILE B 352 29.90 42.84 -0.56
N SER B 353 30.62 43.76 -1.19
CA SER B 353 32.00 44.05 -0.84
C SER B 353 32.28 45.51 -1.17
N CYS B 354 33.57 45.85 -1.34
CA CYS B 354 34.02 47.19 -1.71
C CYS B 354 33.65 48.21 -0.63
N SER B 355 34.30 48.02 0.52
CA SER B 355 34.17 48.93 1.67
C SER B 355 34.26 50.38 1.25
N ASP B 356 33.22 51.15 1.58
CA ASP B 356 33.15 52.57 1.25
C ASP B 356 32.66 53.37 2.46
N GLY B 357 33.23 53.09 3.63
CA GLY B 357 32.89 53.83 4.83
C GLY B 357 32.20 53.01 5.89
N ARG B 358 30.92 53.30 6.13
CA ARG B 358 30.15 52.64 7.18
C ARG B 358 29.11 51.66 6.68
N THR B 359 28.56 51.88 5.48
CA THR B 359 27.56 50.96 4.94
C THR B 359 28.14 49.58 4.71
N VAL B 360 29.14 49.48 3.85
CA VAL B 360 29.85 48.22 3.58
C VAL B 360 31.28 48.37 4.08
N LEU B 361 31.78 47.34 4.77
CA LEU B 361 33.07 47.42 5.43
C LEU B 361 34.07 46.36 5.01
N ASN B 362 33.63 45.23 4.44
CA ASN B 362 34.57 44.19 4.04
C ASN B 362 35.29 44.59 2.76
N LYS B 363 36.51 44.07 2.60
CA LYS B 363 37.38 44.45 1.50
C LYS B 363 37.77 43.26 0.63
N VAL B 364 36.90 42.24 0.57
CA VAL B 364 37.18 41.08 -0.27
C VAL B 364 37.20 41.47 -1.75
N GLY B 365 36.19 42.23 -2.18
CA GLY B 365 36.16 42.69 -3.55
C GLY B 365 37.31 43.63 -3.89
N ASP B 366 37.74 44.43 -2.90
CA ASP B 366 38.92 45.26 -3.10
C ASP B 366 40.15 44.40 -3.38
N GLU B 367 40.30 43.31 -2.64
CA GLU B 367 41.43 42.41 -2.88
C GLU B 367 41.31 41.73 -4.24
N ILE B 368 40.09 41.37 -4.64
CA ILE B 368 39.87 40.75 -5.95
C ILE B 368 40.30 41.70 -7.05
N VAL B 369 39.83 42.95 -6.99
CA VAL B 369 40.18 43.91 -8.04
C VAL B 369 41.66 44.26 -7.99
N ASP B 370 42.26 44.29 -6.80
CA ASP B 370 43.69 44.53 -6.70
C ASP B 370 44.48 43.41 -7.38
N ARG B 371 44.07 42.15 -7.16
CA ARG B 371 44.75 41.05 -7.81
C ARG B 371 44.58 41.10 -9.32
N ILE B 372 43.38 41.48 -9.78
CA ILE B 372 43.15 41.60 -11.23
C ILE B 372 44.03 42.69 -11.83
N LEU B 373 44.11 43.84 -11.17
CA LEU B 373 44.94 44.93 -11.66
C LEU B 373 46.42 44.54 -11.67
N LYS B 374 46.86 43.84 -10.63
CA LYS B 374 48.25 43.38 -10.58
C LYS B 374 48.53 42.35 -11.68
N ALA B 375 47.55 41.49 -11.97
CA ALA B 375 47.71 40.54 -13.06
C ALA B 375 47.83 41.26 -14.41
N HIS B 376 47.02 42.30 -14.62
CA HIS B 376 47.16 43.09 -15.84
C HIS B 376 48.52 43.78 -15.89
N LYS B 377 48.99 44.30 -14.75
CA LYS B 377 50.28 44.96 -14.71
C LYS B 377 51.42 43.98 -15.05
N GLN B 378 51.35 42.76 -14.52
CA GLN B 378 52.38 41.77 -14.76
C GLN B 378 52.17 40.99 -16.06
N GLY B 379 51.05 41.18 -16.73
CA GLY B 379 50.78 40.48 -17.97
C GLY B 379 50.64 38.98 -17.80
N TRP B 380 50.20 38.53 -16.62
CA TRP B 380 50.02 37.11 -16.35
C TRP B 380 48.55 36.74 -16.45
N CYS B 381 48.27 35.57 -17.02
CA CYS B 381 46.89 35.12 -17.19
C CYS B 381 46.25 34.90 -15.82
N TYR B 382 45.06 35.46 -15.64
CA TYR B 382 44.33 35.35 -14.38
C TYR B 382 42.84 35.49 -14.66
N ARG B 383 42.05 34.58 -14.09
CA ARG B 383 40.62 34.55 -14.31
C ARG B 383 39.89 34.59 -12.97
N VAL B 384 38.66 35.10 -13.00
CA VAL B 384 37.80 35.15 -11.82
C VAL B 384 36.40 34.73 -12.25
N TYR B 385 35.94 33.57 -11.77
CA TYR B 385 34.58 33.11 -12.02
C TYR B 385 33.75 33.34 -10.77
N VAL B 386 32.66 34.09 -10.92
CA VAL B 386 31.75 34.37 -9.80
C VAL B 386 30.35 33.95 -10.24
N LEU B 387 29.74 33.04 -9.49
CA LEU B 387 28.39 32.58 -9.74
C LEU B 387 27.46 33.05 -8.62
N LEU B 388 26.39 33.74 -8.98
CA LEU B 388 25.42 34.24 -8.03
C LEU B 388 24.02 33.77 -8.41
N PRO B 389 23.13 33.63 -7.42
CA PRO B 389 21.72 33.44 -7.74
C PRO B 389 21.18 34.68 -8.45
N LEU B 390 20.26 34.45 -9.40
CA LEU B 390 19.72 35.57 -10.16
C LEU B 390 18.87 36.49 -9.27
N LEU B 391 18.17 35.92 -8.31
CA LEU B 391 17.33 36.69 -7.41
C LEU B 391 17.58 36.28 -5.96
N PRO B 392 17.44 37.21 -5.02
CA PRO B 392 17.55 36.84 -3.60
C PRO B 392 16.45 35.86 -3.21
N GLY B 393 16.80 34.98 -2.27
CA GLY B 393 15.87 33.94 -1.83
C GLY B 393 14.77 34.45 -0.94
N PHE B 394 13.90 35.31 -1.48
CA PHE B 394 12.76 35.83 -0.74
C PHE B 394 11.52 35.82 -1.64
N GLU B 395 10.36 35.71 -1.01
CA GLU B 395 9.11 35.72 -1.76
C GLU B 395 8.84 37.12 -2.31
N GLY B 396 8.57 37.19 -3.61
CA GLY B 396 8.30 38.46 -4.26
C GLY B 396 8.07 38.33 -5.75
N ASP B 397 7.07 39.03 -6.26
CA ASP B 397 6.77 39.01 -7.70
C ASP B 397 7.81 39.87 -8.42
N ILE B 398 8.67 39.22 -9.20
CA ILE B 398 9.69 39.95 -9.94
C ILE B 398 9.05 40.85 -11.00
N SER B 399 7.92 40.43 -11.57
CA SER B 399 7.26 41.21 -12.60
C SER B 399 6.65 42.49 -12.06
N THR B 400 6.49 42.61 -10.74
CA THR B 400 5.95 43.82 -10.12
C THR B 400 7.04 44.74 -9.58
N GLY B 401 8.31 44.39 -9.77
CA GLY B 401 9.41 45.16 -9.23
C GLY B 401 10.07 44.58 -8.01
N GLY B 402 10.09 43.26 -7.87
CA GLY B 402 10.70 42.66 -6.69
C GLY B 402 9.89 42.97 -5.44
N GLY B 403 10.58 43.39 -4.39
CA GLY B 403 9.93 43.72 -3.13
C GLY B 403 10.73 44.74 -2.38
N ASN B 404 10.87 44.55 -1.07
CA ASN B 404 11.65 45.45 -0.22
C ASN B 404 13.03 44.87 0.08
N SER B 405 13.07 43.66 0.66
CA SER B 405 14.35 43.00 0.93
C SER B 405 15.07 42.66 -0.37
N ILE B 406 14.32 42.16 -1.37
CA ILE B 406 14.92 41.81 -2.65
C ILE B 406 15.54 43.04 -3.30
N GLN B 407 14.83 44.17 -3.26
CA GLN B 407 15.34 45.39 -3.87
C GLN B 407 16.61 45.86 -3.18
N ALA B 408 16.65 45.80 -1.85
CA ALA B 408 17.85 46.23 -1.13
C ALA B 408 19.04 45.32 -1.43
N ILE B 409 18.80 44.00 -1.42
CA ILE B 409 19.89 43.07 -1.70
C ILE B 409 20.43 43.27 -3.11
N LEU B 410 19.52 43.43 -4.09
CA LEU B 410 19.96 43.67 -5.46
C LEU B 410 20.69 45.01 -5.58
N HIS B 411 20.24 46.02 -4.85
CA HIS B 411 20.90 47.32 -4.87
C HIS B 411 22.34 47.20 -4.38
N PHE B 412 22.53 46.53 -3.25
CA PHE B 412 23.89 46.38 -2.73
C PHE B 412 24.75 45.48 -3.62
N THR B 413 24.15 44.43 -4.21
CA THR B 413 24.89 43.56 -5.11
C THR B 413 25.36 44.32 -6.34
N TYR B 414 24.49 45.15 -6.92
CA TYR B 414 24.87 45.93 -8.09
C TYR B 414 25.86 47.03 -7.73
N ARG B 415 25.74 47.60 -6.53
CA ARG B 415 26.74 48.57 -6.07
C ARG B 415 28.11 47.93 -5.94
N THR B 416 28.15 46.67 -5.49
CA THR B 416 29.41 45.95 -5.41
C THR B 416 29.92 45.50 -6.77
N LEU B 417 29.02 45.25 -7.73
CA LEU B 417 29.41 44.68 -9.01
C LEU B 417 29.67 45.74 -10.07
N CYS B 418 28.65 46.53 -10.43
CA CYS B 418 28.78 47.44 -11.56
C CYS B 418 28.24 48.84 -11.33
N ARG B 419 27.52 49.11 -10.24
CA ARG B 419 26.90 50.40 -10.01
C ARG B 419 27.75 51.23 -9.06
N GLY B 420 28.02 52.47 -9.46
CA GLY B 420 28.77 53.39 -8.62
C GLY B 420 30.22 53.51 -9.03
N GLU B 421 30.99 54.16 -8.16
CA GLU B 421 32.42 54.35 -8.37
C GLU B 421 33.28 53.33 -7.64
N TYR B 422 32.78 52.72 -6.58
CA TYR B 422 33.50 51.67 -5.87
C TYR B 422 33.21 50.29 -6.42
N SER B 423 32.37 50.18 -7.44
CA SER B 423 32.04 48.89 -8.03
C SER B 423 33.25 48.29 -8.71
N ILE B 424 33.29 46.95 -8.76
CA ILE B 424 34.42 46.25 -9.34
C ILE B 424 34.54 46.56 -10.83
N LEU B 425 33.40 46.55 -11.55
CA LEU B 425 33.44 46.74 -12.99
C LEU B 425 33.95 48.13 -13.36
N HIS B 426 33.48 49.16 -12.66
CA HIS B 426 33.93 50.53 -12.95
C HIS B 426 35.42 50.69 -12.69
N ARG B 427 35.90 50.15 -11.56
CA ARG B 427 37.31 50.27 -11.22
C ARG B 427 38.18 49.52 -12.23
N LEU B 428 37.74 48.33 -12.66
CA LEU B 428 38.48 47.61 -13.68
C LEU B 428 38.45 48.35 -15.02
N LYS B 429 37.30 48.92 -15.37
CA LYS B 429 37.17 49.60 -16.66
C LYS B 429 38.06 50.82 -16.74
N ALA B 430 38.01 51.69 -15.72
CA ALA B 430 38.78 52.93 -15.71
C ALA B 430 40.28 52.70 -15.82
N ALA B 431 40.74 51.46 -15.73
CA ALA B 431 42.15 51.13 -15.87
C ALA B 431 42.47 50.24 -17.06
N MET B 432 41.52 49.42 -17.52
CA MET B 432 41.82 48.44 -18.57
C MET B 432 40.97 48.58 -19.83
N GLY B 433 40.05 49.53 -19.90
CA GLY B 433 39.16 49.54 -21.05
C GLY B 433 38.17 48.39 -21.01
N THR B 434 37.84 47.88 -22.19
CA THR B 434 36.89 46.79 -22.34
C THR B 434 37.50 45.42 -22.02
N ALA B 435 38.70 45.38 -21.46
CA ALA B 435 39.37 44.13 -21.13
C ALA B 435 38.81 43.45 -19.89
N TRP B 436 37.86 44.08 -19.19
CA TRP B 436 37.31 43.49 -17.98
C TRP B 436 36.64 42.16 -18.24
N ARG B 437 36.12 41.95 -19.46
CA ARG B 437 35.48 40.69 -19.80
C ARG B 437 36.48 39.54 -19.89
N ASP B 438 37.78 39.85 -19.98
CA ASP B 438 38.82 38.83 -20.10
C ASP B 438 39.43 38.44 -18.76
N TYR B 439 38.95 39.00 -17.65
CA TYR B 439 39.54 38.72 -16.34
C TYR B 439 38.49 38.24 -15.34
N ILE B 440 37.25 38.70 -15.50
CA ILE B 440 36.17 38.35 -14.58
C ILE B 440 34.95 37.92 -15.38
N SER B 441 34.09 37.14 -14.75
CA SER B 441 32.87 36.65 -15.38
C SER B 441 31.85 36.35 -14.29
N ILE B 442 30.84 37.22 -14.16
CA ILE B 442 29.77 37.03 -13.19
C ILE B 442 28.57 36.45 -13.92
N CYS B 443 28.07 35.32 -13.44
CA CYS B 443 26.97 34.61 -14.10
C CYS B 443 26.09 33.97 -13.04
N GLY B 444 25.20 33.10 -13.48
CA GLY B 444 24.28 32.40 -12.62
C GLY B 444 23.74 31.17 -13.33
N LEU B 445 22.75 30.55 -12.71
CA LEU B 445 22.22 29.28 -13.20
C LEU B 445 20.71 29.35 -13.37
N ARG B 446 20.22 28.69 -14.43
CA ARG B 446 18.80 28.59 -14.71
C ARG B 446 18.56 27.29 -15.47
N THR B 447 17.45 26.62 -15.18
CA THR B 447 17.11 25.34 -15.80
C THR B 447 15.71 25.43 -16.38
N HIS B 448 15.43 24.49 -17.29
CA HIS B 448 14.17 24.46 -18.03
C HIS B 448 13.61 23.04 -18.06
N GLY B 449 12.29 22.94 -17.96
CA GLY B 449 11.58 21.67 -18.04
C GLY B 449 10.21 21.83 -18.66
N GLU B 450 9.35 20.82 -18.51
CA GLU B 450 8.01 20.83 -19.07
C GLU B 450 6.98 20.71 -17.96
N LEU B 451 5.93 21.53 -18.03
CA LEU B 451 4.85 21.48 -17.05
C LEU B 451 3.56 21.92 -17.71
N GLY B 452 2.51 21.13 -17.54
CA GLY B 452 1.20 21.49 -18.07
C GLY B 452 1.19 21.68 -19.57
N GLY B 453 1.99 20.90 -20.29
CA GLY B 453 2.11 21.03 -21.72
C GLY B 453 2.98 22.18 -22.19
N HIS B 454 3.36 23.09 -21.30
CA HIS B 454 4.17 24.22 -21.74
C HIS B 454 5.55 24.18 -21.10
N PRO B 455 6.57 24.66 -21.80
CA PRO B 455 7.90 24.77 -21.17
C PRO B 455 7.87 25.75 -20.02
N VAL B 456 8.60 25.42 -18.96
CA VAL B 456 8.76 26.27 -17.79
C VAL B 456 10.25 26.39 -17.50
N SER B 457 10.61 27.47 -16.81
CA SER B 457 12.00 27.73 -16.49
C SER B 457 12.10 28.32 -15.09
N GLU B 458 13.15 27.94 -14.37
CA GLU B 458 13.38 28.45 -13.02
C GLU B 458 14.87 28.54 -12.76
N LEU B 459 15.27 29.59 -12.04
CA LEU B 459 16.67 29.74 -11.69
C LEU B 459 17.10 28.69 -10.67
N ILE B 460 18.32 28.21 -10.81
CA ILE B 460 18.92 27.31 -9.83
C ILE B 460 19.52 28.18 -8.72
N TYR B 461 18.96 28.09 -7.53
CA TYR B 461 19.39 28.96 -6.44
C TYR B 461 20.76 28.57 -5.94
N ILE B 462 21.71 29.50 -6.01
CA ILE B 462 23.09 29.24 -5.59
C ILE B 462 23.16 29.64 -4.11
N HIS B 463 22.88 28.68 -3.23
CA HIS B 463 22.99 28.86 -1.80
C HIS B 463 24.36 28.45 -1.27
N SER B 464 25.27 28.05 -2.15
CA SER B 464 26.59 27.61 -1.73
C SER B 464 27.42 28.79 -1.23
N LYS B 465 28.45 28.45 -0.44
CA LYS B 465 29.49 29.41 -0.04
C LYS B 465 30.81 28.68 -0.20
N VAL B 466 31.39 28.76 -1.39
CA VAL B 466 32.60 28.01 -1.72
C VAL B 466 33.52 28.87 -2.58
N LEU B 467 34.82 28.74 -2.33
CA LEU B 467 35.87 29.45 -3.04
C LEU B 467 36.94 28.45 -3.47
N ILE B 468 37.25 28.42 -4.75
CA ILE B 468 38.27 27.55 -5.33
C ILE B 468 39.39 28.42 -5.86
N ALA B 469 40.62 28.15 -5.40
CA ALA B 469 41.78 28.96 -5.78
C ALA B 469 42.87 28.06 -6.34
N ASP B 470 43.27 28.33 -7.58
CA ASP B 470 44.44 27.73 -8.23
C ASP B 470 44.39 26.21 -8.24
N ASP B 471 43.19 25.61 -8.18
CA ASP B 471 43.00 24.16 -8.14
C ASP B 471 43.78 23.50 -7.01
N ARG B 472 44.13 24.26 -5.98
CA ARG B 472 44.84 23.74 -4.82
C ARG B 472 44.17 24.09 -3.50
N THR B 473 43.54 25.26 -3.41
CA THR B 473 42.97 25.75 -2.16
C THR B 473 41.45 25.82 -2.26
N VAL B 474 40.76 25.43 -1.19
CA VAL B 474 39.31 25.45 -1.13
C VAL B 474 38.89 26.12 0.17
N ILE B 475 37.81 26.89 0.12
CA ILE B 475 37.15 27.41 1.32
C ILE B 475 35.67 27.06 1.22
N ILE B 476 35.16 26.30 2.18
CA ILE B 476 33.78 25.86 2.17
C ILE B 476 33.12 26.27 3.48
N GLY B 477 32.00 26.98 3.40
CA GLY B 477 31.40 27.42 4.63
C GLY B 477 29.93 27.79 4.45
N SER B 478 29.36 28.30 5.54
CA SER B 478 28.00 28.82 5.56
C SER B 478 27.97 30.35 5.52
N ALA B 479 29.13 30.99 5.38
CA ALA B 479 29.24 32.43 5.44
C ALA B 479 29.20 33.02 4.04
N ASN B 480 28.30 33.98 3.83
CA ASN B 480 28.21 34.67 2.56
C ASN B 480 29.26 35.78 2.49
N ILE B 481 29.40 36.35 1.29
CA ILE B 481 30.32 37.48 1.09
C ILE B 481 29.52 38.74 1.40
N ASN B 482 29.43 39.05 2.69
CA ASN B 482 28.75 40.25 3.16
C ASN B 482 29.25 40.55 4.57
N ASP B 483 29.01 41.80 5.00
CA ASP B 483 29.45 42.21 6.33
C ASP B 483 28.75 41.45 7.43
N ARG B 484 27.54 40.93 7.18
CA ARG B 484 26.84 40.17 8.20
C ARG B 484 27.62 38.91 8.58
N SER B 485 28.16 38.20 7.60
CA SER B 485 28.87 36.95 7.84
C SER B 485 30.37 37.14 7.99
N LEU B 486 30.98 38.02 7.20
CA LEU B 486 32.44 38.13 7.18
C LEU B 486 32.98 38.82 8.42
N LEU B 487 32.32 39.89 8.88
CA LEU B 487 32.89 40.70 9.94
C LEU B 487 32.97 39.94 11.26
N GLY B 488 32.09 38.98 11.49
CA GLY B 488 32.11 38.21 12.72
C GLY B 488 31.42 38.90 13.88
N LYS B 489 31.42 40.23 13.87
CA LYS B 489 30.79 41.00 14.92
C LYS B 489 29.27 40.93 14.88
N ARG B 490 28.69 40.41 13.80
CA ARG B 490 27.24 40.35 13.67
C ARG B 490 26.70 38.92 13.70
N ASP B 491 27.10 38.08 12.76
CA ASP B 491 26.58 36.73 12.65
C ASP B 491 27.66 35.71 12.92
N SER B 492 27.27 34.58 13.49
CA SER B 492 28.17 33.48 13.76
C SER B 492 28.15 32.52 12.58
N GLU B 493 29.31 32.29 11.97
CA GLU B 493 29.44 31.47 10.78
C GLU B 493 30.61 30.51 10.94
N LEU B 494 30.55 29.40 10.23
CA LEU B 494 31.61 28.39 10.25
C LEU B 494 32.11 28.14 8.82
N ALA B 495 33.38 27.79 8.71
CA ALA B 495 33.97 27.48 7.43
C ALA B 495 35.22 26.64 7.64
N VAL B 496 35.64 25.96 6.58
CA VAL B 496 36.84 25.13 6.57
C VAL B 496 37.70 25.55 5.39
N LEU B 497 38.99 25.72 5.64
CA LEU B 497 39.99 25.95 4.61
C LEU B 497 40.70 24.63 4.36
N ILE B 498 40.61 24.14 3.12
CA ILE B 498 41.15 22.85 2.73
C ILE B 498 42.29 23.11 1.75
N GLU B 499 43.50 22.77 2.17
CA GLU B 499 44.66 22.78 1.29
C GLU B 499 45.03 21.35 0.94
N ASP B 500 45.57 21.16 -0.26
CA ASP B 500 45.81 19.83 -0.79
C ASP B 500 47.30 19.51 -0.75
N THR B 501 47.64 18.35 -0.20
CA THR B 501 49.00 17.82 -0.21
C THR B 501 49.25 16.87 -1.37
N GLU B 502 48.31 15.96 -1.63
CA GLU B 502 48.40 15.11 -2.81
C GLU B 502 48.18 15.94 -4.07
N THR B 503 48.70 15.44 -5.19
CA THR B 503 48.64 16.19 -6.44
C THR B 503 48.25 15.26 -7.58
N GLU B 504 47.83 15.88 -8.69
CA GLU B 504 47.32 15.20 -9.86
C GLU B 504 47.67 16.04 -11.07
N PRO B 505 48.06 15.41 -12.19
CA PRO B 505 48.42 16.20 -13.37
C PRO B 505 47.20 16.83 -14.02
N SER B 506 47.36 18.10 -14.41
CA SER B 506 46.32 18.83 -15.11
C SER B 506 46.99 19.92 -15.94
N LEU B 507 46.21 20.85 -16.47
CA LEU B 507 46.71 21.91 -17.33
C LEU B 507 46.40 23.28 -16.73
N MET B 508 47.25 24.24 -17.06
CA MET B 508 47.08 25.62 -16.64
C MET B 508 47.69 26.51 -17.71
N ASN B 509 46.83 27.18 -18.48
CA ASN B 509 47.25 28.03 -19.60
C ASN B 509 48.14 27.27 -20.57
N GLY B 510 47.80 25.99 -20.78
CA GLY B 510 48.56 25.15 -21.68
C GLY B 510 49.82 24.55 -21.10
N ALA B 511 50.13 24.80 -19.83
CA ALA B 511 51.33 24.27 -19.20
C ALA B 511 50.96 23.17 -18.21
N GLU B 512 51.86 22.20 -18.06
CA GLU B 512 51.64 21.12 -17.11
C GLU B 512 51.55 21.70 -15.70
N TYR B 513 50.55 21.24 -14.94
CA TYR B 513 50.26 21.78 -13.62
C TYR B 513 49.99 20.63 -12.66
N GLN B 514 50.42 20.81 -11.41
CA GLN B 514 50.23 19.80 -10.37
C GLN B 514 49.09 20.28 -9.47
N ALA B 515 47.86 19.96 -9.87
CA ALA B 515 46.68 20.45 -9.18
C ALA B 515 46.33 19.56 -8.00
N GLY B 516 45.87 20.18 -6.92
CA GLY B 516 45.42 19.40 -5.77
C GLY B 516 44.23 18.53 -6.13
N ARG B 517 44.25 17.29 -5.63
CA ARG B 517 43.21 16.33 -6.00
C ARG B 517 41.83 16.79 -5.54
N PHE B 518 41.72 17.23 -4.29
CA PHE B 518 40.43 17.66 -3.75
C PHE B 518 39.91 18.87 -4.50
N ALA B 519 40.73 19.92 -4.63
CA ALA B 519 40.30 21.13 -5.28
C ALA B 519 40.01 20.91 -6.76
N LEU B 520 40.87 20.15 -7.45
CA LEU B 520 40.64 19.87 -8.86
C LEU B 520 39.35 19.07 -9.05
N SER B 521 39.11 18.09 -8.19
CA SER B 521 37.89 17.30 -8.29
C SER B 521 36.66 18.18 -8.10
N LEU B 522 36.67 19.03 -7.08
CA LEU B 522 35.52 19.88 -6.82
C LEU B 522 35.29 20.87 -7.95
N ARG B 523 36.36 21.51 -8.44
CA ARG B 523 36.21 22.48 -9.52
C ARG B 523 35.75 21.81 -10.81
N LYS B 524 36.29 20.62 -11.12
CA LYS B 524 35.88 19.90 -12.32
C LYS B 524 34.41 19.50 -12.23
N HIS B 525 33.98 19.03 -11.06
CA HIS B 525 32.57 18.67 -10.91
C HIS B 525 31.67 19.89 -11.06
N CYS B 526 32.07 21.02 -10.47
CA CYS B 526 31.27 22.24 -10.61
C CYS B 526 31.18 22.68 -12.06
N PHE B 527 32.31 22.65 -12.79
CA PHE B 527 32.29 23.04 -14.19
C PHE B 527 31.46 22.07 -15.03
N GLY B 528 31.56 20.77 -14.74
CA GLY B 528 30.77 19.80 -15.50
C GLY B 528 29.29 19.94 -15.26
N VAL B 529 28.88 20.21 -14.02
CA VAL B 529 27.45 20.40 -13.74
C VAL B 529 26.95 21.70 -14.35
N ILE B 530 27.73 22.77 -14.22
CA ILE B 530 27.33 24.05 -14.81
C ILE B 530 27.25 23.95 -16.33
N LEU B 531 28.24 23.29 -16.94
CA LEU B 531 28.25 23.11 -18.38
C LEU B 531 27.52 21.81 -18.75
N GLY B 532 27.67 21.38 -19.99
CA GLY B 532 26.98 20.19 -20.48
C GLY B 532 27.90 19.02 -20.74
N ALA B 533 28.84 18.75 -19.82
CA ALA B 533 29.82 17.71 -20.04
C ALA B 533 29.19 16.35 -20.30
N ASN B 534 28.03 16.07 -19.69
CA ASN B 534 27.35 14.82 -19.95
C ASN B 534 26.81 14.77 -21.37
N THR B 535 26.47 15.92 -21.95
CA THR B 535 25.98 16.00 -23.33
C THR B 535 27.02 16.56 -24.29
N ARG B 536 28.18 17.01 -23.80
CA ARG B 536 29.25 17.55 -24.63
C ARG B 536 30.57 16.95 -24.19
N PRO B 537 30.86 15.71 -24.61
CA PRO B 537 32.15 15.10 -24.26
C PRO B 537 33.36 15.73 -24.94
N ASP B 538 33.14 16.71 -25.82
CA ASP B 538 34.23 17.38 -26.54
C ASP B 538 34.79 18.58 -25.78
N LEU B 539 34.32 18.83 -24.56
CA LEU B 539 34.80 19.95 -23.77
C LEU B 539 35.92 19.49 -22.85
N ASP B 540 37.06 20.18 -22.91
CA ASP B 540 38.23 19.84 -22.10
C ASP B 540 38.16 20.63 -20.81
N LEU B 541 37.61 20.01 -19.76
CA LEU B 541 37.45 20.67 -18.47
C LEU B 541 38.68 20.47 -17.58
N ARG B 542 39.85 20.80 -18.10
CA ARG B 542 41.11 20.64 -17.38
C ARG B 542 41.88 21.95 -17.22
N ASP B 543 41.85 22.82 -18.24
CA ASP B 543 42.56 24.08 -18.17
C ASP B 543 41.54 25.18 -17.87
N PRO B 544 41.51 25.73 -16.65
CA PRO B 544 40.48 26.71 -16.30
C PRO B 544 40.79 28.13 -16.74
N ILE B 545 42.02 28.42 -17.15
CA ILE B 545 42.42 29.79 -17.47
C ILE B 545 42.81 29.96 -18.93
N CYS B 546 42.81 28.89 -19.72
CA CYS B 546 43.14 29.03 -21.13
C CYS B 546 42.07 29.86 -21.83
N ASP B 547 42.51 30.62 -22.84
CA ASP B 547 41.61 31.54 -23.51
C ASP B 547 40.45 30.82 -24.18
N ASP B 548 40.67 29.62 -24.70
CA ASP B 548 39.59 28.87 -25.34
C ASP B 548 38.49 28.53 -24.34
N PHE B 549 38.87 28.09 -23.14
CA PHE B 549 37.87 27.72 -22.14
C PHE B 549 37.08 28.93 -21.66
N PHE B 550 37.77 30.06 -21.43
CA PHE B 550 37.08 31.27 -20.99
C PHE B 550 36.14 31.79 -22.07
N GLN B 551 36.58 31.75 -23.34
CA GLN B 551 35.72 32.15 -24.44
C GLN B 551 34.49 31.25 -24.54
N LEU B 552 34.69 29.94 -24.39
CA LEU B 552 33.56 29.02 -24.39
C LEU B 552 32.59 29.32 -23.25
N TRP B 553 33.12 29.57 -22.05
CA TRP B 553 32.30 29.90 -20.90
C TRP B 553 31.44 31.13 -21.17
N GLN B 554 32.09 32.22 -21.61
CA GLN B 554 31.36 33.46 -21.86
C GLN B 554 30.34 33.31 -22.97
N ASP B 555 30.73 32.64 -24.07
CA ASP B 555 29.82 32.48 -25.20
C ASP B 555 28.61 31.62 -24.81
N MET B 556 28.84 30.54 -24.06
CA MET B 556 27.73 29.70 -23.64
C MET B 556 26.80 30.44 -22.68
N ALA B 557 27.36 31.23 -21.76
CA ALA B 557 26.52 32.01 -20.86
C ALA B 557 25.67 33.00 -21.64
N GLU B 558 26.28 33.71 -22.59
CA GLU B 558 25.55 34.68 -23.40
C GLU B 558 24.46 34.01 -24.22
N SER B 559 24.78 32.87 -24.84
CA SER B 559 23.82 32.17 -25.68
C SER B 559 22.63 31.67 -24.86
N ASN B 560 22.90 31.08 -23.69
CA ASN B 560 21.81 30.59 -22.86
C ASN B 560 20.96 31.74 -22.33
N ALA B 561 21.59 32.86 -21.96
CA ALA B 561 20.82 34.02 -21.52
C ALA B 561 19.91 34.52 -22.62
N ASN B 562 20.43 34.64 -23.84
CA ASN B 562 19.62 35.12 -24.96
C ASN B 562 18.50 34.14 -25.28
N ILE B 563 18.77 32.84 -25.24
CA ILE B 563 17.75 31.85 -25.54
C ILE B 563 16.63 31.90 -24.49
N TYR B 564 17.00 32.00 -23.22
CA TYR B 564 15.99 32.09 -22.16
C TYR B 564 15.17 33.37 -22.28
N GLU B 565 15.83 34.49 -22.61
CA GLU B 565 15.08 35.73 -22.83
C GLU B 565 14.11 35.60 -24.00
N GLN B 566 14.56 34.96 -25.09
CA GLN B 566 13.71 34.85 -26.26
C GLN B 566 12.53 33.92 -26.02
N ILE B 567 12.73 32.86 -25.25
CA ILE B 567 11.68 31.85 -25.08
C ILE B 567 10.72 32.22 -23.95
N PHE B 568 11.25 32.53 -22.76
CA PHE B 568 10.41 32.76 -21.59
C PHE B 568 10.23 34.24 -21.25
N ARG B 569 11.06 35.12 -21.80
CA ARG B 569 11.13 36.51 -21.34
C ARG B 569 11.36 36.56 -19.83
N CYS B 570 12.24 35.67 -19.36
CA CYS B 570 12.47 35.51 -17.93
C CYS B 570 13.17 36.71 -17.34
N LEU B 571 12.89 36.97 -16.06
CA LEU B 571 13.50 38.04 -15.30
C LEU B 571 14.33 37.46 -14.16
N PRO B 572 15.42 38.14 -13.76
CA PRO B 572 15.90 39.43 -14.25
C PRO B 572 16.56 39.34 -15.64
N SER B 573 16.56 40.45 -16.36
CA SER B 573 17.16 40.50 -17.69
C SER B 573 17.64 41.92 -17.95
N ASN B 574 18.55 42.05 -18.92
CA ASN B 574 19.05 43.36 -19.31
C ASN B 574 18.09 44.12 -20.22
N ALA B 575 17.02 43.46 -20.68
CA ALA B 575 16.03 44.16 -21.49
C ALA B 575 15.31 45.24 -20.68
N THR B 576 15.01 44.95 -19.41
CA THR B 576 14.32 45.90 -18.55
C THR B 576 15.35 46.75 -17.82
N ARG B 577 15.47 48.02 -18.20
CA ARG B 577 16.37 48.96 -17.56
C ARG B 577 15.63 49.98 -16.69
N SER B 578 14.30 49.90 -16.61
CA SER B 578 13.53 50.85 -15.84
C SER B 578 12.22 50.20 -15.40
N LEU B 579 11.56 50.83 -14.42
CA LEU B 579 10.31 50.29 -13.90
C LEU B 579 9.21 50.30 -14.96
N ARG B 580 9.10 51.38 -15.73
CA ARG B 580 8.08 51.44 -16.77
C ARG B 580 8.36 50.43 -17.88
N THR B 581 9.63 50.29 -18.26
CA THR B 581 9.99 49.30 -19.26
C THR B 581 9.69 47.88 -18.76
N LEU B 582 9.94 47.63 -17.47
CA LEU B 582 9.62 46.32 -16.90
C LEU B 582 8.11 46.09 -16.88
N ARG B 583 7.33 47.13 -16.57
CA ARG B 583 5.88 47.00 -16.59
C ARG B 583 5.36 46.68 -17.97
N GLU B 584 5.93 47.33 -19.00
CA GLU B 584 5.53 47.04 -20.37
C GLU B 584 6.00 45.64 -20.80
N TYR B 585 7.16 45.20 -20.31
CA TYR B 585 7.73 43.92 -20.72
C TYR B 585 6.99 42.75 -20.09
N VAL B 586 6.56 42.89 -18.83
CA VAL B 586 5.87 41.80 -18.16
C VAL B 586 4.49 41.54 -18.73
N ALA B 587 3.96 42.49 -19.51
CA ALA B 587 2.63 42.36 -20.09
C ALA B 587 2.63 41.64 -21.44
N VAL B 588 3.80 41.31 -21.99
CA VAL B 588 3.85 40.61 -23.25
C VAL B 588 3.65 39.11 -23.02
N GLU B 589 3.30 38.40 -24.09
CA GLU B 589 3.04 36.97 -24.01
C GLU B 589 4.34 36.20 -24.25
N PRO B 590 4.82 35.42 -23.29
CA PRO B 590 6.00 34.58 -23.55
C PRO B 590 5.72 33.56 -24.64
N LEU B 591 6.73 33.32 -25.49
CA LEU B 591 6.57 32.40 -26.60
C LEU B 591 6.50 30.94 -26.14
N ALA B 592 6.89 30.65 -24.90
CA ALA B 592 6.84 29.28 -24.40
C ALA B 592 5.41 28.76 -24.34
N THR B 593 4.48 29.59 -23.87
CA THR B 593 3.09 29.18 -23.76
C THR B 593 2.29 29.38 -25.04
N VAL B 594 2.61 30.42 -25.81
CA VAL B 594 1.84 30.71 -27.03
C VAL B 594 2.08 29.63 -28.08
N SER B 595 3.35 29.29 -28.32
CA SER B 595 3.74 28.28 -29.32
C SER B 595 4.72 27.32 -28.67
N PRO B 596 4.23 26.32 -27.95
CA PRO B 596 5.12 25.42 -27.19
C PRO B 596 6.11 24.66 -28.07
N PRO B 597 5.69 24.06 -29.20
CA PRO B 597 6.67 23.27 -29.98
C PRO B 597 7.86 24.08 -30.46
N LEU B 598 7.64 25.32 -30.90
CA LEU B 598 8.75 26.17 -31.31
C LEU B 598 9.66 26.47 -30.14
N ALA B 599 9.08 26.71 -28.96
CA ALA B 599 9.90 26.95 -27.77
C ALA B 599 10.76 25.74 -27.44
N ARG B 600 10.20 24.54 -27.52
CA ARG B 600 10.99 23.34 -27.25
C ARG B 600 12.09 23.16 -28.28
N SER B 601 11.78 23.41 -29.55
CA SER B 601 12.80 23.28 -30.60
C SER B 601 13.94 24.27 -30.38
N GLU B 602 13.62 25.50 -29.98
CA GLU B 602 14.65 26.48 -29.70
C GLU B 602 15.46 26.12 -28.46
N LEU B 603 14.79 25.60 -27.43
CA LEU B 603 15.46 25.27 -26.17
C LEU B 603 16.30 24.01 -26.28
N THR B 604 16.07 23.18 -27.30
CA THR B 604 16.94 22.02 -27.49
C THR B 604 18.39 22.41 -27.77
N GLN B 605 18.64 23.67 -28.13
CA GLN B 605 20.00 24.16 -28.35
C GLN B 605 20.64 24.75 -27.10
N VAL B 606 19.96 24.68 -25.95
CA VAL B 606 20.52 25.21 -24.71
C VAL B 606 21.51 24.19 -24.13
N GLN B 607 22.73 24.64 -23.88
CA GLN B 607 23.78 23.80 -23.33
C GLN B 607 24.07 24.22 -21.89
N GLY B 608 23.92 23.28 -20.96
CA GLY B 608 24.20 23.56 -19.57
C GLY B 608 23.16 24.47 -18.95
N HIS B 609 23.54 25.04 -17.80
CA HIS B 609 22.67 25.95 -17.06
C HIS B 609 23.27 27.35 -16.90
N LEU B 610 24.45 27.60 -17.46
CA LEU B 610 25.13 28.87 -17.25
C LEU B 610 24.44 29.99 -18.01
N VAL B 611 24.09 31.06 -17.30
CA VAL B 611 23.41 32.22 -17.88
C VAL B 611 24.11 33.47 -17.37
N HIS B 612 24.44 34.38 -18.28
CA HIS B 612 25.14 35.60 -17.89
C HIS B 612 24.31 36.41 -16.90
N PHE B 613 24.99 36.97 -15.90
CA PHE B 613 24.30 37.71 -14.86
C PHE B 613 23.79 39.04 -15.41
N PRO B 614 22.50 39.36 -15.21
CA PRO B 614 21.98 40.63 -15.72
C PRO B 614 22.49 41.82 -14.93
N LEU B 615 23.36 42.62 -15.54
CA LEU B 615 23.95 43.78 -14.88
C LEU B 615 23.21 45.08 -15.17
N LYS B 616 22.47 45.16 -16.27
CA LYS B 616 21.69 46.34 -16.60
C LYS B 616 20.25 46.26 -16.10
N PHE B 617 19.92 45.22 -15.35
CA PHE B 617 18.57 45.04 -14.81
C PHE B 617 18.26 46.15 -13.81
N LEU B 618 17.22 46.94 -14.09
CA LEU B 618 16.80 48.05 -13.23
C LEU B 618 17.94 49.01 -12.97
N GLU B 619 18.66 49.36 -14.04
CA GLU B 619 19.82 50.24 -13.90
C GLU B 619 19.41 51.66 -13.56
N ASP B 620 18.37 52.18 -14.22
CA ASP B 620 17.96 53.56 -14.02
C ASP B 620 17.49 53.80 -12.58
N GLU B 621 16.69 52.88 -12.04
CA GLU B 621 16.18 53.04 -10.69
C GLU B 621 17.30 52.86 -9.67
N SER B 622 17.20 53.60 -8.57
CA SER B 622 18.21 53.55 -7.50
C SER B 622 17.58 53.37 -6.13
N LEU B 623 16.37 52.84 -6.07
CA LEU B 623 15.65 52.62 -4.81
C LEU B 623 15.53 53.90 -3.98
N GLY B 632 14.72 55.59 7.74
CA GLY B 632 15.94 55.72 8.52
C GLY B 632 15.91 54.97 9.83
N MET B 633 14.74 54.42 10.16
CA MET B 633 14.59 53.66 11.40
C MET B 633 15.25 52.29 11.32
N ILE B 634 15.29 51.70 10.14
CA ILE B 634 15.86 50.37 9.94
C ILE B 634 17.27 50.54 9.36
N PRO B 635 18.31 50.11 10.07
CA PRO B 635 19.67 50.23 9.51
C PRO B 635 19.82 49.42 8.23
N LEU B 636 20.59 49.97 7.29
CA LEU B 636 20.84 49.29 6.03
C LEU B 636 21.81 48.12 6.16
N GLU B 637 22.45 47.96 7.32
CA GLU B 637 23.37 46.85 7.52
C GLU B 637 22.65 45.51 7.61
N VAL B 638 21.32 45.51 7.67
CA VAL B 638 20.57 44.26 7.69
C VAL B 638 20.81 43.46 6.42
N TRP B 639 20.79 44.13 5.26
CA TRP B 639 20.94 43.47 3.98
C TRP B 639 22.38 43.47 3.46
N THR B 640 23.31 44.06 4.19
CA THR B 640 24.71 44.07 3.75
C THR B 640 25.47 42.89 4.32
N LEU C 27 45.67 -23.87 8.55
CA LEU C 27 44.42 -24.57 8.83
C LEU C 27 43.38 -23.61 9.41
N HIS C 28 42.73 -22.85 8.53
CA HIS C 28 41.76 -21.86 8.92
C HIS C 28 40.35 -22.29 8.46
N ARG C 29 39.38 -21.39 8.66
CA ARG C 29 38.01 -21.66 8.26
C ARG C 29 37.92 -21.85 6.74
N HIS C 30 37.05 -22.77 6.32
CA HIS C 30 36.86 -23.13 4.92
C HIS C 30 38.12 -23.73 4.29
N ASP C 31 39.02 -24.27 5.11
CA ASP C 31 40.28 -24.83 4.66
C ASP C 31 41.07 -23.80 3.85
N SER C 32 41.06 -22.55 4.31
CA SER C 32 41.72 -21.45 3.65
C SER C 32 43.07 -21.16 4.30
N TYR C 33 43.95 -20.52 3.54
CA TYR C 33 45.29 -20.17 4.02
C TYR C 33 45.30 -18.89 4.84
N ALA C 34 44.18 -18.18 4.94
CA ALA C 34 44.12 -16.92 5.65
C ALA C 34 42.96 -16.91 6.62
N PRO C 35 43.15 -16.37 7.82
CA PRO C 35 42.06 -16.31 8.80
C PRO C 35 41.09 -15.19 8.46
N PRO C 36 39.86 -15.26 8.93
CA PRO C 36 38.93 -14.13 8.75
C PRO C 36 39.49 -12.88 9.41
N ARG C 37 39.29 -11.74 8.75
CA ARG C 37 39.87 -10.47 9.18
C ARG C 37 38.77 -9.50 9.55
N PRO C 38 38.42 -9.37 10.82
CA PRO C 38 37.43 -8.36 11.22
C PRO C 38 38.02 -6.96 11.12
N GLY C 39 37.12 -5.98 11.06
CA GLY C 39 37.53 -4.59 10.95
C GLY C 39 38.27 -4.26 9.67
N THR C 40 37.77 -4.76 8.55
CA THR C 40 38.39 -4.55 7.24
C THR C 40 37.53 -3.58 6.43
N LEU C 41 38.18 -2.57 5.86
CA LEU C 41 37.51 -1.61 4.99
C LEU C 41 37.44 -2.19 3.58
N ALA C 42 36.23 -2.49 3.12
CA ALA C 42 36.02 -3.07 1.79
C ALA C 42 34.94 -2.28 1.05
N ARG C 43 35.15 -2.09 -0.25
CA ARG C 43 34.21 -1.36 -1.10
C ARG C 43 33.98 -2.17 -2.36
N TRP C 44 32.71 -2.38 -2.70
CA TRP C 44 32.36 -3.12 -3.91
C TRP C 44 32.24 -2.18 -5.11
N PHE C 45 32.36 -2.75 -6.30
CA PHE C 45 32.24 -2.03 -7.56
C PHE C 45 31.43 -2.85 -8.52
N VAL C 46 30.41 -2.23 -9.11
CA VAL C 46 29.60 -2.83 -10.16
C VAL C 46 29.99 -2.19 -11.48
N ASN C 47 30.20 -3.02 -12.52
CA ASN C 47 30.70 -2.61 -13.82
C ASN C 47 32.14 -2.13 -13.71
N GLY C 48 32.80 -1.95 -14.85
CA GLY C 48 34.23 -1.67 -14.86
C GLY C 48 34.62 -0.22 -14.61
N ALA C 49 33.67 0.71 -14.66
CA ALA C 49 34.01 2.13 -14.61
C ALA C 49 34.64 2.52 -13.27
N GLY C 50 33.87 2.33 -12.19
CA GLY C 50 34.39 2.68 -10.88
C GLY C 50 35.60 1.85 -10.49
N TYR C 51 35.61 0.57 -10.89
CA TYR C 51 36.75 -0.28 -10.59
C TYR C 51 38.02 0.27 -11.23
N PHE C 52 37.94 0.67 -12.50
CA PHE C 52 39.12 1.17 -13.19
C PHE C 52 39.55 2.51 -12.62
N ALA C 53 38.57 3.36 -12.26
CA ALA C 53 38.91 4.63 -11.64
C ALA C 53 39.65 4.42 -10.32
N ALA C 54 39.14 3.52 -9.47
CA ALA C 54 39.79 3.25 -8.19
C ALA C 54 41.18 2.64 -8.37
N VAL C 55 41.33 1.72 -9.34
CA VAL C 55 42.64 1.14 -9.62
C VAL C 55 43.61 2.22 -10.07
N ALA C 56 43.19 3.12 -10.96
CA ALA C 56 44.08 4.19 -11.41
C ALA C 56 44.47 5.11 -10.26
N ASP C 57 43.50 5.49 -9.42
CA ASP C 57 43.78 6.39 -8.32
C ASP C 57 44.71 5.74 -7.29
N ALA C 58 44.56 4.45 -7.05
CA ALA C 58 45.45 3.75 -6.14
C ALA C 58 46.84 3.57 -6.74
N ILE C 59 46.92 3.39 -8.06
CA ILE C 59 48.23 3.33 -8.72
C ILE C 59 48.93 4.66 -8.60
N LEU C 60 48.18 5.76 -8.69
CA LEU C 60 48.78 7.08 -8.54
C LEU C 60 49.37 7.28 -7.14
N ARG C 61 48.75 6.68 -6.13
CA ARG C 61 49.19 6.82 -4.75
C ARG C 61 50.17 5.75 -4.32
N ALA C 62 50.60 4.88 -5.24
CA ALA C 62 51.55 3.83 -4.90
C ALA C 62 52.88 4.42 -4.47
N GLN C 63 53.53 3.76 -3.52
CA GLN C 63 54.79 4.23 -2.95
C GLN C 63 55.98 3.33 -3.26
N GLU C 64 55.87 2.03 -3.00
CA GLU C 64 57.04 1.17 -3.16
C GLU C 64 56.79 -0.06 -4.01
N GLU C 65 55.61 -0.69 -3.92
CA GLU C 65 55.37 -1.95 -4.60
C GLU C 65 54.01 -1.94 -5.30
N ILE C 66 53.95 -2.58 -6.46
CA ILE C 66 52.71 -2.80 -7.19
C ILE C 66 52.75 -4.23 -7.73
N PHE C 67 51.76 -5.03 -7.36
CA PHE C 67 51.67 -6.42 -7.80
C PHE C 67 50.43 -6.58 -8.67
N ILE C 68 50.60 -7.18 -9.85
CA ILE C 68 49.50 -7.38 -10.79
C ILE C 68 49.52 -8.81 -11.28
N THR C 69 48.38 -9.48 -11.18
CA THR C 69 48.20 -10.80 -11.80
C THR C 69 46.86 -10.80 -12.54
N ASP C 70 46.93 -10.90 -13.86
CA ASP C 70 45.75 -10.86 -14.72
C ASP C 70 45.72 -12.09 -15.61
N TRP C 71 44.51 -12.56 -15.90
CA TRP C 71 44.35 -13.56 -16.94
C TRP C 71 44.59 -12.99 -18.34
N TRP C 72 44.40 -11.68 -18.51
CA TRP C 72 44.69 -11.01 -19.77
C TRP C 72 44.87 -9.52 -19.46
N LEU C 73 46.04 -8.97 -19.79
CA LEU C 73 46.32 -7.57 -19.57
C LEU C 73 46.48 -6.86 -20.91
N SER C 74 45.77 -5.74 -21.07
CA SER C 74 45.93 -4.89 -22.23
C SER C 74 46.77 -3.68 -21.85
N PRO C 75 48.00 -3.56 -22.35
CA PRO C 75 48.87 -2.47 -21.86
C PRO C 75 48.32 -1.07 -22.09
N GLU C 76 47.62 -0.84 -23.22
CA GLU C 76 47.20 0.50 -23.61
C GLU C 76 45.76 0.79 -23.25
N VAL C 77 45.23 0.15 -22.21
CA VAL C 77 43.86 0.40 -21.78
C VAL C 77 43.81 1.70 -20.99
N TYR C 78 42.78 2.50 -21.23
CA TYR C 78 42.54 3.72 -20.46
C TYR C 78 41.68 3.37 -19.25
N LEU C 79 42.15 3.77 -18.07
CA LEU C 79 41.43 3.50 -16.83
C LEU C 79 40.42 4.59 -16.48
N LYS C 80 40.37 5.69 -17.23
CA LYS C 80 39.38 6.73 -17.03
C LYS C 80 38.96 7.30 -18.38
N ARG C 81 37.66 7.48 -18.56
CA ARG C 81 37.07 7.98 -19.80
C ARG C 81 36.15 9.15 -19.50
N PRO C 82 35.95 10.05 -20.49
CA PRO C 82 36.52 10.05 -21.84
C PRO C 82 38.02 10.37 -21.86
N ALA C 83 38.75 9.75 -22.78
CA ALA C 83 40.19 9.91 -22.85
C ALA C 83 40.53 11.24 -23.49
N HIS C 84 41.29 12.08 -22.77
CA HIS C 84 41.79 13.34 -23.29
C HIS C 84 43.30 13.43 -23.30
N SER C 85 44.00 12.50 -22.64
CA SER C 85 45.45 12.48 -22.62
C SER C 85 45.89 11.09 -22.16
N ASP C 86 47.20 10.86 -22.17
CA ASP C 86 47.77 9.60 -21.72
C ASP C 86 48.00 9.56 -20.21
N ASP C 87 47.53 10.58 -19.48
CA ASP C 87 47.78 10.66 -18.05
C ASP C 87 47.08 9.56 -17.26
N TRP C 88 46.13 8.85 -17.85
CA TRP C 88 45.38 7.81 -17.14
C TRP C 88 45.38 6.48 -17.88
N ARG C 89 46.36 6.26 -18.76
CA ARG C 89 46.51 4.97 -19.41
C ARG C 89 47.37 4.06 -18.54
N LEU C 90 47.08 2.76 -18.60
CA LEU C 90 47.73 1.80 -17.70
C LEU C 90 49.25 1.81 -17.91
N ASP C 91 49.69 1.69 -19.16
CA ASP C 91 51.12 1.62 -19.43
C ASP C 91 51.82 2.92 -19.04
N ILE C 92 51.23 4.07 -19.36
CA ILE C 92 51.87 5.35 -19.05
C ILE C 92 51.98 5.54 -17.54
N MET C 93 50.91 5.24 -16.80
CA MET C 93 50.94 5.39 -15.36
C MET C 93 51.93 4.43 -14.72
N LEU C 94 51.97 3.18 -15.20
CA LEU C 94 52.94 2.23 -14.67
C LEU C 94 54.37 2.69 -14.92
N LYS C 95 54.64 3.22 -16.12
CA LYS C 95 55.97 3.73 -16.43
C LYS C 95 56.32 4.91 -15.52
N ARG C 96 55.37 5.82 -15.31
CA ARG C 96 55.62 6.97 -14.46
C ARG C 96 55.90 6.54 -13.02
N LYS C 97 55.15 5.58 -12.50
CA LYS C 97 55.39 5.09 -11.15
C LYS C 97 56.72 4.37 -11.05
N ALA C 98 57.09 3.62 -12.09
CA ALA C 98 58.39 2.95 -12.09
C ALA C 98 59.53 3.96 -12.12
N GLU C 99 59.34 5.08 -12.82
CA GLU C 99 60.35 6.14 -12.83
C GLU C 99 60.53 6.78 -11.45
N GLU C 100 59.57 6.60 -10.55
CA GLU C 100 59.67 7.09 -9.18
C GLU C 100 60.29 6.09 -8.23
N GLY C 101 60.69 4.92 -8.72
CA GLY C 101 61.28 3.89 -7.88
C GLY C 101 60.35 2.79 -7.44
N VAL C 102 59.14 2.71 -8.01
CA VAL C 102 58.16 1.70 -7.62
C VAL C 102 58.37 0.45 -8.48
N ARG C 103 58.45 -0.70 -7.83
CA ARG C 103 58.57 -1.97 -8.52
C ARG C 103 57.19 -2.59 -8.73
N VAL C 104 56.83 -2.76 -10.01
CA VAL C 104 55.59 -3.38 -10.46
C VAL C 104 55.92 -4.79 -10.93
N SER C 105 55.56 -5.78 -10.11
CA SER C 105 55.74 -7.18 -10.46
C SER C 105 54.42 -7.71 -11.02
N ILE C 106 54.47 -8.24 -12.23
CA ILE C 106 53.28 -8.63 -12.97
C ILE C 106 53.38 -10.11 -13.32
N LEU C 107 52.31 -10.85 -13.05
CA LEU C 107 52.19 -12.25 -13.43
C LEU C 107 51.08 -12.35 -14.47
N LEU C 108 51.40 -12.93 -15.62
CA LEU C 108 50.47 -13.04 -16.72
C LEU C 108 50.28 -14.50 -17.12
N PHE C 109 49.16 -14.76 -17.78
CA PHE C 109 48.79 -16.10 -18.21
C PHE C 109 49.10 -16.27 -19.70
N LYS C 110 49.74 -17.39 -20.04
CA LYS C 110 50.03 -17.74 -21.42
C LYS C 110 49.12 -18.89 -21.83
N GLU C 111 48.32 -18.67 -22.87
CA GLU C 111 47.36 -19.65 -23.32
C GLU C 111 48.07 -20.79 -24.06
N VAL C 112 47.34 -21.89 -24.26
CA VAL C 112 47.91 -23.05 -24.94
C VAL C 112 48.27 -22.70 -26.38
N GLU C 113 47.44 -21.89 -27.04
CA GLU C 113 47.67 -21.51 -28.42
C GLU C 113 47.38 -20.04 -28.60
N LEU C 114 47.91 -19.47 -29.68
CA LEU C 114 47.69 -18.06 -30.01
C LEU C 114 46.27 -17.79 -30.47
N ALA C 115 45.44 -18.82 -30.65
CA ALA C 115 44.06 -18.61 -31.06
C ALA C 115 43.31 -17.75 -30.04
N LEU C 116 43.53 -18.00 -28.76
CA LEU C 116 43.00 -17.10 -27.72
C LEU C 116 43.70 -15.76 -27.82
N GLY C 117 42.98 -14.75 -28.31
CA GLY C 117 43.59 -13.47 -28.59
C GLY C 117 43.91 -12.65 -27.36
N ILE C 118 44.77 -13.17 -26.49
CA ILE C 118 45.25 -12.41 -25.33
C ILE C 118 46.63 -11.87 -25.65
N ASN C 119 47.40 -12.60 -26.45
CA ASN C 119 48.74 -12.21 -26.89
C ASN C 119 49.61 -11.77 -25.71
N SER C 120 49.85 -12.71 -24.81
CA SER C 120 50.63 -12.41 -23.61
C SER C 120 52.06 -11.99 -23.96
N GLY C 121 52.58 -12.46 -25.09
CA GLY C 121 53.92 -12.05 -25.50
C GLY C 121 54.02 -10.55 -25.75
N TYR C 122 53.04 -9.99 -26.47
CA TYR C 122 53.05 -8.55 -26.72
C TYR C 122 52.90 -7.77 -25.42
N SER C 123 52.04 -8.23 -24.52
CA SER C 123 51.87 -7.56 -23.23
C SER C 123 53.18 -7.55 -22.46
N LYS C 124 53.85 -8.71 -22.39
CA LYS C 124 55.13 -8.79 -21.70
C LYS C 124 56.16 -7.87 -22.35
N ARG C 125 56.22 -7.85 -23.69
CA ARG C 125 57.20 -7.02 -24.37
C ARG C 125 56.96 -5.53 -24.08
N ALA C 126 55.71 -5.09 -24.17
CA ALA C 126 55.41 -3.68 -23.92
C ALA C 126 55.73 -3.31 -22.48
N LEU C 127 55.29 -4.14 -21.52
CA LEU C 127 55.48 -3.81 -20.11
C LEU C 127 56.96 -3.81 -19.75
N MET C 128 57.75 -4.72 -20.32
CA MET C 128 59.18 -4.71 -20.05
C MET C 128 59.88 -3.54 -20.74
N LEU C 129 59.37 -3.12 -21.90
CA LEU C 129 59.95 -1.98 -22.58
C LEU C 129 59.61 -0.66 -21.89
N LEU C 130 58.56 -0.64 -21.07
CA LEU C 130 58.17 0.60 -20.39
C LEU C 130 59.30 1.15 -19.52
N HIS C 131 59.88 0.31 -18.66
CA HIS C 131 60.87 0.74 -17.69
C HIS C 131 61.53 -0.46 -17.03
N PRO C 132 62.82 -0.36 -16.66
CA PRO C 132 63.48 -1.52 -16.01
C PRO C 132 62.81 -1.95 -14.72
N ASN C 133 62.26 -1.01 -13.96
CA ASN C 133 61.70 -1.40 -12.67
C ASN C 133 60.48 -2.29 -12.81
N ILE C 134 59.88 -2.43 -13.98
CA ILE C 134 58.65 -3.20 -14.15
C ILE C 134 59.02 -4.59 -14.67
N LYS C 135 58.74 -5.61 -13.87
CA LYS C 135 59.11 -6.98 -14.17
C LYS C 135 57.86 -7.79 -14.50
N VAL C 136 57.93 -8.58 -15.56
CA VAL C 136 56.79 -9.35 -16.06
C VAL C 136 57.20 -10.81 -16.16
N MET C 137 56.34 -11.71 -15.66
CA MET C 137 56.59 -13.13 -15.70
C MET C 137 55.33 -13.83 -16.19
N ARG C 138 55.49 -14.71 -17.17
CA ARG C 138 54.36 -15.40 -17.79
C ARG C 138 54.37 -16.87 -17.41
N HIS C 139 53.18 -17.40 -17.12
CA HIS C 139 53.01 -18.77 -16.66
C HIS C 139 51.62 -19.23 -17.06
N PRO C 140 51.45 -20.51 -17.43
CA PRO C 140 52.46 -21.58 -17.52
C PRO C 140 53.23 -21.60 -18.84
N ASP C 141 54.37 -22.28 -18.83
CA ASP C 141 55.13 -22.56 -20.04
C ASP C 141 54.96 -23.98 -20.54
N GLN C 142 54.56 -24.91 -19.66
CA GLN C 142 54.30 -26.28 -20.06
C GLN C 142 52.94 -26.39 -20.74
N VAL C 143 52.71 -27.54 -21.38
CA VAL C 143 51.49 -27.78 -22.13
C VAL C 143 50.44 -28.36 -21.20
N THR C 144 49.37 -27.60 -20.97
CA THR C 144 48.26 -28.07 -20.15
C THR C 144 46.99 -27.34 -20.57
N LEU C 145 45.84 -27.94 -20.25
CA LEU C 145 44.56 -27.31 -20.53
C LEU C 145 44.18 -26.27 -19.48
N TRP C 146 44.92 -26.21 -18.37
CA TRP C 146 44.54 -25.38 -17.25
C TRP C 146 45.12 -23.98 -17.37
N ALA C 147 44.46 -23.03 -16.73
CA ALA C 147 44.76 -21.61 -16.90
C ALA C 147 44.89 -20.92 -15.55
N HIS C 148 45.28 -19.64 -15.60
CA HIS C 148 45.32 -18.76 -14.45
C HIS C 148 44.28 -17.67 -14.66
N HIS C 149 43.18 -17.74 -13.90
CA HIS C 149 42.06 -16.82 -14.07
C HIS C 149 42.02 -15.75 -12.98
N GLU C 150 43.14 -15.53 -12.30
CA GLU C 150 43.18 -14.54 -11.22
C GLU C 150 43.19 -13.13 -11.79
N LYS C 151 42.54 -12.22 -11.06
CA LYS C 151 42.55 -10.79 -11.37
C LYS C 151 42.81 -10.05 -10.05
N LEU C 152 44.06 -9.64 -9.85
CA LEU C 152 44.46 -9.06 -8.58
C LEU C 152 45.45 -7.92 -8.81
N LEU C 153 45.25 -6.82 -8.09
CA LEU C 153 46.16 -5.68 -8.14
C LEU C 153 46.37 -5.17 -6.72
N VAL C 154 47.59 -5.29 -6.22
CA VAL C 154 47.94 -4.97 -4.83
C VAL C 154 48.88 -3.78 -4.84
N VAL C 155 48.59 -2.79 -4.00
CA VAL C 155 49.38 -1.58 -3.86
C VAL C 155 49.92 -1.53 -2.44
N ASP C 156 51.25 -1.46 -2.33
CA ASP C 156 51.97 -1.32 -1.05
C ASP C 156 51.57 -2.42 -0.06
N GLN C 157 51.10 -3.56 -0.58
CA GLN C 157 50.60 -4.66 0.23
C GLN C 157 49.54 -4.21 1.23
N VAL C 158 48.88 -3.10 0.94
CA VAL C 158 47.83 -2.58 1.81
C VAL C 158 46.51 -2.34 1.09
N VAL C 159 46.47 -2.13 -0.22
CA VAL C 159 45.23 -1.92 -0.95
C VAL C 159 45.12 -2.97 -2.03
N ALA C 160 44.11 -3.83 -1.94
CA ALA C 160 43.98 -4.94 -2.89
C ALA C 160 42.67 -4.81 -3.67
N PHE C 161 42.77 -4.89 -4.99
CA PHE C 161 41.61 -4.96 -5.88
C PHE C 161 41.53 -6.36 -6.47
N LEU C 162 40.36 -6.98 -6.38
CA LEU C 162 40.14 -8.28 -7.00
C LEU C 162 38.71 -8.36 -7.50
N GLY C 163 38.37 -9.51 -8.08
CA GLY C 163 37.08 -9.75 -8.68
C GLY C 163 37.25 -10.34 -10.07
N GLY C 164 36.21 -10.22 -10.87
CA GLY C 164 36.22 -10.73 -12.24
C GLY C 164 36.68 -9.75 -13.30
N LEU C 165 37.15 -8.58 -12.90
CA LEU C 165 37.49 -7.51 -13.84
C LEU C 165 38.98 -7.54 -14.15
N ASP C 166 39.32 -7.95 -15.38
CA ASP C 166 40.67 -7.82 -15.88
C ASP C 166 40.93 -6.40 -16.35
N LEU C 167 42.21 -6.06 -16.53
CA LEU C 167 42.60 -4.79 -17.14
C LEU C 167 42.64 -4.91 -18.66
N ALA C 168 41.55 -5.41 -19.24
CA ALA C 168 41.52 -5.81 -20.64
C ALA C 168 40.49 -4.99 -21.42
N TYR C 169 40.35 -5.35 -22.69
CA TYR C 169 39.46 -4.64 -23.60
C TYR C 169 38.02 -5.13 -23.46
N GLY C 170 37.07 -4.20 -23.67
CA GLY C 170 35.66 -4.50 -23.55
C GLY C 170 35.17 -4.61 -22.13
N ARG C 171 36.05 -4.54 -21.14
CA ARG C 171 35.66 -4.67 -19.74
C ARG C 171 34.94 -3.44 -19.22
N TRP C 172 35.43 -2.26 -19.59
CA TRP C 172 34.90 -1.02 -19.02
C TRP C 172 33.49 -0.76 -19.51
N ASP C 173 32.59 -0.46 -18.58
CA ASP C 173 31.21 -0.12 -18.91
C ASP C 173 30.60 0.57 -17.70
N ASP C 174 29.40 1.11 -17.89
CA ASP C 174 28.70 1.77 -16.80
C ASP C 174 27.26 1.28 -16.73
N LEU C 175 26.44 1.93 -15.89
CA LEU C 175 25.04 1.56 -15.78
C LEU C 175 24.28 1.76 -17.08
N HIS C 176 24.80 2.58 -17.99
CA HIS C 176 24.09 2.86 -19.24
C HIS C 176 24.14 1.67 -20.19
N TYR C 177 25.24 0.92 -20.19
CA TYR C 177 25.43 -0.25 -21.06
C TYR C 177 25.20 0.13 -22.52
N ARG C 178 25.95 1.14 -22.95
CA ARG C 178 25.79 1.68 -24.30
C ARG C 178 26.16 0.67 -25.35
N LEU C 179 25.37 0.62 -26.44
CA LEU C 179 25.68 -0.21 -27.59
C LEU C 179 26.33 0.56 -28.72
N THR C 180 26.41 1.89 -28.61
CA THR C 180 26.98 2.73 -29.65
C THR C 180 27.99 3.69 -29.04
N ASP C 181 29.02 4.01 -29.82
CA ASP C 181 30.05 4.98 -29.44
C ASP C 181 30.39 5.86 -30.63
N LEU C 182 29.37 6.27 -31.39
CA LEU C 182 29.60 6.98 -32.65
C LEU C 182 30.26 8.33 -32.43
N GLY C 183 29.97 8.99 -31.32
CA GLY C 183 30.56 10.29 -31.02
C GLY C 183 30.17 11.38 -32.00
N LEU C 206 43.78 13.92 -29.19
CA LEU C 206 42.81 13.18 -28.40
C LEU C 206 42.23 14.09 -27.31
N SER C 207 42.54 15.38 -27.40
CA SER C 207 42.12 16.33 -26.37
C SER C 207 40.60 16.47 -26.34
N HIS C 208 39.95 16.42 -27.50
CA HIS C 208 38.51 16.57 -27.62
C HIS C 208 37.84 15.27 -28.07
N ASN C 209 38.33 14.15 -27.55
CA ASN C 209 37.80 12.84 -27.91
C ASN C 209 36.51 12.56 -27.16
N GLN C 210 35.47 12.16 -27.89
CA GLN C 210 34.19 11.79 -27.30
C GLN C 210 33.97 10.28 -27.26
N PHE C 211 34.98 9.49 -27.64
CA PHE C 211 34.86 8.04 -27.66
C PHE C 211 35.22 7.45 -26.30
N PHE C 212 34.30 6.67 -25.74
CA PHE C 212 34.57 5.98 -24.48
C PHE C 212 35.35 4.70 -24.70
N TRP C 213 35.24 4.09 -25.87
CA TRP C 213 35.97 2.87 -26.21
C TRP C 213 36.76 3.13 -27.48
N LEU C 214 38.07 3.29 -27.33
CA LEU C 214 38.95 3.66 -28.43
C LEU C 214 39.58 2.41 -29.03
N GLY C 215 39.49 2.30 -30.36
CA GLY C 215 40.10 1.19 -31.08
C GLY C 215 39.62 -0.18 -30.65
N LYS C 216 40.52 -0.95 -30.04
CA LYS C 216 40.20 -2.32 -29.64
C LYS C 216 39.22 -2.41 -28.48
N ASP C 217 38.95 -1.30 -27.79
CA ASP C 217 38.01 -1.35 -26.68
C ASP C 217 36.57 -1.44 -27.15
N TYR C 218 36.30 -1.08 -28.39
CA TYR C 218 34.97 -1.23 -28.99
C TYR C 218 34.90 -2.63 -29.60
N SER C 219 34.10 -3.51 -29.00
CA SER C 219 34.08 -4.89 -29.43
C SER C 219 32.71 -5.52 -29.19
N ASN C 220 32.41 -6.52 -30.01
CA ASN C 220 31.27 -7.44 -29.82
C ASN C 220 31.88 -8.83 -30.02
N LEU C 221 32.34 -9.44 -28.91
CA LEU C 221 33.15 -10.65 -29.02
C LEU C 221 32.36 -11.84 -29.57
N ILE C 222 31.04 -11.85 -29.42
CA ILE C 222 30.26 -12.91 -30.07
C ILE C 222 30.28 -12.74 -31.58
N THR C 223 30.47 -11.51 -32.07
CA THR C 223 30.52 -11.28 -33.51
C THR C 223 31.90 -11.57 -34.08
N LYS C 224 32.92 -10.89 -33.57
CA LYS C 224 34.29 -11.07 -34.06
C LYS C 224 35.26 -10.85 -32.92
N ASP C 225 36.28 -11.69 -32.86
CA ASP C 225 37.23 -11.67 -31.77
C ASP C 225 38.32 -10.62 -32.03
N TRP C 226 39.04 -10.28 -30.96
CA TRP C 226 40.15 -9.34 -31.08
C TRP C 226 41.25 -9.92 -31.98
N VAL C 227 41.80 -9.06 -32.84
CA VAL C 227 42.90 -9.42 -33.73
C VAL C 227 43.89 -8.27 -33.78
N GLN C 228 45.17 -8.61 -33.86
CA GLN C 228 46.26 -7.62 -33.96
C GLN C 228 46.24 -6.66 -32.78
N LEU C 229 46.47 -7.22 -31.59
CA LEU C 229 46.54 -6.41 -30.37
C LEU C 229 47.76 -5.51 -30.35
N ASP C 230 48.78 -5.80 -31.16
CA ASP C 230 49.94 -4.92 -31.26
C ASP C 230 49.61 -3.58 -31.91
N ARG C 231 48.43 -3.46 -32.53
CA ARG C 231 47.93 -2.19 -33.05
C ARG C 231 46.63 -1.90 -32.32
N PRO C 232 46.70 -1.26 -31.15
CA PRO C 232 45.51 -1.17 -30.27
C PRO C 232 44.56 -0.03 -30.62
N PHE C 233 44.96 0.91 -31.48
CA PHE C 233 44.13 2.08 -31.77
C PHE C 233 43.46 1.98 -33.13
N GLU C 234 43.38 0.78 -33.71
CA GLU C 234 42.68 0.55 -34.96
C GLU C 234 41.43 -0.28 -34.69
N ASP C 235 40.31 0.14 -35.25
CA ASP C 235 39.03 -0.56 -35.04
C ASP C 235 38.99 -1.80 -35.91
N PHE C 236 38.78 -2.95 -35.28
CA PHE C 236 38.62 -4.20 -36.01
C PHE C 236 37.17 -4.49 -36.38
N ILE C 237 36.23 -3.67 -35.91
CA ILE C 237 34.83 -3.73 -36.33
C ILE C 237 34.37 -2.30 -36.60
N ASP C 238 33.34 -2.18 -37.42
CA ASP C 238 32.80 -0.88 -37.81
C ASP C 238 31.80 -0.41 -36.76
N ARG C 239 32.02 0.79 -36.23
CA ARG C 239 31.17 1.34 -35.18
C ARG C 239 29.80 1.78 -35.69
N GLU C 240 29.63 1.89 -37.01
CA GLU C 240 28.39 2.41 -37.57
C GLU C 240 27.37 1.33 -37.87
N THR C 241 27.79 0.07 -37.99
CA THR C 241 26.88 -1.04 -38.28
C THR C 241 26.86 -2.09 -37.17
N THR C 242 28.04 -2.53 -36.70
CA THR C 242 28.11 -3.55 -35.66
C THR C 242 28.13 -2.90 -34.28
N PRO C 243 27.32 -3.37 -33.34
CA PRO C 243 27.27 -2.74 -32.01
C PRO C 243 28.32 -3.29 -31.07
N ARG C 244 28.41 -2.70 -29.88
CA ARG C 244 29.27 -3.22 -28.82
C ARG C 244 28.52 -4.26 -28.00
N MET C 245 29.28 -5.02 -27.21
CA MET C 245 28.69 -5.98 -26.29
C MET C 245 28.78 -5.43 -24.88
N PRO C 246 27.66 -5.12 -24.24
CA PRO C 246 27.71 -4.57 -22.87
C PRO C 246 28.37 -5.57 -21.92
N TRP C 247 29.14 -5.03 -20.97
CA TRP C 247 29.91 -5.82 -20.03
C TRP C 247 29.46 -5.49 -18.62
N ARG C 248 29.07 -6.52 -17.86
CA ARG C 248 28.71 -6.37 -16.46
C ARG C 248 29.61 -7.27 -15.62
N ASP C 249 30.29 -6.68 -14.64
CA ASP C 249 31.20 -7.43 -13.80
C ASP C 249 31.25 -6.76 -12.43
N VAL C 250 31.66 -7.55 -11.43
CA VAL C 250 31.68 -7.11 -10.04
C VAL C 250 33.09 -7.30 -9.48
N GLY C 251 33.62 -6.24 -8.87
CA GLY C 251 34.90 -6.30 -8.20
C GLY C 251 34.79 -5.74 -6.79
N VAL C 252 35.93 -5.76 -6.09
CA VAL C 252 35.95 -5.29 -4.71
C VAL C 252 37.38 -4.92 -4.33
N VAL C 253 37.50 -3.89 -3.49
CA VAL C 253 38.77 -3.46 -2.91
C VAL C 253 38.72 -3.68 -1.41
N VAL C 254 39.78 -4.27 -0.88
CA VAL C 254 39.94 -4.48 0.56
C VAL C 254 41.23 -3.82 1.01
N HIS C 255 41.21 -3.33 2.25
CA HIS C 255 42.34 -2.62 2.84
C HIS C 255 42.78 -3.34 4.11
N GLY C 256 44.08 -3.50 4.26
CA GLY C 256 44.64 -4.03 5.50
C GLY C 256 45.07 -5.48 5.36
N LEU C 257 44.71 -6.29 6.35
CA LEU C 257 45.19 -7.67 6.41
C LEU C 257 44.74 -8.54 5.23
N PRO C 258 43.49 -8.49 4.75
CA PRO C 258 43.16 -9.28 3.55
C PRO C 258 44.00 -8.91 2.35
N ALA C 259 44.35 -7.62 2.21
CA ALA C 259 45.29 -7.23 1.17
C ALA C 259 46.65 -7.88 1.38
N ARG C 260 47.07 -8.01 2.64
CA ARG C 260 48.33 -8.69 2.94
C ARG C 260 48.26 -10.17 2.56
N ASP C 261 47.12 -10.81 2.80
CA ASP C 261 46.97 -12.22 2.42
C ASP C 261 46.99 -12.40 0.91
N LEU C 262 46.32 -11.49 0.18
CA LEU C 262 46.38 -11.55 -1.28
C LEU C 262 47.81 -11.30 -1.79
N ALA C 263 48.52 -10.38 -1.14
CA ALA C 263 49.92 -10.15 -1.49
C ALA C 263 50.77 -11.39 -1.20
N ARG C 264 50.46 -12.09 -0.11
CA ARG C 264 51.18 -13.33 0.19
C ARG C 264 50.93 -14.38 -0.88
N HIS C 265 49.69 -14.50 -1.34
CA HIS C 265 49.39 -15.40 -2.45
C HIS C 265 50.16 -15.03 -3.71
N PHE C 266 50.19 -13.73 -4.03
CA PHE C 266 50.94 -13.27 -5.20
C PHE C 266 52.42 -13.59 -5.05
N ILE C 267 52.97 -13.38 -3.86
CA ILE C 267 54.40 -13.62 -3.63
C ILE C 267 54.71 -15.11 -3.73
N GLN C 268 53.82 -15.97 -3.21
CA GLN C 268 54.01 -17.40 -3.35
C GLN C 268 54.01 -17.82 -4.82
N ARG C 269 53.05 -17.28 -5.59
CA ARG C 269 53.02 -17.58 -7.03
C ARG C 269 54.29 -17.09 -7.72
N TRP C 270 54.76 -15.90 -7.36
CA TRP C 270 55.97 -15.34 -7.98
C TRP C 270 57.19 -16.21 -7.68
N ASN C 271 57.34 -16.61 -6.41
CA ASN C 271 58.47 -17.45 -6.03
C ASN C 271 58.40 -18.81 -6.70
N PHE C 272 57.20 -19.40 -6.78
CA PHE C 272 57.05 -20.68 -7.45
C PHE C 272 57.40 -20.58 -8.93
N THR C 273 56.93 -19.53 -9.61
CA THR C 273 57.23 -19.37 -11.03
C THR C 273 58.72 -19.11 -11.25
N LYS C 274 59.36 -18.36 -10.35
CA LYS C 274 60.80 -18.18 -10.43
C LYS C 274 61.54 -19.50 -10.26
N THR C 275 61.11 -20.32 -9.30
CA THR C 275 61.76 -21.60 -9.03
C THR C 275 61.44 -22.65 -10.09
N THR C 276 60.46 -22.41 -10.95
CA THR C 276 60.10 -23.34 -12.01
C THR C 276 60.34 -22.74 -13.40
N LYS C 277 61.48 -22.08 -13.58
CA LYS C 277 61.83 -21.52 -14.88
C LYS C 277 63.33 -21.29 -14.94
N ALA C 278 63.82 -21.09 -16.16
CA ALA C 278 65.25 -20.87 -16.40
C ALA C 278 65.59 -19.37 -16.43
N LYS C 279 64.96 -18.63 -17.33
CA LYS C 279 65.16 -17.18 -17.36
C LYS C 279 64.67 -16.52 -16.08
N TYR C 280 63.61 -17.06 -15.48
CA TYR C 280 63.07 -16.48 -14.26
C TYR C 280 63.95 -16.76 -13.04
N LYS C 281 64.87 -17.72 -13.13
CA LYS C 281 65.73 -18.03 -11.99
C LYS C 281 66.78 -16.95 -11.74
N THR C 282 67.08 -16.12 -12.74
CA THR C 282 68.08 -15.08 -12.57
C THR C 282 67.59 -14.01 -11.60
N PRO C 283 68.52 -13.33 -10.90
CA PRO C 283 68.10 -12.29 -9.95
C PRO C 283 67.46 -11.08 -10.61
N THR C 284 67.36 -11.07 -11.95
CA THR C 284 66.70 -9.96 -12.63
C THR C 284 65.22 -9.90 -12.29
N TYR C 285 64.61 -11.03 -11.92
CA TYR C 285 63.32 -11.06 -11.24
C TYR C 285 63.60 -11.43 -9.79
N PRO C 286 63.83 -10.46 -8.91
CA PRO C 286 64.20 -10.78 -7.54
C PRO C 286 63.06 -11.41 -6.76
N TYR C 287 63.42 -12.16 -5.73
CA TYR C 287 62.43 -12.77 -4.85
C TYR C 287 61.64 -11.69 -4.12
N LEU C 288 60.33 -11.94 -4.00
CA LEU C 288 59.45 -11.08 -3.21
C LEU C 288 59.20 -11.71 -1.85
N LEU C 289 58.97 -10.85 -0.85
CA LEU C 289 58.80 -11.30 0.52
C LEU C 289 57.60 -10.61 1.15
N PRO C 290 56.72 -11.34 1.83
CA PRO C 290 55.60 -10.69 2.50
C PRO C 290 56.05 -9.79 3.64
N LYS C 291 55.27 -8.75 3.88
CA LYS C 291 55.54 -7.79 4.94
C LYS C 291 54.59 -8.02 6.10
N SER C 292 55.03 -7.62 7.29
CA SER C 292 54.25 -7.81 8.51
C SER C 292 53.11 -6.80 8.54
N THR C 293 51.88 -7.28 8.39
CA THR C 293 50.70 -6.44 8.46
C THR C 293 49.79 -6.79 9.64
N SER C 294 50.15 -7.80 10.43
CA SER C 294 49.34 -8.19 11.58
C SER C 294 49.64 -7.31 12.78
N LEU C 303 43.14 5.37 0.66
CA LEU C 303 42.08 4.51 1.17
C LEU C 303 40.72 4.98 0.70
N PRO C 304 40.23 4.40 -0.40
CA PRO C 304 38.87 4.74 -0.87
C PRO C 304 37.83 4.43 0.19
N GLY C 305 36.83 5.31 0.28
CA GLY C 305 35.81 5.17 1.30
C GLY C 305 34.92 3.97 1.06
N GLY C 306 34.93 3.00 1.98
CA GLY C 306 34.14 1.80 1.88
C GLY C 306 33.34 1.56 3.14
N GLN C 307 33.16 0.27 3.45
CA GLN C 307 32.40 -0.15 4.62
C GLN C 307 33.23 -1.10 5.46
N CYS C 308 32.96 -1.10 6.77
CA CYS C 308 33.67 -1.96 7.71
C CYS C 308 32.97 -3.30 7.79
N THR C 309 33.69 -4.36 7.39
CA THR C 309 33.16 -5.71 7.38
C THR C 309 34.23 -6.68 7.87
N THR C 310 33.91 -7.97 7.84
CA THR C 310 34.87 -9.02 8.12
C THR C 310 35.12 -9.77 6.81
N VAL C 311 36.35 -9.68 6.30
CA VAL C 311 36.69 -10.21 4.99
C VAL C 311 37.68 -11.35 5.15
N GLN C 312 37.37 -12.48 4.53
CA GLN C 312 38.26 -13.63 4.49
C GLN C 312 38.67 -13.90 3.05
N VAL C 313 39.97 -14.04 2.83
CA VAL C 313 40.51 -14.25 1.49
C VAL C 313 40.50 -15.75 1.20
N LEU C 314 39.88 -16.12 0.08
CA LEU C 314 39.83 -17.49 -0.38
C LEU C 314 40.50 -17.57 -1.75
N ARG C 315 41.04 -18.74 -2.06
CA ARG C 315 41.68 -18.95 -3.36
C ARG C 315 41.37 -20.35 -3.84
N SER C 316 41.92 -20.69 -5.00
CA SER C 316 41.82 -22.03 -5.57
C SER C 316 43.13 -22.27 -6.30
N VAL C 317 44.05 -22.98 -5.64
CA VAL C 317 45.39 -23.20 -6.16
C VAL C 317 45.70 -24.69 -6.10
N ASP C 318 46.71 -25.09 -6.86
CA ASP C 318 47.13 -26.46 -7.00
C ASP C 318 48.66 -26.47 -7.04
N ARG C 319 49.23 -27.68 -7.09
CA ARG C 319 50.68 -27.79 -7.04
C ARG C 319 51.35 -27.15 -8.25
N TRP C 320 50.69 -27.18 -9.41
CA TRP C 320 51.31 -26.70 -10.64
C TRP C 320 51.27 -25.18 -10.78
N SER C 321 50.47 -24.50 -9.97
CA SER C 321 50.30 -23.06 -10.06
C SER C 321 50.91 -22.30 -8.89
N ALA C 322 50.79 -22.84 -7.67
CA ALA C 322 51.32 -22.19 -6.48
C ALA C 322 52.11 -23.10 -5.56
N GLY C 323 52.13 -24.41 -5.81
CA GLY C 323 52.82 -25.34 -4.95
C GLY C 323 52.01 -25.90 -3.81
N THR C 324 50.79 -25.41 -3.59
CA THR C 324 49.92 -25.88 -2.52
C THR C 324 48.53 -26.15 -3.08
N LEU C 325 47.82 -27.05 -2.41
CA LEU C 325 46.51 -27.52 -2.86
C LEU C 325 45.43 -26.91 -1.98
N GLU C 326 44.40 -26.35 -2.61
CA GLU C 326 43.34 -25.68 -1.86
C GLU C 326 42.11 -25.54 -2.74
N ASN C 327 40.94 -25.81 -2.15
CA ASN C 327 39.64 -25.63 -2.80
C ASN C 327 38.71 -24.86 -1.87
N SER C 328 39.23 -23.76 -1.29
CA SER C 328 38.51 -23.04 -0.25
C SER C 328 37.34 -22.24 -0.81
N ILE C 329 37.42 -21.78 -2.07
CA ILE C 329 36.30 -21.04 -2.65
C ILE C 329 35.07 -21.93 -2.74
N LEU C 330 35.25 -23.18 -3.18
CA LEU C 330 34.14 -24.12 -3.25
C LEU C 330 33.56 -24.40 -1.87
N ASN C 331 34.44 -24.58 -0.87
CA ASN C 331 33.96 -24.84 0.48
C ASN C 331 33.16 -23.67 1.03
N ALA C 332 33.65 -22.45 0.79
CA ALA C 332 32.92 -21.27 1.24
C ALA C 332 31.58 -21.15 0.53
N TYR C 333 31.54 -21.43 -0.77
CA TYR C 333 30.27 -21.43 -1.50
C TYR C 333 29.29 -22.42 -0.89
N LEU C 334 29.75 -23.65 -0.66
CA LEU C 334 28.85 -24.67 -0.12
C LEU C 334 28.35 -24.30 1.27
N HIS C 335 29.24 -23.79 2.13
CA HIS C 335 28.83 -23.41 3.47
C HIS C 335 27.85 -22.24 3.45
N THR C 336 28.10 -21.24 2.61
CA THR C 336 27.20 -20.10 2.52
C THR C 336 25.83 -20.52 2.00
N ILE C 337 25.81 -21.40 1.01
CA ILE C 337 24.53 -21.88 0.48
C ILE C 337 23.77 -22.68 1.55
N ARG C 338 24.48 -23.59 2.22
CA ARG C 338 23.82 -24.41 3.24
C ARG C 338 23.33 -23.59 4.42
N GLU C 339 24.14 -22.61 4.86
CA GLU C 339 23.78 -21.80 6.01
C GLU C 339 22.76 -20.71 5.68
N SER C 340 22.49 -20.47 4.40
CA SER C 340 21.54 -19.43 4.02
C SER C 340 20.14 -19.79 4.52
N GLN C 341 19.37 -18.76 4.89
CA GLN C 341 18.04 -18.95 5.44
C GLN C 341 16.94 -18.21 4.72
N HIS C 342 17.25 -17.15 3.97
CA HIS C 342 16.21 -16.34 3.33
C HIS C 342 16.30 -16.34 1.82
N PHE C 343 17.45 -16.01 1.24
CA PHE C 343 17.55 -15.99 -0.22
C PHE C 343 19.00 -16.10 -0.64
N LEU C 344 19.18 -16.42 -1.92
CA LEU C 344 20.49 -16.44 -2.58
C LEU C 344 20.37 -15.70 -3.92
N TYR C 345 21.28 -14.78 -4.17
CA TYR C 345 21.37 -14.07 -5.44
C TYR C 345 22.72 -14.38 -6.07
N ILE C 346 22.71 -15.18 -7.13
CA ILE C 346 23.92 -15.65 -7.79
C ILE C 346 24.02 -14.97 -9.14
N GLU C 347 25.10 -14.23 -9.36
CA GLU C 347 25.39 -13.59 -10.63
C GLU C 347 26.77 -14.09 -11.07
N ASN C 348 26.78 -15.04 -12.01
CA ASN C 348 28.02 -15.71 -12.41
C ASN C 348 28.04 -15.91 -13.91
N GLN C 349 29.25 -15.97 -14.46
CA GLN C 349 29.42 -16.13 -15.90
C GLN C 349 29.02 -17.52 -16.35
N PHE C 350 29.41 -18.55 -15.60
CA PHE C 350 29.11 -19.93 -15.93
C PHE C 350 28.43 -20.60 -14.74
N PHE C 351 27.48 -21.48 -15.02
CA PHE C 351 26.79 -22.26 -13.99
C PHE C 351 26.81 -23.72 -14.44
N ILE C 352 27.89 -24.43 -14.11
CA ILE C 352 28.04 -25.85 -14.42
C ILE C 352 28.27 -26.56 -13.09
N SER C 353 27.31 -27.38 -12.69
CA SER C 353 27.26 -27.96 -11.35
C SER C 353 26.55 -29.31 -11.45
N CYS C 354 26.04 -29.79 -10.32
CA CYS C 354 25.25 -31.02 -10.23
C CYS C 354 26.08 -32.25 -10.58
N SER C 355 27.09 -32.51 -9.73
CA SER C 355 27.91 -33.70 -9.82
C SER C 355 27.08 -34.98 -9.99
N THR C 359 31.35 -36.68 -15.17
CA THR C 359 31.36 -35.49 -16.02
C THR C 359 31.69 -34.24 -15.20
N VAL C 360 30.84 -33.95 -14.22
CA VAL C 360 31.04 -32.82 -13.32
C VAL C 360 31.20 -33.36 -11.90
N LEU C 361 31.88 -32.59 -11.05
CA LEU C 361 32.20 -33.07 -9.71
C LEU C 361 31.77 -32.11 -8.61
N ASN C 362 31.67 -30.82 -8.89
CA ASN C 362 31.31 -29.86 -7.85
C ASN C 362 29.86 -30.07 -7.42
N LYS C 363 29.57 -29.70 -6.18
CA LYS C 363 28.28 -30.00 -5.55
C LYS C 363 27.51 -28.73 -5.20
N VAL C 364 27.76 -27.65 -5.94
CA VAL C 364 27.04 -26.39 -5.68
C VAL C 364 25.56 -26.55 -6.01
N GLY C 365 25.27 -27.13 -7.18
CA GLY C 365 23.88 -27.31 -7.57
C GLY C 365 23.13 -28.25 -6.64
N ASP C 366 23.81 -29.30 -6.16
CA ASP C 366 23.19 -30.20 -5.20
C ASP C 366 22.85 -29.48 -3.92
N GLU C 367 23.74 -28.61 -3.44
CA GLU C 367 23.45 -27.84 -2.23
C GLU C 367 22.28 -26.89 -2.45
N ILE C 368 22.22 -26.25 -3.62
CA ILE C 368 21.09 -25.36 -3.91
C ILE C 368 19.79 -26.14 -3.92
N VAL C 369 19.78 -27.31 -4.56
CA VAL C 369 18.59 -28.14 -4.61
C VAL C 369 18.17 -28.58 -3.21
N ASP C 370 19.15 -28.98 -2.39
CA ASP C 370 18.84 -29.41 -1.03
C ASP C 370 18.25 -28.26 -0.22
N ARG C 371 18.81 -27.05 -0.35
CA ARG C 371 18.27 -25.91 0.36
C ARG C 371 16.85 -25.59 -0.07
N ILE C 372 16.58 -25.63 -1.37
CA ILE C 372 15.23 -25.36 -1.86
C ILE C 372 14.25 -26.42 -1.35
N LEU C 373 14.66 -27.69 -1.38
CA LEU C 373 13.79 -28.75 -0.90
C LEU C 373 13.53 -28.64 0.59
N LYS C 374 14.57 -28.28 1.37
CA LYS C 374 14.38 -28.09 2.80
C LYS C 374 13.44 -26.93 3.09
N ALA C 375 13.58 -25.83 2.34
CA ALA C 375 12.66 -24.71 2.51
C ALA C 375 11.23 -25.11 2.17
N HIS C 376 11.06 -25.88 1.09
CA HIS C 376 9.72 -26.33 0.70
C HIS C 376 9.11 -27.25 1.76
N LYS C 377 9.90 -28.21 2.26
CA LYS C 377 9.40 -29.13 3.27
C LYS C 377 9.06 -28.39 4.57
N GLN C 378 9.92 -27.47 4.99
CA GLN C 378 9.62 -26.64 6.16
C GLN C 378 8.61 -25.55 5.86
N GLY C 379 8.30 -25.31 4.60
CA GLY C 379 7.29 -24.33 4.24
C GLY C 379 7.63 -22.90 4.59
N TRP C 380 8.87 -22.49 4.35
CA TRP C 380 9.32 -21.13 4.60
C TRP C 380 9.69 -20.46 3.29
N CYS C 381 9.57 -19.13 3.27
CA CYS C 381 9.87 -18.36 2.08
C CYS C 381 11.37 -18.37 1.81
N TYR C 382 11.74 -18.70 0.57
CA TYR C 382 13.15 -18.81 0.21
C TYR C 382 13.25 -18.70 -1.31
N ARG C 383 13.98 -17.69 -1.79
CA ARG C 383 14.11 -17.43 -3.21
C ARG C 383 15.56 -17.60 -3.65
N VAL C 384 15.75 -18.07 -4.88
CA VAL C 384 17.07 -18.23 -5.47
C VAL C 384 17.07 -17.49 -6.81
N TYR C 385 17.88 -16.45 -6.91
CA TYR C 385 18.04 -15.69 -8.14
C TYR C 385 19.35 -16.07 -8.80
N VAL C 386 19.27 -16.60 -10.01
CA VAL C 386 20.46 -16.96 -10.79
C VAL C 386 20.44 -16.14 -12.07
N LEU C 387 21.45 -15.30 -12.26
CA LEU C 387 21.59 -14.49 -13.46
C LEU C 387 22.80 -14.97 -14.23
N LEU C 388 22.58 -15.39 -15.48
CA LEU C 388 23.62 -15.92 -16.35
C LEU C 388 23.57 -15.22 -17.69
N PRO C 389 24.70 -15.09 -18.37
CA PRO C 389 24.69 -14.54 -19.72
C PRO C 389 23.95 -15.48 -20.67
N LEU C 390 23.32 -14.88 -21.69
CA LEU C 390 22.50 -15.65 -22.61
C LEU C 390 23.36 -16.58 -23.47
N LEU C 391 24.53 -16.11 -23.90
CA LEU C 391 25.46 -16.92 -24.65
C LEU C 391 26.84 -16.82 -24.04
N PRO C 392 27.62 -17.89 -24.10
CA PRO C 392 28.99 -17.86 -23.56
C PRO C 392 29.87 -16.89 -24.32
N GLY C 393 30.99 -16.53 -23.70
CA GLY C 393 31.89 -15.54 -24.25
C GLY C 393 32.85 -16.06 -25.30
N PHE C 394 32.33 -16.42 -26.46
CA PHE C 394 33.15 -16.85 -27.59
C PHE C 394 32.53 -16.38 -28.89
N GLU C 395 33.37 -16.19 -29.89
CA GLU C 395 32.88 -15.81 -31.21
C GLU C 395 32.14 -16.97 -31.85
N GLY C 396 31.02 -16.65 -32.51
CA GLY C 396 30.24 -17.67 -33.19
C GLY C 396 28.89 -17.16 -33.65
N ASP C 397 28.37 -17.73 -34.72
CA ASP C 397 27.07 -17.32 -35.26
C ASP C 397 25.98 -18.16 -34.61
N ILE C 398 25.10 -17.49 -33.87
CA ILE C 398 23.98 -18.20 -33.23
C ILE C 398 22.92 -18.59 -34.25
N SER C 399 22.92 -17.97 -35.43
CA SER C 399 21.98 -18.35 -36.48
C SER C 399 22.21 -19.80 -36.91
N THR C 400 23.47 -20.20 -37.06
CA THR C 400 23.80 -21.58 -37.39
C THR C 400 23.61 -22.51 -36.20
N GLY C 401 23.35 -21.98 -35.02
CA GLY C 401 23.24 -22.77 -33.81
C GLY C 401 24.44 -22.73 -32.90
N GLY C 402 25.50 -22.04 -33.29
CA GLY C 402 26.70 -21.92 -32.49
C GLY C 402 27.87 -22.66 -33.10
N GLY C 403 28.86 -22.92 -32.25
CA GLY C 403 30.05 -23.63 -32.68
C GLY C 403 30.34 -24.85 -31.84
N ASN C 404 31.58 -24.98 -31.35
CA ASN C 404 31.98 -26.09 -30.50
C ASN C 404 31.99 -25.71 -29.02
N SER C 405 32.77 -24.68 -28.67
CA SER C 405 32.84 -24.26 -27.28
C SER C 405 31.50 -23.71 -26.79
N ILE C 406 30.85 -22.88 -27.61
CA ILE C 406 29.56 -22.31 -27.23
C ILE C 406 28.54 -23.43 -27.02
N GLN C 407 28.54 -24.43 -27.92
CA GLN C 407 27.58 -25.52 -27.81
C GLN C 407 27.86 -26.38 -26.60
N ALA C 408 29.13 -26.67 -26.32
CA ALA C 408 29.47 -27.49 -25.16
C ALA C 408 29.09 -26.79 -23.86
N ILE C 409 29.39 -25.49 -23.75
CA ILE C 409 29.06 -24.75 -22.54
C ILE C 409 27.56 -24.67 -22.36
N LEU C 410 26.81 -24.42 -23.45
CA LEU C 410 25.36 -24.39 -23.36
C LEU C 410 24.81 -25.76 -22.96
N HIS C 411 25.39 -26.84 -23.50
CA HIS C 411 24.94 -28.18 -23.16
C HIS C 411 25.13 -28.48 -21.68
N PHE C 412 26.31 -28.13 -21.14
CA PHE C 412 26.56 -28.39 -19.73
C PHE C 412 25.71 -27.51 -18.83
N THR C 413 25.50 -26.25 -19.23
CA THR C 413 24.63 -25.37 -18.45
C THR C 413 23.21 -25.90 -18.43
N TYR C 414 22.71 -26.37 -19.58
CA TYR C 414 21.36 -26.91 -19.65
C TYR C 414 21.24 -28.22 -18.87
N ARG C 415 22.29 -29.04 -18.88
CA ARG C 415 22.30 -30.24 -18.04
C ARG C 415 22.23 -29.87 -16.57
N THR C 416 22.96 -28.82 -16.17
CA THR C 416 22.91 -28.36 -14.79
C THR C 416 21.52 -27.85 -14.42
N LEU C 417 20.88 -27.12 -15.34
CA LEU C 417 19.64 -26.43 -15.02
C LEU C 417 18.40 -27.29 -15.26
N CYS C 418 18.18 -27.71 -16.50
CA CYS C 418 16.92 -28.34 -16.88
C CYS C 418 17.05 -29.72 -17.47
N ARG C 419 18.04 -29.94 -18.34
CA ARG C 419 18.16 -31.22 -19.04
C ARG C 419 18.75 -32.28 -18.12
N GLY C 420 18.25 -33.51 -18.25
CA GLY C 420 18.75 -34.63 -17.50
C GLY C 420 17.99 -34.88 -16.21
N GLU C 421 18.29 -36.03 -15.59
CA GLU C 421 17.65 -36.42 -14.36
C GLU C 421 18.33 -35.82 -13.12
N TYR C 422 19.56 -35.33 -13.26
CA TYR C 422 20.29 -34.72 -12.17
C TYR C 422 20.21 -33.20 -12.19
N SER C 423 19.44 -32.62 -13.10
CA SER C 423 19.32 -31.18 -13.19
C SER C 423 18.54 -30.63 -12.00
N ILE C 424 18.73 -29.33 -11.76
CA ILE C 424 18.02 -28.67 -10.66
C ILE C 424 16.51 -28.72 -10.90
N LEU C 425 16.08 -28.37 -12.12
CA LEU C 425 14.65 -28.29 -12.41
C LEU C 425 13.97 -29.64 -12.30
N HIS C 426 14.62 -30.70 -12.80
CA HIS C 426 13.99 -32.02 -12.78
C HIS C 426 13.77 -32.49 -11.34
N ARG C 427 14.79 -32.34 -10.48
CA ARG C 427 14.68 -32.82 -9.12
C ARG C 427 13.76 -31.92 -8.29
N LEU C 428 13.69 -30.63 -8.61
CA LEU C 428 12.71 -29.77 -7.94
C LEU C 428 11.29 -30.12 -8.36
N LYS C 429 11.08 -30.40 -9.65
CA LYS C 429 9.75 -30.75 -10.14
C LYS C 429 9.28 -32.05 -9.51
N ALA C 430 10.12 -33.09 -9.54
CA ALA C 430 9.75 -34.41 -9.04
C ALA C 430 9.45 -34.41 -7.54
N ALA C 431 9.60 -33.25 -6.90
CA ALA C 431 9.31 -33.10 -5.49
C ALA C 431 8.21 -32.09 -5.18
N MET C 432 8.03 -31.05 -6.00
CA MET C 432 7.07 -30.01 -5.68
C MET C 432 6.18 -29.58 -6.84
N GLY C 433 6.12 -30.34 -7.93
CA GLY C 433 5.28 -29.92 -9.04
C GLY C 433 5.78 -28.62 -9.65
N THR C 434 4.83 -27.78 -10.07
CA THR C 434 5.13 -26.49 -10.66
C THR C 434 5.50 -25.42 -9.65
N ALA C 435 5.61 -25.78 -8.37
CA ALA C 435 5.96 -24.82 -7.33
C ALA C 435 7.41 -24.36 -7.42
N TRP C 436 8.24 -25.00 -8.26
CA TRP C 436 9.64 -24.58 -8.38
C TRP C 436 9.77 -23.15 -8.85
N ARG C 437 8.77 -22.64 -9.59
CA ARG C 437 8.81 -21.27 -10.07
C ARG C 437 8.75 -20.25 -8.93
N ASP C 438 8.36 -20.68 -7.74
CA ASP C 438 8.30 -19.81 -6.57
C ASP C 438 9.59 -19.81 -5.77
N TYR C 439 10.58 -20.61 -6.15
CA TYR C 439 11.82 -20.74 -5.38
C TYR C 439 13.07 -20.39 -6.17
N ILE C 440 13.08 -20.55 -7.48
CA ILE C 440 14.25 -20.27 -8.29
C ILE C 440 13.84 -19.43 -9.49
N SER C 441 14.70 -18.48 -9.87
CA SER C 441 14.46 -17.60 -11.00
C SER C 441 15.75 -17.47 -11.80
N ILE C 442 15.79 -18.12 -12.96
CA ILE C 442 16.95 -18.09 -13.84
C ILE C 442 16.70 -17.08 -14.94
N CYS C 443 17.60 -16.11 -15.09
CA CYS C 443 17.39 -15.00 -16.00
C CYS C 443 18.72 -14.53 -16.56
N GLY C 444 18.63 -13.69 -17.60
CA GLY C 444 19.77 -13.03 -18.18
C GLY C 444 19.50 -11.56 -18.44
N LEU C 445 20.44 -10.88 -19.11
CA LEU C 445 20.31 -9.45 -19.36
C LEU C 445 20.44 -9.16 -20.86
N ARG C 446 19.69 -8.17 -21.31
CA ARG C 446 19.71 -7.74 -22.70
C ARG C 446 19.27 -6.29 -22.77
N THR C 447 19.88 -5.52 -23.67
CA THR C 447 19.58 -4.10 -23.81
C THR C 447 19.33 -3.78 -25.28
N HIS C 448 18.71 -2.63 -25.52
CA HIS C 448 18.38 -2.20 -26.87
C HIS C 448 18.69 -0.71 -27.03
N GLY C 449 18.98 -0.33 -28.27
CA GLY C 449 19.28 1.05 -28.60
C GLY C 449 18.96 1.33 -30.05
N GLU C 450 19.45 2.46 -30.54
CA GLU C 450 19.25 2.87 -31.92
C GLU C 450 20.58 2.87 -32.66
N LEU C 451 20.61 2.22 -33.82
CA LEU C 451 21.81 2.19 -34.65
C LEU C 451 21.41 2.05 -36.10
N GLY C 452 22.11 2.78 -36.98
CA GLY C 452 21.83 2.71 -38.40
C GLY C 452 20.42 3.09 -38.77
N GLY C 453 19.74 3.86 -37.94
CA GLY C 453 18.36 4.22 -38.19
C GLY C 453 17.34 3.18 -37.80
N HIS C 454 17.75 2.10 -37.15
CA HIS C 454 16.83 1.06 -36.74
C HIS C 454 17.15 0.61 -35.32
N PRO C 455 16.16 0.08 -34.59
CA PRO C 455 16.45 -0.50 -33.28
C PRO C 455 17.39 -1.69 -33.38
N VAL C 456 18.30 -1.79 -32.43
CA VAL C 456 19.25 -2.88 -32.32
C VAL C 456 19.21 -3.39 -30.88
N SER C 457 19.58 -4.66 -30.71
CA SER C 457 19.57 -5.28 -29.40
C SER C 457 20.83 -6.13 -29.23
N GLU C 458 21.30 -6.21 -27.98
CA GLU C 458 22.44 -7.05 -27.66
C GLU C 458 22.36 -7.45 -26.20
N LEU C 459 22.77 -8.69 -25.91
CA LEU C 459 22.76 -9.16 -24.54
C LEU C 459 23.89 -8.52 -23.75
N ILE C 460 23.63 -8.29 -22.47
CA ILE C 460 24.65 -7.78 -21.55
C ILE C 460 25.38 -8.97 -20.96
N TYR C 461 26.67 -9.07 -21.25
CA TYR C 461 27.44 -10.23 -20.82
C TYR C 461 27.65 -10.20 -19.32
N ILE C 462 27.17 -11.25 -18.64
CA ILE C 462 27.33 -11.38 -17.19
C ILE C 462 28.68 -12.07 -16.98
N HIS C 463 29.72 -11.26 -16.82
CA HIS C 463 31.05 -11.76 -16.49
C HIS C 463 31.32 -11.69 -14.98
N SER C 464 30.33 -11.28 -14.19
CA SER C 464 30.50 -11.19 -12.75
C SER C 464 30.64 -12.58 -12.13
N LYS C 465 31.21 -12.62 -10.93
CA LYS C 465 31.21 -13.82 -10.09
C LYS C 465 30.92 -13.35 -8.67
N VAL C 466 29.65 -13.30 -8.32
CA VAL C 466 29.21 -12.78 -7.03
C VAL C 466 28.03 -13.59 -6.53
N LEU C 467 27.99 -13.82 -5.21
CA LEU C 467 26.90 -14.52 -4.54
C LEU C 467 26.52 -13.73 -3.30
N ILE C 468 25.26 -13.33 -3.20
CA ILE C 468 24.74 -12.57 -2.07
C ILE C 468 23.78 -13.45 -1.30
N ALA C 469 23.99 -13.55 0.02
CA ALA C 469 23.19 -14.40 0.89
C ALA C 469 22.59 -13.56 2.01
N ASP C 470 21.26 -13.58 2.12
CA ASP C 470 20.51 -13.02 3.23
C ASP C 470 20.79 -11.54 3.46
N ASP C 471 21.25 -10.83 2.44
CA ASP C 471 21.65 -9.42 2.56
C ASP C 471 22.67 -9.21 3.67
N ARG C 472 23.45 -10.24 3.98
CA ARG C 472 24.44 -10.15 5.05
C ARG C 472 25.80 -10.68 4.62
N THR C 473 25.82 -11.59 3.65
CA THR C 473 27.07 -12.22 3.22
C THR C 473 27.24 -12.04 1.72
N VAL C 474 28.48 -11.82 1.27
CA VAL C 474 28.77 -11.60 -0.14
C VAL C 474 30.08 -12.27 -0.50
N ILE C 475 30.05 -13.18 -1.46
CA ILE C 475 31.25 -13.78 -2.03
C ILE C 475 31.51 -13.10 -3.37
N ILE C 476 32.67 -12.47 -3.52
CA ILE C 476 33.05 -11.81 -4.77
C ILE C 476 34.38 -12.41 -5.22
N GLY C 477 34.42 -12.92 -6.45
CA GLY C 477 35.64 -13.55 -6.90
C GLY C 477 35.78 -13.53 -8.40
N SER C 478 36.86 -14.16 -8.86
CA SER C 478 37.09 -14.41 -10.27
C SER C 478 36.75 -15.85 -10.66
N ALA C 479 36.20 -16.63 -9.73
CA ALA C 479 35.94 -18.05 -9.96
C ALA C 479 34.53 -18.23 -10.50
N ASN C 480 34.43 -18.79 -11.69
CA ASN C 480 33.13 -19.15 -12.25
C ASN C 480 32.61 -20.41 -11.55
N ILE C 481 31.30 -20.64 -11.70
CA ILE C 481 30.66 -21.82 -11.08
C ILE C 481 30.85 -22.96 -12.07
N ASN C 482 32.01 -23.60 -11.97
CA ASN C 482 32.36 -24.74 -12.81
C ASN C 482 33.49 -25.48 -12.14
N ASP C 483 33.71 -26.72 -12.59
CA ASP C 483 34.80 -27.52 -12.04
C ASP C 483 36.16 -26.89 -12.29
N ARG C 484 36.29 -26.08 -13.35
N ARG C 484 36.27 -26.07 -13.34
CA ARG C 484 37.56 -25.44 -13.62
CA ARG C 484 37.54 -25.41 -13.66
C ARG C 484 37.98 -24.49 -12.50
C ARG C 484 37.97 -24.47 -12.54
N SER C 485 37.03 -23.70 -11.99
CA SER C 485 37.35 -22.67 -11.01
C SER C 485 37.13 -23.09 -9.57
N LEU C 486 36.40 -24.18 -9.31
CA LEU C 486 36.04 -24.52 -7.95
C LEU C 486 36.74 -25.75 -7.40
N LEU C 487 37.22 -26.66 -8.25
CA LEU C 487 37.92 -27.84 -7.75
C LEU C 487 39.31 -27.53 -7.22
N GLY C 488 39.84 -26.34 -7.50
CA GLY C 488 41.15 -25.96 -7.03
C GLY C 488 42.27 -26.55 -7.86
N LYS C 489 42.15 -27.84 -8.17
CA LYS C 489 43.15 -28.54 -8.97
C LYS C 489 43.13 -28.15 -10.44
N ARG C 490 42.06 -27.49 -10.89
CA ARG C 490 41.91 -27.20 -12.32
C ARG C 490 42.43 -25.81 -12.69
N ASP C 491 41.87 -24.76 -12.12
CA ASP C 491 42.36 -23.41 -12.36
C ASP C 491 42.54 -22.67 -11.04
N SER C 492 43.48 -21.73 -11.04
CA SER C 492 43.78 -20.93 -9.86
C SER C 492 42.90 -19.68 -9.86
N GLU C 493 42.15 -19.50 -8.78
CA GLU C 493 41.19 -18.40 -8.67
C GLU C 493 41.39 -17.66 -7.36
N LEU C 494 40.87 -16.44 -7.30
CA LEU C 494 40.88 -15.64 -6.08
C LEU C 494 39.46 -15.15 -5.79
N ALA C 495 39.14 -15.05 -4.50
CA ALA C 495 37.82 -14.62 -4.08
C ALA C 495 37.90 -14.09 -2.66
N VAL C 496 36.86 -13.38 -2.24
CA VAL C 496 36.77 -12.83 -0.90
C VAL C 496 35.35 -13.06 -0.38
N LEU C 497 35.27 -13.54 0.86
CA LEU C 497 34.02 -13.71 1.58
C LEU C 497 33.86 -12.54 2.56
N ILE C 498 32.82 -11.74 2.37
CA ILE C 498 32.60 -10.52 3.13
C ILE C 498 31.34 -10.71 3.96
N GLU C 499 31.49 -10.60 5.27
CA GLU C 499 30.38 -10.69 6.22
C GLU C 499 30.20 -9.36 6.91
N ASP C 500 28.95 -9.00 7.19
CA ASP C 500 28.63 -7.68 7.73
C ASP C 500 28.55 -7.72 9.24
N THR C 501 29.24 -6.77 9.88
CA THR C 501 29.16 -6.58 11.32
C THR C 501 28.18 -5.47 11.71
N GLU C 502 28.06 -4.44 10.89
CA GLU C 502 27.10 -3.37 11.11
C GLU C 502 25.85 -3.62 10.27
N THR C 503 24.69 -3.33 10.86
CA THR C 503 23.41 -3.63 10.24
C THR C 503 22.62 -2.35 10.00
N GLU C 504 21.49 -2.51 9.31
CA GLU C 504 20.63 -1.43 8.88
C GLU C 504 19.22 -1.97 8.74
N PRO C 505 18.19 -1.21 9.12
CA PRO C 505 16.81 -1.70 8.98
C PRO C 505 16.44 -1.95 7.53
N SER C 506 15.70 -3.02 7.31
CA SER C 506 15.18 -3.38 5.99
C SER C 506 14.03 -4.36 6.19
N LEU C 507 13.54 -4.93 5.09
CA LEU C 507 12.41 -5.85 5.13
C LEU C 507 12.82 -7.23 4.67
N MET C 508 12.26 -8.25 5.32
CA MET C 508 12.45 -9.65 4.94
C MET C 508 11.12 -10.34 5.14
N ASN C 509 10.47 -10.70 4.03
CA ASN C 509 9.15 -11.34 4.05
C ASN C 509 8.15 -10.54 4.88
N GLY C 510 8.23 -9.21 4.75
CA GLY C 510 7.33 -8.33 5.48
C GLY C 510 7.68 -8.12 6.94
N ALA C 511 8.85 -8.55 7.39
CA ALA C 511 9.26 -8.38 8.77
C ALA C 511 10.50 -7.52 8.85
N GLU C 512 10.68 -6.85 10.00
CA GLU C 512 11.88 -6.05 10.21
C GLU C 512 13.12 -6.95 10.18
N TYR C 513 14.15 -6.48 9.47
CA TYR C 513 15.35 -7.28 9.25
C TYR C 513 16.58 -6.39 9.39
N GLN C 514 17.59 -6.89 10.09
CA GLN C 514 18.84 -6.15 10.27
C GLN C 514 19.82 -6.58 9.17
N ALA C 515 19.65 -5.96 8.00
CA ALA C 515 20.44 -6.34 6.83
C ALA C 515 21.81 -5.67 6.88
N GLY C 516 22.83 -6.40 6.46
CA GLY C 516 24.17 -5.84 6.43
C GLY C 516 24.29 -4.75 5.37
N ARG C 517 24.96 -3.65 5.76
CA ARG C 517 25.01 -2.47 4.89
C ARG C 517 25.72 -2.78 3.57
N PHE C 518 26.85 -3.48 3.63
CA PHE C 518 27.60 -3.80 2.41
C PHE C 518 26.77 -4.67 1.46
N ALA C 519 26.25 -5.78 1.99
CA ALA C 519 25.49 -6.71 1.15
C ALA C 519 24.18 -6.10 0.70
N LEU C 520 23.49 -5.38 1.59
CA LEU C 520 22.23 -4.74 1.20
C LEU C 520 22.46 -3.70 0.11
N SER C 521 23.51 -2.89 0.24
CA SER C 521 23.81 -1.90 -0.79
C SER C 521 24.13 -2.57 -2.12
N LEU C 522 24.94 -3.63 -2.09
CA LEU C 522 25.28 -4.32 -3.32
C LEU C 522 24.04 -4.92 -3.99
N ARG C 523 23.19 -5.57 -3.19
CA ARG C 523 22.00 -6.21 -3.75
C ARG C 523 21.01 -5.16 -4.29
N LYS C 524 20.85 -4.05 -3.57
CA LYS C 524 19.95 -3.01 -4.04
C LYS C 524 20.46 -2.38 -5.33
N HIS C 525 21.78 -2.16 -5.43
CA HIS C 525 22.34 -1.63 -6.66
C HIS C 525 22.12 -2.60 -7.82
N CYS C 526 22.36 -3.89 -7.58
CA CYS C 526 22.17 -4.90 -8.63
C CYS C 526 20.72 -4.94 -9.08
N PHE C 527 19.78 -4.95 -8.13
CA PHE C 527 18.37 -5.00 -8.48
C PHE C 527 17.94 -3.74 -9.23
N GLY C 528 18.39 -2.57 -8.77
CA GLY C 528 18.02 -1.33 -9.43
C GLY C 528 18.53 -1.24 -10.84
N VAL C 529 19.78 -1.68 -11.08
CA VAL C 529 20.31 -1.67 -12.43
C VAL C 529 19.60 -2.69 -13.30
N ILE C 530 19.36 -3.90 -12.76
CA ILE C 530 18.66 -4.94 -13.52
C ILE C 530 17.24 -4.49 -13.84
N LEU C 531 16.55 -3.92 -12.85
CA LEU C 531 15.21 -3.40 -13.05
C LEU C 531 15.29 -1.97 -13.59
N GLY C 532 14.17 -1.26 -13.57
CA GLY C 532 14.11 0.09 -14.10
C GLY C 532 13.90 1.15 -13.05
N ALA C 533 14.62 1.05 -11.93
CA ALA C 533 14.41 1.97 -10.81
C ALA C 533 14.63 3.42 -11.21
N ASN C 534 15.50 3.68 -12.19
CA ASN C 534 15.68 5.04 -12.67
C ASN C 534 14.41 5.58 -13.29
N THR C 535 13.68 4.74 -14.01
CA THR C 535 12.41 5.13 -14.63
C THR C 535 11.19 4.67 -13.84
N ARG C 536 11.36 3.80 -12.85
CA ARG C 536 10.26 3.29 -12.04
C ARG C 536 10.60 3.47 -10.56
N PRO C 537 10.44 4.69 -10.03
CA PRO C 537 10.73 4.92 -8.61
C PRO C 537 9.72 4.27 -7.66
N ASP C 538 8.61 3.75 -8.18
CA ASP C 538 7.58 3.16 -7.33
C ASP C 538 7.89 1.73 -6.90
N LEU C 539 8.96 1.13 -7.40
CA LEU C 539 9.31 -0.24 -7.03
C LEU C 539 10.07 -0.24 -5.72
N ASP C 540 9.64 -1.06 -4.78
CA ASP C 540 10.27 -1.17 -3.47
C ASP C 540 11.27 -2.31 -3.48
N LEU C 541 12.54 -1.98 -3.26
CA LEU C 541 13.62 -2.96 -3.31
C LEU C 541 14.08 -3.42 -1.94
N ARG C 542 13.37 -3.03 -0.87
CA ARG C 542 13.80 -3.39 0.47
C ARG C 542 13.59 -4.87 0.76
N ASP C 543 12.45 -5.42 0.33
CA ASP C 543 12.14 -6.82 0.58
C ASP C 543 12.51 -7.64 -0.64
N PRO C 544 13.53 -8.51 -0.56
CA PRO C 544 13.93 -9.30 -1.73
C PRO C 544 13.28 -10.66 -1.86
N ILE C 545 12.50 -11.09 -0.87
CA ILE C 545 11.91 -12.42 -0.89
C ILE C 545 10.39 -12.41 -0.86
N CYS C 546 9.75 -11.27 -0.62
CA CYS C 546 8.30 -11.24 -0.52
C CYS C 546 7.66 -11.65 -1.85
N ASP C 547 6.45 -12.21 -1.75
CA ASP C 547 5.79 -12.76 -2.93
C ASP C 547 5.54 -11.68 -3.97
N ASP C 548 5.22 -10.46 -3.52
CA ASP C 548 4.95 -9.37 -4.47
C ASP C 548 6.19 -9.05 -5.31
N PHE C 549 7.35 -8.90 -4.66
CA PHE C 549 8.56 -8.56 -5.40
C PHE C 549 8.98 -9.70 -6.32
N PHE C 550 8.88 -10.95 -5.87
CA PHE C 550 9.25 -12.08 -6.72
C PHE C 550 8.33 -12.18 -7.92
N GLN C 551 7.02 -11.96 -7.71
CA GLN C 551 6.09 -11.96 -8.83
C GLN C 551 6.40 -10.84 -9.80
N LEU C 552 6.72 -9.64 -9.30
CA LEU C 552 7.10 -8.55 -10.17
C LEU C 552 8.36 -8.88 -10.97
N TRP C 553 9.34 -9.50 -10.31
CA TRP C 553 10.58 -9.89 -10.98
C TRP C 553 10.31 -10.86 -12.12
N GLN C 554 9.53 -11.92 -11.83
CA GLN C 554 9.26 -12.92 -12.87
C GLN C 554 8.41 -12.34 -14.00
N ASP C 555 7.42 -11.49 -13.66
CA ASP C 555 6.60 -10.86 -14.69
C ASP C 555 7.43 -9.96 -15.59
N MET C 556 8.33 -9.17 -15.00
CA MET C 556 9.20 -8.31 -15.81
C MET C 556 10.10 -9.13 -16.71
N ALA C 557 10.67 -10.23 -16.17
CA ALA C 557 11.53 -11.08 -16.99
C ALA C 557 10.77 -11.65 -18.18
N GLU C 558 9.59 -12.21 -17.92
CA GLU C 558 8.79 -12.80 -19.01
C GLU C 558 8.37 -11.75 -20.02
N SER C 559 7.92 -10.58 -19.55
CA SER C 559 7.46 -9.54 -20.45
C SER C 559 8.60 -9.04 -21.34
N ASN C 560 9.78 -8.80 -20.75
CA ASN C 560 10.90 -8.32 -21.55
C ASN C 560 11.38 -9.39 -22.53
N ALA C 561 11.37 -10.66 -22.12
CA ALA C 561 11.75 -11.72 -23.05
C ALA C 561 10.79 -11.78 -24.23
N ASN C 562 9.49 -11.69 -23.96
CA ASN C 562 8.50 -11.70 -25.03
C ASN C 562 8.67 -10.49 -25.95
N ILE C 563 8.91 -9.30 -25.38
CA ILE C 563 9.05 -8.10 -26.19
C ILE C 563 10.27 -8.20 -27.09
N TYR C 564 11.41 -8.65 -26.53
CA TYR C 564 12.62 -8.77 -27.33
C TYR C 564 12.45 -9.83 -28.43
N GLU C 565 11.79 -10.94 -28.12
CA GLU C 565 11.54 -11.95 -29.14
C GLU C 565 10.64 -11.41 -30.24
N GLN C 566 9.62 -10.63 -29.87
CA GLN C 566 8.72 -10.06 -30.87
C GLN C 566 9.45 -9.06 -31.76
N ILE C 567 10.29 -8.20 -31.19
CA ILE C 567 10.85 -7.10 -31.95
C ILE C 567 12.09 -7.54 -32.73
N PHE C 568 13.04 -8.17 -32.06
CA PHE C 568 14.33 -8.48 -32.68
C PHE C 568 14.45 -9.92 -33.14
N ARG C 569 13.55 -10.81 -32.71
CA ARG C 569 13.69 -12.26 -32.96
C ARG C 569 15.05 -12.75 -32.50
N CYS C 570 15.49 -12.24 -31.35
CA CYS C 570 16.85 -12.50 -30.89
C CYS C 570 17.00 -13.92 -30.36
N LEU C 571 18.22 -14.43 -30.45
CA LEU C 571 18.61 -15.74 -29.96
C LEU C 571 19.59 -15.57 -28.80
N PRO C 572 19.60 -16.52 -27.84
CA PRO C 572 18.75 -17.70 -27.75
C PRO C 572 17.32 -17.40 -27.29
N SER C 573 16.36 -18.19 -27.76
CA SER C 573 14.96 -18.01 -27.40
C SER C 573 14.28 -19.37 -27.40
N ASN C 574 13.16 -19.45 -26.68
CA ASN C 574 12.40 -20.69 -26.59
C ASN C 574 11.61 -21.01 -27.85
N ALA C 575 11.56 -20.08 -28.82
CA ALA C 575 10.83 -20.35 -30.05
C ALA C 575 11.53 -21.36 -30.95
N THR C 576 12.85 -21.54 -30.79
CA THR C 576 13.63 -22.46 -31.61
C THR C 576 14.04 -23.63 -30.72
N ARG C 577 13.21 -24.67 -30.72
CA ARG C 577 13.49 -25.89 -29.96
C ARG C 577 14.26 -26.92 -30.76
N SER C 578 14.50 -26.69 -32.05
CA SER C 578 15.19 -27.64 -32.90
C SER C 578 16.07 -26.89 -33.89
N LEU C 579 17.04 -27.61 -34.45
CA LEU C 579 17.97 -26.99 -35.40
C LEU C 579 17.30 -26.65 -36.72
N ARG C 580 16.34 -27.45 -37.17
CA ARG C 580 15.62 -27.14 -38.40
C ARG C 580 14.71 -25.93 -38.21
N THR C 581 13.98 -25.89 -37.09
CA THR C 581 13.16 -24.72 -36.78
C THR C 581 14.03 -23.49 -36.60
N LEU C 582 15.23 -23.65 -36.03
CA LEU C 582 16.16 -22.53 -35.93
C LEU C 582 16.62 -22.07 -37.31
N ARG C 583 16.94 -23.01 -38.20
CA ARG C 583 17.41 -22.65 -39.53
C ARG C 583 16.35 -21.91 -40.32
N GLU C 584 15.09 -22.35 -40.22
CA GLU C 584 14.02 -21.63 -40.88
C GLU C 584 13.58 -20.38 -40.11
N TYR C 585 13.98 -20.26 -38.84
CA TYR C 585 13.64 -19.10 -38.04
C TYR C 585 14.48 -17.89 -38.39
N VAL C 586 15.77 -18.09 -38.70
CA VAL C 586 16.66 -16.98 -39.00
C VAL C 586 16.44 -16.39 -40.38
N ALA C 587 15.62 -17.02 -41.22
CA ALA C 587 15.33 -16.47 -42.53
C ALA C 587 14.39 -15.28 -42.46
N VAL C 588 13.50 -15.26 -41.47
CA VAL C 588 12.51 -14.19 -41.35
C VAL C 588 13.17 -12.93 -40.84
N GLU C 589 12.86 -11.80 -41.47
CA GLU C 589 13.44 -10.52 -41.07
C GLU C 589 12.70 -9.97 -39.86
N PRO C 590 13.41 -9.48 -38.84
CA PRO C 590 12.73 -8.94 -37.65
C PRO C 590 12.08 -7.59 -37.93
N LEU C 591 11.09 -7.27 -37.09
CA LEU C 591 10.35 -6.02 -37.23
C LEU C 591 11.21 -4.79 -36.97
N ALA C 592 12.34 -4.95 -36.28
CA ALA C 592 13.23 -3.82 -36.04
C ALA C 592 13.76 -3.27 -37.36
N THR C 593 14.08 -4.14 -38.31
CA THR C 593 14.56 -3.72 -39.62
C THR C 593 13.44 -3.50 -40.63
N VAL C 594 12.21 -3.92 -40.32
CA VAL C 594 11.09 -3.79 -41.24
C VAL C 594 10.36 -2.47 -40.99
N SER C 595 9.86 -2.29 -39.77
CA SER C 595 9.15 -1.08 -39.36
C SER C 595 9.82 -0.54 -38.11
N PRO C 596 10.93 0.19 -38.27
CA PRO C 596 11.65 0.74 -37.11
C PRO C 596 10.76 1.63 -36.26
N PRO C 597 9.86 2.45 -36.83
CA PRO C 597 8.93 3.18 -35.95
C PRO C 597 8.06 2.28 -35.09
N LEU C 598 7.55 1.18 -35.65
CA LEU C 598 6.75 0.25 -34.86
C LEU C 598 7.58 -0.43 -33.80
N ALA C 599 8.82 -0.79 -34.13
CA ALA C 599 9.71 -1.39 -33.13
C ALA C 599 10.00 -0.41 -32.00
N ARG C 600 10.23 0.87 -32.32
CA ARG C 600 10.44 1.87 -31.28
C ARG C 600 9.20 2.03 -30.42
N SER C 601 8.02 2.03 -31.04
CA SER C 601 6.79 2.15 -30.27
C SER C 601 6.61 0.97 -29.32
N GLU C 602 6.94 -0.24 -29.77
CA GLU C 602 6.81 -1.41 -28.92
C GLU C 602 7.87 -1.45 -27.82
N LEU C 603 9.08 -0.99 -28.11
CA LEU C 603 10.18 -1.07 -27.15
C LEU C 603 9.99 -0.17 -25.94
N THR C 604 9.02 0.74 -25.96
CA THR C 604 8.74 1.58 -24.79
C THR C 604 8.21 0.76 -23.62
N GLN C 605 7.79 -0.48 -23.84
CA GLN C 605 7.27 -1.33 -22.79
C GLN C 605 8.36 -2.16 -22.11
N VAL C 606 9.62 -1.95 -22.47
CA VAL C 606 10.73 -2.66 -21.85
C VAL C 606 11.11 -1.94 -20.55
N GLN C 607 11.10 -2.66 -19.45
CA GLN C 607 11.51 -2.13 -18.15
C GLN C 607 12.76 -2.87 -17.70
N GLY C 608 13.83 -2.12 -17.47
CA GLY C 608 15.08 -2.74 -17.08
C GLY C 608 15.71 -3.53 -18.22
N HIS C 609 16.67 -4.38 -17.84
CA HIS C 609 17.37 -5.22 -18.80
C HIS C 609 17.14 -6.71 -18.54
N LEU C 610 16.27 -7.05 -17.59
CA LEU C 610 16.10 -8.43 -17.16
C LEU C 610 15.20 -9.17 -18.13
N VAL C 611 15.68 -10.30 -18.66
CA VAL C 611 14.90 -11.18 -19.51
C VAL C 611 14.99 -12.59 -18.95
N HIS C 612 13.99 -13.41 -19.26
CA HIS C 612 13.98 -14.77 -18.75
C HIS C 612 14.96 -15.64 -19.54
N PHE C 613 15.49 -16.65 -18.88
CA PHE C 613 16.48 -17.52 -19.50
C PHE C 613 15.80 -18.52 -20.42
N PRO C 614 16.26 -18.68 -21.66
CA PRO C 614 15.67 -19.65 -22.60
C PRO C 614 16.07 -21.09 -22.28
N LEU C 615 15.33 -21.70 -21.35
CA LEU C 615 15.60 -23.06 -20.93
C LEU C 615 15.28 -24.10 -21.99
N LYS C 616 14.53 -23.73 -23.03
CA LYS C 616 14.12 -24.67 -24.08
C LYS C 616 14.82 -24.41 -25.41
N PHE C 617 15.91 -23.65 -25.40
CA PHE C 617 16.64 -23.35 -26.63
C PHE C 617 17.35 -24.59 -27.13
N LEU C 618 16.95 -25.07 -28.31
CA LEU C 618 17.51 -26.27 -28.92
C LEU C 618 17.42 -27.46 -27.98
N GLU C 619 16.25 -27.63 -27.35
CA GLU C 619 16.05 -28.71 -26.39
C GLU C 619 15.89 -30.07 -27.04
N ASP C 620 15.78 -30.13 -28.37
CA ASP C 620 15.60 -31.39 -29.08
C ASP C 620 16.90 -31.90 -29.70
N GLU C 621 18.04 -31.48 -29.18
CA GLU C 621 19.33 -31.92 -29.71
C GLU C 621 20.26 -32.37 -28.58
N SER C 622 21.51 -32.67 -28.92
CA SER C 622 22.50 -33.09 -27.94
C SER C 622 23.57 -32.04 -27.67
N LEU C 623 23.94 -31.24 -28.66
CA LEU C 623 24.90 -30.14 -28.53
C LEU C 623 26.28 -30.62 -28.06
N LEU C 624 26.58 -31.90 -28.23
CA LEU C 624 27.87 -32.43 -27.82
C LEU C 624 28.18 -33.73 -28.55
N GLY C 632 37.34 -38.24 -29.16
CA GLY C 632 37.65 -38.91 -27.92
C GLY C 632 38.93 -38.40 -27.28
N MET C 633 39.73 -37.69 -28.07
CA MET C 633 40.97 -37.12 -27.58
C MET C 633 40.78 -35.80 -26.84
N ILE C 634 39.61 -35.19 -26.93
CA ILE C 634 39.32 -33.92 -26.28
C ILE C 634 38.59 -34.22 -24.98
N PRO C 635 39.18 -33.94 -23.82
CA PRO C 635 38.50 -34.20 -22.55
C PRO C 635 37.23 -33.38 -22.44
N LEU C 636 36.20 -33.97 -21.81
CA LEU C 636 34.96 -33.26 -21.56
C LEU C 636 35.05 -32.33 -20.36
N GLU C 637 36.20 -32.25 -19.70
CA GLU C 637 36.41 -31.36 -18.57
C GLU C 637 36.95 -30.00 -18.99
N VAL C 638 37.10 -29.76 -20.29
CA VAL C 638 37.63 -28.48 -20.76
C VAL C 638 36.65 -27.35 -20.48
N TRP C 639 35.35 -27.62 -20.59
CA TRP C 639 34.34 -26.59 -20.42
C TRP C 639 33.56 -26.68 -19.11
N THR C 640 33.59 -27.82 -18.43
CA THR C 640 32.84 -27.99 -17.18
C THR C 640 33.27 -26.98 -16.13
N LEU D 27 -17.94 1.51 40.57
CA LEU D 27 -19.15 1.85 39.84
C LEU D 27 -20.10 2.66 40.71
N HIS D 28 -20.79 3.61 40.10
CA HIS D 28 -21.72 4.48 40.81
C HIS D 28 -23.13 3.88 40.77
N ARG D 29 -24.12 4.67 41.14
CA ARG D 29 -25.51 4.22 41.14
C ARG D 29 -25.93 3.77 39.75
N HIS D 30 -26.68 2.65 39.70
CA HIS D 30 -27.14 2.04 38.45
C HIS D 30 -25.97 1.57 37.59
N ASP D 31 -24.83 1.29 38.22
CA ASP D 31 -23.61 0.87 37.53
C ASP D 31 -23.21 1.87 36.45
N SER D 32 -23.42 3.16 36.74
CA SER D 32 -23.08 4.22 35.81
C SER D 32 -21.66 4.70 36.05
N TYR D 33 -21.09 5.33 35.02
CA TYR D 33 -19.74 5.86 35.11
C TYR D 33 -19.67 7.21 35.82
N ALA D 34 -20.81 7.83 36.10
CA ALA D 34 -20.85 9.11 36.79
C ALA D 34 -21.81 9.05 37.96
N PRO D 35 -21.48 9.69 39.08
CA PRO D 35 -22.38 9.69 40.24
C PRO D 35 -23.47 10.73 40.08
N PRO D 36 -24.58 10.59 40.80
CA PRO D 36 -25.60 11.65 40.78
C PRO D 36 -25.03 12.96 41.30
N ARG D 37 -25.45 14.06 40.66
CA ARG D 37 -24.92 15.38 40.97
C ARG D 37 -26.02 16.30 41.46
N PRO D 38 -26.13 16.55 42.77
CA PRO D 38 -27.16 17.45 43.28
C PRO D 38 -26.82 18.92 42.98
N GLY D 39 -27.83 19.76 43.14
CA GLY D 39 -27.66 21.18 42.91
C GLY D 39 -27.31 21.53 41.48
N THR D 40 -27.98 20.91 40.51
CA THR D 40 -27.69 21.10 39.10
C THR D 40 -28.87 21.81 38.43
N LEU D 41 -28.56 22.81 37.61
CA LEU D 41 -29.56 23.55 36.87
C LEU D 41 -29.84 22.82 35.56
N ALA D 42 -31.03 22.21 35.46
CA ALA D 42 -31.44 21.48 34.26
C ALA D 42 -32.75 22.06 33.74
N ARG D 43 -32.83 22.22 32.42
CA ARG D 43 -34.02 22.77 31.77
C ARG D 43 -34.43 21.84 30.65
N TRP D 44 -35.72 21.51 30.60
CA TRP D 44 -36.27 20.62 29.59
C TRP D 44 -36.86 21.42 28.43
N PHE D 45 -36.75 20.87 27.23
CA PHE D 45 -37.31 21.46 26.02
C PHE D 45 -38.24 20.46 25.38
N VAL D 46 -39.43 20.92 24.99
CA VAL D 46 -40.39 20.12 24.23
C VAL D 46 -40.42 20.67 22.81
N ASN D 47 -40.31 19.77 21.83
CA ASN D 47 -40.20 20.11 20.41
C ASN D 47 -38.87 20.79 20.11
N GLY D 48 -38.48 20.79 18.83
CA GLY D 48 -37.13 21.19 18.46
C GLY D 48 -36.86 22.68 18.39
N ALA D 49 -37.89 23.52 18.41
CA ALA D 49 -37.68 24.96 18.24
C ALA D 49 -36.88 25.54 19.40
N GLY D 50 -37.34 25.28 20.64
CA GLY D 50 -36.63 25.81 21.80
C GLY D 50 -35.25 25.21 21.96
N TYR D 51 -35.12 23.92 21.69
CA TYR D 51 -33.81 23.27 21.77
C TYR D 51 -32.84 23.89 20.78
N PHE D 52 -33.29 24.10 19.54
CA PHE D 52 -32.41 24.71 18.54
C PHE D 52 -32.04 26.14 18.90
N ALA D 53 -33.01 26.91 19.42
CA ALA D 53 -32.70 28.28 19.82
C ALA D 53 -31.69 28.31 20.96
N ALA D 54 -31.85 27.43 21.95
CA ALA D 54 -30.90 27.36 23.06
C ALA D 54 -29.53 26.93 22.57
N VAL D 55 -29.47 25.98 21.64
CA VAL D 55 -28.19 25.54 21.09
C VAL D 55 -27.51 26.69 20.36
N ALA D 56 -28.28 27.46 19.58
CA ALA D 56 -27.70 28.60 18.87
C ALA D 56 -27.16 29.63 19.84
N ASP D 57 -27.91 29.93 20.90
CA ASP D 57 -27.44 30.89 21.89
C ASP D 57 -26.17 30.40 22.58
N ALA D 58 -26.12 29.12 22.94
CA ALA D 58 -24.94 28.57 23.60
C ALA D 58 -23.73 28.60 22.67
N ILE D 59 -23.94 28.29 21.39
CA ILE D 59 -22.84 28.36 20.41
C ILE D 59 -22.34 29.79 20.29
N LEU D 60 -23.27 30.76 20.27
CA LEU D 60 -22.86 32.16 20.26
C LEU D 60 -22.07 32.52 21.51
N ARG D 61 -22.40 31.92 22.65
CA ARG D 61 -21.73 32.21 23.92
C ARG D 61 -20.50 31.35 24.17
N ALA D 62 -20.13 30.49 23.23
CA ALA D 62 -18.99 29.60 23.43
C ALA D 62 -17.68 30.40 23.48
N GLN D 63 -16.71 29.87 24.23
CA GLN D 63 -15.43 30.53 24.36
C GLN D 63 -14.24 29.63 24.07
N GLU D 64 -14.29 28.36 24.50
CA GLU D 64 -13.12 27.49 24.41
C GLU D 64 -13.32 26.32 23.45
N GLU D 65 -14.35 25.48 23.66
CA GLU D 65 -14.50 24.28 22.86
C GLU D 65 -15.97 23.95 22.71
N ILE D 66 -16.29 23.24 21.61
CA ILE D 66 -17.62 22.73 21.36
C ILE D 66 -17.49 21.26 20.95
N PHE D 67 -18.21 20.39 21.65
CA PHE D 67 -18.20 18.95 21.38
C PHE D 67 -19.57 18.56 20.84
N ILE D 68 -19.59 17.93 19.67
CA ILE D 68 -20.84 17.59 19.00
C ILE D 68 -20.84 16.11 18.64
N THR D 69 -21.89 15.40 19.05
CA THR D 69 -22.18 14.05 18.59
C THR D 69 -23.59 14.05 18.01
N ASP D 70 -23.73 13.56 16.78
CA ASP D 70 -25.03 13.49 16.13
C ASP D 70 -25.12 12.24 15.28
N TRP D 71 -26.25 11.53 15.40
CA TRP D 71 -26.52 10.42 14.50
C TRP D 71 -26.78 10.90 13.08
N TRP D 72 -27.24 12.14 12.93
CA TRP D 72 -27.36 12.77 11.62
C TRP D 72 -27.27 14.28 11.82
N LEU D 73 -26.24 14.90 11.24
CA LEU D 73 -26.04 16.34 11.35
C LEU D 73 -26.23 16.96 9.97
N SER D 74 -27.15 17.92 9.87
CA SER D 74 -27.36 18.66 8.64
C SER D 74 -26.62 19.99 8.75
N PRO D 75 -25.57 20.22 7.96
CA PRO D 75 -24.77 21.44 8.13
C PRO D 75 -25.55 22.74 7.94
N GLU D 76 -26.53 22.76 7.03
CA GLU D 76 -27.22 23.99 6.65
C GLU D 76 -28.62 24.08 7.24
N VAL D 77 -28.79 23.63 8.48
CA VAL D 77 -30.07 23.75 9.17
C VAL D 77 -30.07 25.03 9.98
N TYR D 78 -31.21 25.71 10.02
CA TYR D 78 -31.36 26.95 10.77
C TYR D 78 -31.87 26.64 12.16
N LEU D 79 -31.21 27.22 13.17
CA LEU D 79 -31.63 27.05 14.56
C LEU D 79 -32.63 28.10 15.01
N LYS D 80 -32.87 29.13 14.20
CA LYS D 80 -33.87 30.15 14.49
C LYS D 80 -34.75 30.33 13.26
N ARG D 81 -36.06 30.35 13.47
CA ARG D 81 -37.03 30.41 12.38
C ARG D 81 -38.04 31.51 12.63
N PRO D 82 -38.58 32.13 11.57
CA PRO D 82 -38.23 31.90 10.17
C PRO D 82 -36.88 32.51 9.80
N ALA D 83 -36.17 31.90 8.86
CA ALA D 83 -34.85 32.36 8.48
C ALA D 83 -34.93 33.71 7.79
N HIS D 84 -34.06 34.63 8.20
CA HIS D 84 -33.92 35.93 7.55
C HIS D 84 -32.51 36.23 7.09
N SER D 85 -31.51 35.51 7.58
CA SER D 85 -30.12 35.70 7.18
C SER D 85 -29.37 34.41 7.53
N ASP D 86 -28.05 34.44 7.37
CA ASP D 86 -27.20 33.31 7.69
C ASP D 86 -26.67 33.35 9.12
N ASP D 87 -27.06 34.36 9.91
CA ASP D 87 -26.51 34.54 11.25
C ASP D 87 -26.89 33.42 12.20
N TRP D 88 -27.93 32.64 11.89
CA TRP D 88 -28.39 31.58 12.79
C TRP D 88 -28.33 30.20 12.14
N ARG D 89 -27.51 30.04 11.10
CA ARG D 89 -27.30 28.74 10.49
C ARG D 89 -26.18 28.01 11.23
N LEU D 90 -26.34 26.69 11.38
CA LEU D 90 -25.40 25.91 12.18
C LEU D 90 -23.99 25.99 11.62
N ASP D 91 -23.83 25.76 10.32
CA ASP D 91 -22.50 25.81 9.72
C ASP D 91 -21.90 27.20 9.83
N ILE D 92 -22.71 28.24 9.59
CA ILE D 92 -22.20 29.61 9.63
C ILE D 92 -21.78 29.98 11.05
N MET D 93 -22.60 29.63 12.05
CA MET D 93 -22.23 29.93 13.43
C MET D 93 -20.98 29.17 13.86
N LEU D 94 -20.87 27.90 13.47
CA LEU D 94 -19.68 27.13 13.80
C LEU D 94 -18.44 27.74 13.15
N LYS D 95 -18.56 28.16 11.88
CA LYS D 95 -17.44 28.80 11.21
C LYS D 95 -17.05 30.11 11.91
N ARG D 96 -18.05 30.92 12.29
CA ARG D 96 -17.76 32.18 12.97
C ARG D 96 -17.05 31.94 14.30
N LYS D 97 -17.52 30.96 15.07
CA LYS D 97 -16.88 30.67 16.35
C LYS D 97 -15.48 30.10 16.16
N ALA D 98 -15.29 29.28 15.11
CA ALA D 98 -13.96 28.77 14.83
C ALA D 98 -13.00 29.89 14.43
N GLU D 99 -13.49 30.87 13.68
CA GLU D 99 -12.66 32.03 13.34
C GLU D 99 -12.24 32.80 14.59
N GLU D 100 -13.05 32.76 15.66
CA GLU D 100 -12.71 33.41 16.91
C GLU D 100 -11.74 32.60 17.76
N GLY D 101 -11.45 31.37 17.37
CA GLY D 101 -10.51 30.53 18.09
C GLY D 101 -11.12 29.46 18.96
N VAL D 102 -12.27 28.90 18.57
CA VAL D 102 -12.93 27.85 19.33
C VAL D 102 -12.72 26.53 18.60
N ARG D 103 -12.17 25.56 19.30
CA ARG D 103 -11.87 24.25 18.72
C ARG D 103 -13.15 23.43 18.73
N VAL D 104 -13.77 23.29 17.56
CA VAL D 104 -14.99 22.51 17.40
C VAL D 104 -14.60 21.08 17.06
N SER D 105 -15.11 20.13 17.84
CA SER D 105 -14.86 18.71 17.61
C SER D 105 -16.20 18.02 17.41
N ILE D 106 -16.38 17.36 16.27
CA ILE D 106 -17.64 16.74 15.89
C ILE D 106 -17.38 15.25 15.64
N LEU D 107 -18.23 14.41 16.22
CA LEU D 107 -18.11 12.95 16.11
C LEU D 107 -19.37 12.45 15.41
N LEU D 108 -19.24 12.09 14.14
CA LEU D 108 -20.38 11.69 13.32
C LEU D 108 -20.44 10.17 13.18
N PHE D 109 -21.64 9.68 12.93
CA PHE D 109 -21.88 8.26 12.70
C PHE D 109 -21.80 7.97 11.20
N LYS D 110 -20.99 6.98 10.84
CA LYS D 110 -20.84 6.56 9.45
C LYS D 110 -21.94 5.57 9.10
N GLU D 111 -22.76 5.93 8.11
CA GLU D 111 -23.87 5.09 7.69
C GLU D 111 -23.36 3.72 7.23
N VAL D 112 -24.10 2.68 7.58
CA VAL D 112 -23.85 1.34 7.02
C VAL D 112 -24.67 1.27 5.74
N GLU D 113 -24.08 1.82 4.66
CA GLU D 113 -24.59 1.86 3.29
C GLU D 113 -25.51 3.05 3.09
N LEU D 114 -26.14 3.11 1.92
CA LEU D 114 -27.02 4.21 1.53
C LEU D 114 -28.43 3.98 2.07
N ALA D 115 -29.38 4.77 1.58
CA ALA D 115 -30.82 4.70 1.88
C ALA D 115 -31.10 5.16 3.30
N LEU D 116 -30.06 5.21 4.12
CA LEU D 116 -30.05 6.10 5.27
C LEU D 116 -29.58 7.46 4.78
N GLY D 117 -30.51 8.39 4.67
CA GLY D 117 -30.20 9.64 4.03
C GLY D 117 -29.29 10.56 4.80
N ILE D 118 -28.64 10.05 5.86
CA ILE D 118 -27.79 10.89 6.68
C ILE D 118 -26.63 11.46 5.87
N ASN D 119 -26.03 10.63 5.01
CA ASN D 119 -24.93 11.04 4.14
C ASN D 119 -23.83 11.73 4.94
N SER D 120 -23.21 10.94 5.81
CA SER D 120 -22.17 11.47 6.70
C SER D 120 -21.01 12.07 5.92
N GLY D 121 -20.78 11.59 4.69
CA GLY D 121 -19.68 12.12 3.89
C GLY D 121 -19.83 13.59 3.59
N TYR D 122 -21.00 14.00 3.10
CA TYR D 122 -21.21 15.41 2.78
C TYR D 122 -21.16 16.28 4.03
N SER D 123 -21.75 15.79 5.14
CA SER D 123 -21.70 16.55 6.38
C SER D 123 -20.27 16.77 6.84
N LYS D 124 -19.46 15.70 6.82
CA LYS D 124 -18.06 15.83 7.21
C LYS D 124 -17.31 16.78 6.29
N ARG D 125 -17.55 16.66 4.98
CA ARG D 125 -16.86 17.53 4.02
C ARG D 125 -17.20 18.99 4.27
N ALA D 126 -18.48 19.30 4.46
CA ALA D 126 -18.88 20.69 4.69
C ALA D 126 -18.33 21.22 6.01
N LEU D 127 -18.42 20.41 7.08
CA LEU D 127 -17.95 20.87 8.38
C LEU D 127 -16.44 21.10 8.38
N MET D 128 -15.69 20.23 7.70
CA MET D 128 -14.25 20.44 7.60
C MET D 128 -13.91 21.60 6.67
N LEU D 129 -14.75 21.85 5.66
CA LEU D 129 -14.53 22.97 4.75
C LEU D 129 -14.83 24.30 5.41
N LEU D 130 -15.65 24.32 6.46
CA LEU D 130 -15.97 25.57 7.15
C LEU D 130 -14.70 26.27 7.63
N HIS D 131 -13.95 25.61 8.52
CA HIS D 131 -12.75 26.20 9.08
C HIS D 131 -11.83 25.08 9.56
N PRO D 132 -10.51 25.26 9.52
CA PRO D 132 -9.62 24.21 10.03
C PRO D 132 -9.80 23.91 11.51
N ASN D 133 -10.31 24.88 12.29
CA ASN D 133 -10.55 24.63 13.71
C ASN D 133 -11.66 23.62 13.95
N ILE D 134 -12.47 23.32 12.93
CA ILE D 134 -13.53 22.32 13.05
C ILE D 134 -12.97 20.98 12.58
N LYS D 135 -12.91 20.02 13.49
CA LYS D 135 -12.41 18.68 13.20
C LYS D 135 -13.55 17.69 13.35
N VAL D 136 -13.84 16.94 12.27
CA VAL D 136 -14.94 15.99 12.24
C VAL D 136 -14.38 14.60 12.01
N MET D 137 -14.81 13.65 12.84
CA MET D 137 -14.36 12.27 12.73
C MET D 137 -15.58 11.35 12.66
N ARG D 138 -15.56 10.43 11.71
CA ARG D 138 -16.67 9.50 11.49
C ARG D 138 -16.36 8.13 12.08
N HIS D 139 -17.41 7.47 12.58
CA HIS D 139 -17.28 6.13 13.13
C HIS D 139 -18.64 5.46 13.08
N PRO D 140 -18.70 4.13 12.87
CA PRO D 140 -17.61 3.18 12.68
C PRO D 140 -17.16 3.02 11.22
N ASP D 141 -15.95 2.49 11.04
CA ASP D 141 -15.48 2.11 9.71
C ASP D 141 -15.65 0.62 9.42
N GLN D 142 -15.77 -0.21 10.46
CA GLN D 142 -15.98 -1.63 10.28
C GLN D 142 -17.45 -1.93 9.97
N VAL D 143 -17.69 -3.09 9.37
CA VAL D 143 -19.02 -3.51 8.98
C VAL D 143 -19.70 -4.09 10.22
N THR D 144 -20.59 -3.31 10.83
CA THR D 144 -21.31 -3.72 12.02
C THR D 144 -22.79 -3.40 11.86
N LEU D 145 -23.63 -4.20 12.53
CA LEU D 145 -25.07 -3.99 12.52
C LEU D 145 -25.49 -2.79 13.37
N TRP D 146 -24.58 -2.21 14.15
CA TRP D 146 -24.93 -1.24 15.17
C TRP D 146 -24.46 0.16 14.78
N ALA D 147 -24.98 1.15 15.49
CA ALA D 147 -24.80 2.55 15.13
C ALA D 147 -24.54 3.39 16.38
N HIS D 148 -24.08 4.61 16.14
CA HIS D 148 -23.92 5.62 17.19
C HIS D 148 -25.15 6.53 17.15
N HIS D 149 -26.04 6.37 18.12
CA HIS D 149 -27.30 7.09 18.15
C HIS D 149 -27.32 8.23 19.17
N GLU D 150 -26.28 8.37 19.98
CA GLU D 150 -26.28 9.42 20.99
C GLU D 150 -26.21 10.80 20.33
N LYS D 151 -26.88 11.76 20.96
CA LYS D 151 -26.95 13.14 20.48
C LYS D 151 -26.53 14.05 21.62
N LEU D 152 -25.53 14.89 21.38
CA LEU D 152 -24.94 15.67 22.45
C LEU D 152 -24.27 16.90 21.88
N LEU D 153 -24.39 18.02 22.60
CA LEU D 153 -23.66 19.25 22.27
C LEU D 153 -23.21 19.90 23.57
N VAL D 154 -21.89 19.93 23.77
CA VAL D 154 -21.30 20.42 25.01
C VAL D 154 -20.50 21.68 24.69
N VAL D 155 -20.76 22.74 25.45
CA VAL D 155 -20.09 24.04 25.30
C VAL D 155 -19.21 24.25 26.53
N ASP D 156 -17.91 24.46 26.27
CA ASP D 156 -16.91 24.77 27.29
C ASP D 156 -16.86 23.71 28.39
N GLN D 157 -17.33 22.49 28.09
CA GLN D 157 -17.43 21.42 29.07
C GLN D 157 -18.24 21.84 30.30
N VAL D 158 -19.11 22.84 30.12
CA VAL D 158 -19.92 23.36 31.21
C VAL D 158 -21.40 23.42 30.89
N VAL D 159 -21.81 23.44 29.62
CA VAL D 159 -23.24 23.43 29.28
C VAL D 159 -23.49 22.29 28.30
N ALA D 160 -24.30 21.32 28.71
CA ALA D 160 -24.52 20.12 27.92
C ALA D 160 -25.97 20.02 27.48
N PHE D 161 -26.20 19.89 26.18
CA PHE D 161 -27.51 19.63 25.61
C PHE D 161 -27.55 18.20 25.12
N LEU D 162 -28.63 17.48 25.48
CA LEU D 162 -28.81 16.12 25.00
C LEU D 162 -30.30 15.84 24.87
N GLY D 163 -30.62 14.60 24.51
CA GLY D 163 -32.00 14.20 24.31
C GLY D 163 -32.18 13.40 23.03
N GLY D 164 -33.36 13.46 22.43
CA GLY D 164 -33.66 12.76 21.21
C GLY D 164 -33.55 13.58 19.94
N LEU D 165 -33.08 14.82 20.03
CA LEU D 165 -33.06 15.74 18.88
C LEU D 165 -31.67 15.76 18.26
N ASP D 166 -31.60 15.41 16.98
CA ASP D 166 -30.41 15.61 16.18
C ASP D 166 -30.47 16.97 15.49
N LEU D 167 -29.29 17.49 15.14
CA LEU D 167 -29.20 18.73 14.37
C LEU D 167 -29.38 18.43 12.88
N ALA D 168 -30.57 17.93 12.55
CA ALA D 168 -30.87 17.41 11.24
C ALA D 168 -32.20 17.97 10.73
N TYR D 169 -32.47 17.72 9.45
CA TYR D 169 -33.69 18.19 8.81
C TYR D 169 -34.91 17.48 9.38
N GLY D 170 -36.03 18.20 9.40
CA GLY D 170 -37.28 17.65 9.86
C GLY D 170 -37.45 17.59 11.36
N ARG D 171 -36.47 18.06 12.13
CA ARG D 171 -36.54 18.00 13.59
C ARG D 171 -37.17 19.25 14.19
N TRP D 172 -37.04 20.40 13.52
CA TRP D 172 -37.58 21.64 14.06
C TRP D 172 -39.11 21.63 14.00
N ASP D 173 -39.74 21.97 15.12
CA ASP D 173 -41.19 22.06 15.20
C ASP D 173 -41.54 22.71 16.54
N ASP D 174 -42.81 23.06 16.69
CA ASP D 174 -43.30 23.68 17.92
C ASP D 174 -44.67 23.11 18.25
N LEU D 175 -45.36 23.74 19.19
CA LEU D 175 -46.66 23.25 19.63
C LEU D 175 -47.72 23.31 18.55
N HIS D 176 -47.55 24.18 17.54
CA HIS D 176 -48.53 24.27 16.47
C HIS D 176 -48.59 23.00 15.66
N TYR D 177 -47.43 22.38 15.38
CA TYR D 177 -47.33 21.19 14.56
C TYR D 177 -47.96 21.40 13.19
N ARG D 178 -47.59 22.50 12.55
CA ARG D 178 -48.18 22.89 11.28
C ARG D 178 -47.88 21.86 10.20
N LEU D 179 -48.85 21.67 9.31
CA LEU D 179 -48.73 20.74 8.19
C LEU D 179 -48.44 21.43 6.87
N THR D 180 -48.53 22.75 6.80
CA THR D 180 -48.39 23.49 5.55
C THR D 180 -47.32 24.56 5.70
N ASP D 181 -46.54 24.75 4.64
CA ASP D 181 -45.53 25.80 4.54
C ASP D 181 -45.64 26.49 3.19
N LEU D 182 -46.87 26.85 2.81
CA LEU D 182 -47.12 27.43 1.49
C LEU D 182 -46.40 28.76 1.32
N GLY D 183 -46.43 29.60 2.34
CA GLY D 183 -45.78 30.89 2.28
C GLY D 183 -46.74 32.05 2.31
N LEU D 206 -34.09 36.17 0.95
CA LEU D 206 -34.19 35.50 2.23
C LEU D 206 -34.48 36.50 3.34
N SER D 207 -34.30 37.79 3.03
CA SER D 207 -34.52 38.83 4.02
C SER D 207 -35.98 38.87 4.49
N HIS D 208 -36.93 38.58 3.59
CA HIS D 208 -38.34 38.56 3.93
C HIS D 208 -38.92 37.15 3.78
N ASN D 209 -38.11 36.13 4.07
CA ASN D 209 -38.56 34.75 3.93
C ASN D 209 -39.64 34.43 4.97
N GLN D 210 -40.68 33.72 4.52
CA GLN D 210 -41.77 33.31 5.38
C GLN D 210 -41.78 31.81 5.68
N PHE D 211 -40.96 31.03 4.98
CA PHE D 211 -40.97 29.58 5.16
C PHE D 211 -40.19 29.21 6.42
N PHE D 212 -40.84 28.46 7.32
CA PHE D 212 -40.15 27.96 8.50
C PHE D 212 -39.20 26.84 8.13
N TRP D 213 -39.62 25.92 7.28
CA TRP D 213 -38.78 24.83 6.79
C TRP D 213 -38.42 25.11 5.34
N LEU D 214 -37.12 25.25 5.08
CA LEU D 214 -36.62 25.61 3.76
C LEU D 214 -36.03 24.38 3.06
N GLY D 215 -36.53 24.11 1.86
CA GLY D 215 -35.96 23.04 1.05
C GLY D 215 -36.12 21.69 1.70
N LYS D 216 -34.98 21.03 1.93
CA LYS D 216 -34.98 19.67 2.48
C LYS D 216 -35.56 19.61 3.88
N ASP D 217 -35.61 20.73 4.60
CA ASP D 217 -36.16 20.73 5.95
C ASP D 217 -37.64 20.38 5.93
N TYR D 218 -38.39 20.93 4.97
CA TYR D 218 -39.78 20.56 4.80
C TYR D 218 -39.86 19.17 4.17
N SER D 219 -40.44 18.22 4.88
CA SER D 219 -40.41 16.85 4.41
C SER D 219 -41.54 16.05 5.06
N ASN D 220 -41.86 14.92 4.42
CA ASN D 220 -42.71 13.88 4.99
C ASN D 220 -41.95 12.57 4.80
N LEU D 221 -41.30 12.11 5.87
CA LEU D 221 -40.39 10.97 5.74
C LEU D 221 -41.11 9.70 5.32
N ILE D 222 -42.30 9.44 5.90
CA ILE D 222 -43.04 8.24 5.53
C ILE D 222 -43.44 8.30 4.06
N THR D 223 -43.78 9.49 3.56
CA THR D 223 -44.10 9.64 2.15
C THR D 223 -42.87 9.44 1.27
N LYS D 224 -41.77 10.12 1.62
CA LYS D 224 -40.55 10.03 0.82
C LYS D 224 -39.37 10.44 1.68
N ASP D 225 -38.23 9.81 1.43
CA ASP D 225 -37.01 10.09 2.18
C ASP D 225 -36.17 11.14 1.45
N TRP D 226 -35.25 11.74 2.21
CA TRP D 226 -34.40 12.80 1.65
C TRP D 226 -33.54 12.27 0.51
N VAL D 227 -33.36 13.10 -0.50
CA VAL D 227 -32.52 12.78 -1.65
C VAL D 227 -31.69 14.02 -2.01
N GLN D 228 -30.40 13.81 -2.26
CA GLN D 228 -29.48 14.85 -2.71
C GLN D 228 -29.39 15.99 -1.69
N LEU D 229 -28.87 15.65 -0.51
CA LEU D 229 -28.62 16.64 0.52
C LEU D 229 -27.57 17.67 0.11
N ASP D 230 -26.77 17.36 -0.93
CA ASP D 230 -25.76 18.31 -1.39
C ASP D 230 -26.39 19.59 -1.92
N ARG D 231 -27.64 19.52 -2.38
CA ARG D 231 -28.40 20.71 -2.74
C ARG D 231 -29.35 21.04 -1.61
N PRO D 232 -28.95 21.92 -0.68
CA PRO D 232 -29.75 22.11 0.54
C PRO D 232 -31.07 22.83 0.31
N PHE D 233 -31.05 23.92 -0.44
CA PHE D 233 -32.23 24.77 -0.60
C PHE D 233 -33.03 24.37 -1.84
N GLU D 234 -33.45 23.11 -1.85
CA GLU D 234 -34.27 22.57 -2.92
C GLU D 234 -35.37 21.70 -2.32
N ASP D 235 -36.59 21.87 -2.81
CA ASP D 235 -37.72 21.05 -2.35
C ASP D 235 -37.73 19.74 -3.13
N PHE D 236 -37.62 18.63 -2.41
CA PHE D 236 -37.74 17.31 -3.03
C PHE D 236 -39.17 16.78 -3.00
N ILE D 237 -40.11 17.54 -2.44
CA ILE D 237 -41.52 17.21 -2.47
C ILE D 237 -42.31 18.47 -2.84
N ASP D 238 -43.61 18.30 -3.04
CA ASP D 238 -44.48 19.38 -3.44
C ASP D 238 -45.14 19.99 -2.20
N ARG D 239 -44.90 21.28 -1.97
CA ARG D 239 -45.52 21.95 -0.83
C ARG D 239 -47.01 22.11 -1.01
N GLU D 240 -47.48 22.24 -2.25
CA GLU D 240 -48.90 22.48 -2.48
C GLU D 240 -49.74 21.24 -2.23
N THR D 241 -49.22 20.06 -2.60
CA THR D 241 -49.99 18.82 -2.52
C THR D 241 -49.58 17.94 -1.35
N THR D 242 -48.28 17.71 -1.16
CA THR D 242 -47.81 16.80 -0.13
C THR D 242 -47.61 17.56 1.18
N PRO D 243 -48.26 17.16 2.27
CA PRO D 243 -48.04 17.82 3.56
C PRO D 243 -46.76 17.32 4.21
N ARG D 244 -46.44 17.91 5.36
CA ARG D 244 -45.27 17.53 6.14
C ARG D 244 -45.69 16.72 7.37
N MET D 245 -44.73 16.00 7.92
CA MET D 245 -44.95 15.19 9.11
C MET D 245 -44.45 15.95 10.33
N PRO D 246 -45.30 16.26 11.31
CA PRO D 246 -44.83 16.95 12.51
C PRO D 246 -43.82 16.08 13.27
N TRP D 247 -42.88 16.76 13.93
CA TRP D 247 -41.83 16.11 14.70
C TRP D 247 -41.99 16.51 16.15
N ARG D 248 -42.25 15.53 17.01
CA ARG D 248 -42.34 15.76 18.45
C ARG D 248 -41.14 15.10 19.11
N ASP D 249 -40.38 15.88 19.88
CA ASP D 249 -39.18 15.39 20.52
C ASP D 249 -38.94 16.20 21.78
N VAL D 250 -38.20 15.62 22.72
CA VAL D 250 -37.91 16.24 24.01
C VAL D 250 -36.41 16.20 24.24
N GLY D 251 -35.83 17.34 24.61
CA GLY D 251 -34.43 17.43 24.96
C GLY D 251 -34.25 18.07 26.32
N VAL D 252 -32.99 18.21 26.72
CA VAL D 252 -32.67 18.74 28.04
C VAL D 252 -31.29 19.40 27.98
N VAL D 253 -31.09 20.38 28.87
CA VAL D 253 -29.80 21.03 29.08
C VAL D 253 -29.44 20.96 30.55
N VAL D 254 -28.17 20.66 30.82
CA VAL D 254 -27.64 20.60 32.17
C VAL D 254 -26.37 21.43 32.23
N HIS D 255 -26.00 21.83 33.45
CA HIS D 255 -24.84 22.67 33.68
C HIS D 255 -23.97 22.09 34.79
N GLY D 256 -22.68 22.37 34.72
CA GLY D 256 -21.77 22.02 35.79
C GLY D 256 -21.27 20.59 35.68
N LEU D 257 -21.32 19.86 36.79
CA LEU D 257 -20.72 18.53 36.85
C LEU D 257 -21.33 17.54 35.85
N PRO D 258 -22.66 17.44 35.68
CA PRO D 258 -23.17 16.55 34.63
C PRO D 258 -22.68 16.92 33.24
N ALA D 259 -22.55 18.21 32.97
CA ALA D 259 -21.97 18.63 31.69
C ALA D 259 -20.52 18.17 31.58
N ARG D 260 -19.78 18.22 32.69
CA ARG D 260 -18.42 17.70 32.69
C ARG D 260 -18.39 16.21 32.42
N ASP D 261 -19.37 15.46 32.96
CA ASP D 261 -19.43 14.02 32.70
C ASP D 261 -19.74 13.73 31.24
N LEU D 262 -20.67 14.48 30.64
CA LEU D 262 -20.93 14.31 29.21
C LEU D 262 -19.71 14.66 28.37
N ALA D 263 -18.98 15.71 28.78
CA ALA D 263 -17.75 16.07 28.09
C ALA D 263 -16.72 14.95 28.21
N ARG D 264 -16.63 14.32 29.37
CA ARG D 264 -15.72 13.20 29.54
C ARG D 264 -16.11 12.03 28.64
N HIS D 265 -17.42 11.78 28.51
CA HIS D 265 -17.88 10.75 27.59
C HIS D 265 -17.46 11.06 26.16
N PHE D 266 -17.65 12.32 25.74
CA PHE D 266 -17.22 12.71 24.40
C PHE D 266 -15.72 12.56 24.22
N ILE D 267 -14.94 12.94 25.24
CA ILE D 267 -13.49 12.86 25.15
C ILE D 267 -13.05 11.42 25.05
N GLN D 268 -13.65 10.53 25.83
CA GLN D 268 -13.32 9.11 25.74
C GLN D 268 -13.67 8.55 24.36
N ARG D 269 -14.83 8.92 23.82
CA ARG D 269 -15.20 8.46 22.48
C ARG D 269 -14.22 8.98 21.43
N TRP D 270 -13.82 10.25 21.54
CA TRP D 270 -12.88 10.84 20.60
C TRP D 270 -11.52 10.15 20.66
N ASN D 271 -11.03 9.90 21.87
CA ASN D 271 -9.73 9.25 22.01
C ASN D 271 -9.77 7.80 21.54
N PHE D 272 -10.88 7.10 21.80
CA PHE D 272 -11.01 5.73 21.31
C PHE D 272 -11.06 5.69 19.79
N THR D 273 -11.81 6.61 19.18
CA THR D 273 -11.88 6.66 17.73
C THR D 273 -10.57 7.14 17.10
N LYS D 274 -9.74 7.86 17.85
CA LYS D 274 -8.43 8.26 17.35
C LYS D 274 -7.55 7.04 17.09
N THR D 275 -7.64 6.02 17.95
CA THR D 275 -6.88 4.79 17.82
C THR D 275 -7.55 3.77 16.90
N THR D 276 -8.52 4.20 16.10
CA THR D 276 -9.20 3.30 15.18
C THR D 276 -8.52 3.27 13.83
N THR D 284 -3.19 15.98 13.22
CA THR D 284 -4.30 16.75 12.66
C THR D 284 -5.50 16.76 13.61
N TYR D 285 -5.69 15.65 14.32
CA TYR D 285 -6.77 15.52 15.30
C TYR D 285 -6.16 15.33 16.69
N PRO D 286 -6.10 16.38 17.50
CA PRO D 286 -5.43 16.27 18.80
C PRO D 286 -6.28 15.52 19.81
N TYR D 287 -5.61 14.98 20.82
CA TYR D 287 -6.30 14.32 21.92
C TYR D 287 -6.92 15.36 22.84
N LEU D 288 -8.01 14.98 23.50
CA LEU D 288 -8.73 15.84 24.42
C LEU D 288 -8.50 15.40 25.86
N LEU D 289 -8.53 16.36 26.78
CA LEU D 289 -8.33 16.11 28.19
C LEU D 289 -9.47 16.75 28.98
N PRO D 290 -10.09 16.04 29.91
CA PRO D 290 -11.17 16.63 30.70
C PRO D 290 -10.66 17.74 31.60
N LYS D 291 -11.50 18.75 31.79
CA LYS D 291 -11.15 19.89 32.62
C LYS D 291 -12.00 19.92 33.88
N GLN D 307 -33.92 24.74 36.40
CA GLN D 307 -34.45 24.27 37.67
C GLN D 307 -33.39 23.50 38.45
N CYS D 308 -33.39 23.67 39.77
CA CYS D 308 -32.43 22.99 40.63
C CYS D 308 -32.88 21.56 40.88
N THR D 309 -32.03 20.60 40.54
CA THR D 309 -32.36 19.19 40.70
C THR D 309 -31.06 18.38 40.69
N THR D 310 -31.17 17.12 41.06
CA THR D 310 -30.03 16.20 41.02
C THR D 310 -30.03 15.47 39.68
N VAL D 311 -28.90 15.54 38.98
CA VAL D 311 -28.77 14.99 37.63
C VAL D 311 -27.71 13.90 37.66
N GLN D 312 -28.06 12.74 37.10
CA GLN D 312 -27.14 11.62 36.96
C GLN D 312 -27.01 11.26 35.48
N VAL D 313 -25.79 11.01 35.04
CA VAL D 313 -25.51 10.73 33.64
C VAL D 313 -25.49 9.23 33.43
N LEU D 314 -26.26 8.76 32.45
CA LEU D 314 -26.33 7.36 32.09
C LEU D 314 -25.97 7.19 30.62
N ARG D 315 -25.33 6.08 30.29
CA ARG D 315 -24.90 5.86 28.91
C ARG D 315 -24.88 4.37 28.61
N SER D 316 -25.04 4.05 27.33
CA SER D 316 -25.01 2.68 26.83
C SER D 316 -23.86 2.59 25.83
N VAL D 317 -22.72 2.06 26.28
CA VAL D 317 -21.52 1.95 25.47
C VAL D 317 -20.96 0.54 25.62
N ASP D 318 -20.07 0.18 24.69
CA ASP D 318 -19.48 -1.14 24.66
C ASP D 318 -18.09 -1.04 24.03
N ARG D 319 -17.49 -2.19 23.72
CA ARG D 319 -16.11 -2.22 23.24
C ARG D 319 -15.96 -1.55 21.88
N TRP D 320 -16.92 -1.75 20.98
CA TRP D 320 -16.84 -1.07 19.69
C TRP D 320 -17.21 0.40 19.79
N SER D 321 -18.11 0.75 20.70
CA SER D 321 -18.49 2.15 20.87
C SER D 321 -17.38 2.95 21.54
N ALA D 322 -16.81 2.42 22.61
CA ALA D 322 -15.77 3.11 23.36
C ALA D 322 -14.86 2.07 24.00
N GLY D 323 -14.03 2.52 24.95
CA GLY D 323 -13.08 1.65 25.61
C GLY D 323 -13.60 0.86 26.78
N THR D 324 -14.88 0.98 27.12
CA THR D 324 -15.45 0.29 28.27
C THR D 324 -16.84 -0.21 27.93
N LEU D 325 -17.41 -0.96 28.88
CA LEU D 325 -18.75 -1.55 28.74
C LEU D 325 -19.66 -0.98 29.82
N GLU D 326 -20.86 -0.57 29.44
CA GLU D 326 -21.80 0.01 30.38
C GLU D 326 -23.21 -0.01 29.80
N ASN D 327 -24.18 -0.38 30.63
CA ASN D 327 -25.59 -0.37 30.25
C ASN D 327 -26.41 0.24 31.38
N SER D 328 -25.96 1.41 31.86
CA SER D 328 -26.59 2.04 33.02
C SER D 328 -27.99 2.58 32.70
N ILE D 329 -28.27 2.89 31.43
CA ILE D 329 -29.61 3.38 31.07
C ILE D 329 -30.66 2.32 31.35
N LEU D 330 -30.38 1.07 30.99
CA LEU D 330 -31.32 -0.02 31.25
C LEU D 330 -31.55 -0.21 32.75
N ASN D 331 -30.46 -0.17 33.53
CA ASN D 331 -30.60 -0.33 34.98
C ASN D 331 -31.41 0.81 35.59
N ALA D 332 -31.16 2.04 35.14
CA ALA D 332 -31.92 3.18 35.64
C ALA D 332 -33.39 3.07 35.26
N TYR D 333 -33.68 2.64 34.02
CA TYR D 333 -35.06 2.42 33.61
C TYR D 333 -35.74 1.39 34.51
N LEU D 334 -35.09 0.25 34.72
CA LEU D 334 -35.69 -0.80 35.53
C LEU D 334 -35.91 -0.36 36.97
N HIS D 335 -34.93 0.34 37.54
CA HIS D 335 -35.08 0.82 38.92
C HIS D 335 -36.18 1.86 39.03
N THR D 336 -36.29 2.75 38.03
CA THR D 336 -37.35 3.75 38.05
C THR D 336 -38.72 3.09 37.95
N ILE D 337 -38.85 2.06 37.11
CA ILE D 337 -40.13 1.35 37.02
C ILE D 337 -40.44 0.66 38.34
N ARG D 338 -39.45 0.01 38.94
CA ARG D 338 -39.69 -0.72 40.19
C ARG D 338 -40.05 0.23 41.33
N GLU D 339 -39.38 1.36 41.43
CA GLU D 339 -39.60 2.30 42.52
C GLU D 339 -40.75 3.27 42.24
N SER D 340 -41.35 3.21 41.06
CA SER D 340 -42.50 4.06 40.76
C SER D 340 -43.67 3.72 41.69
N GLN D 341 -44.37 4.74 42.15
CA GLN D 341 -45.42 4.57 43.14
C GLN D 341 -46.80 4.98 42.66
N HIS D 342 -46.92 5.99 41.80
CA HIS D 342 -48.22 6.52 41.44
C HIS D 342 -48.56 6.35 39.96
N PHE D 343 -47.71 6.83 39.05
CA PHE D 343 -48.01 6.73 37.63
C PHE D 343 -46.72 6.57 36.85
N LEU D 344 -46.86 6.47 35.52
CA LEU D 344 -45.73 6.20 34.65
C LEU D 344 -46.07 6.73 33.27
N TYR D 345 -45.46 7.84 32.87
CA TYR D 345 -45.70 8.47 31.58
C TYR D 345 -44.48 8.24 30.70
N ILE D 346 -44.62 7.35 29.72
CA ILE D 346 -43.54 6.98 28.82
C ILE D 346 -43.86 7.53 27.44
N GLU D 347 -42.92 8.31 26.89
CA GLU D 347 -43.04 8.86 25.54
C GLU D 347 -41.77 8.46 24.80
N ASN D 348 -41.88 7.47 23.92
CA ASN D 348 -40.73 6.95 23.21
C ASN D 348 -41.13 6.55 21.80
N GLN D 349 -40.15 6.55 20.92
CA GLN D 349 -40.40 6.18 19.53
C GLN D 349 -40.59 4.68 19.37
N PHE D 350 -39.75 3.89 20.03
CA PHE D 350 -39.78 2.43 19.91
C PHE D 350 -40.08 1.82 21.26
N PHE D 351 -40.94 0.79 21.27
CA PHE D 351 -41.30 0.07 22.49
C PHE D 351 -41.19 -1.42 22.19
N ILE D 352 -40.00 -1.97 22.38
CA ILE D 352 -39.70 -3.38 22.13
C ILE D 352 -39.12 -3.96 23.41
N SER D 353 -39.90 -4.79 24.08
CA SER D 353 -39.58 -5.25 25.43
C SER D 353 -40.18 -6.65 25.61
N CYS D 354 -40.34 -7.06 26.87
CA CYS D 354 -40.93 -8.34 27.25
C CYS D 354 -40.08 -9.51 26.71
N SER D 355 -38.88 -9.59 27.25
CA SER D 355 -37.95 -10.69 26.96
C SER D 355 -38.61 -12.05 27.15
N THR D 359 -35.01 -13.58 21.11
CA THR D 359 -35.03 -12.44 20.20
C THR D 359 -34.93 -11.13 20.96
N VAL D 360 -35.85 -10.92 21.90
CA VAL D 360 -35.89 -9.72 22.73
C VAL D 360 -35.33 -10.07 24.10
N LEU D 361 -34.44 -9.22 24.60
CA LEU D 361 -33.71 -9.50 25.83
C LEU D 361 -33.99 -8.54 26.97
N ASN D 362 -34.30 -7.28 26.70
CA ASN D 362 -34.54 -6.31 27.76
C ASN D 362 -35.83 -6.64 28.50
N LYS D 363 -35.87 -6.28 29.78
CA LYS D 363 -36.99 -6.63 30.66
C LYS D 363 -37.69 -5.39 31.21
N VAL D 364 -37.67 -4.29 30.46
CA VAL D 364 -38.41 -3.10 30.88
C VAL D 364 -39.91 -3.38 30.90
N GLY D 365 -40.41 -4.04 29.87
CA GLY D 365 -41.81 -4.43 29.85
C GLY D 365 -42.16 -5.38 30.98
N ASP D 366 -41.23 -6.28 31.32
CA ASP D 366 -41.45 -7.17 32.46
C ASP D 366 -41.57 -6.38 33.76
N GLU D 367 -40.73 -5.36 33.94
CA GLU D 367 -40.83 -4.52 35.13
C GLU D 367 -42.17 -3.77 35.16
N ILE D 368 -42.61 -3.27 34.00
CA ILE D 368 -43.88 -2.57 33.94
C ILE D 368 -45.03 -3.51 34.30
N VAL D 369 -45.01 -4.72 33.76
CA VAL D 369 -46.05 -5.69 34.07
C VAL D 369 -46.03 -6.05 35.55
N ASP D 370 -44.83 -6.21 36.13
CA ASP D 370 -44.73 -6.51 37.55
C ASP D 370 -45.30 -5.38 38.40
N ARG D 371 -45.01 -4.13 38.01
CA ARG D 371 -45.57 -2.98 38.74
C ARG D 371 -47.09 -2.96 38.65
N ILE D 372 -47.63 -3.22 37.45
CA ILE D 372 -49.08 -3.23 37.29
C ILE D 372 -49.72 -4.34 38.13
N LEU D 373 -49.11 -5.52 38.14
CA LEU D 373 -49.63 -6.63 38.93
C LEU D 373 -49.55 -6.33 40.42
N LYS D 374 -48.47 -5.71 40.88
CA LYS D 374 -48.36 -5.33 42.27
C LYS D 374 -49.43 -4.30 42.64
N ALA D 375 -49.69 -3.34 41.75
CA ALA D 375 -50.74 -2.36 42.01
C ALA D 375 -52.11 -3.04 42.08
N HIS D 376 -52.38 -3.98 41.18
CA HIS D 376 -53.67 -4.67 41.19
C HIS D 376 -53.83 -5.51 42.45
N LYS D 377 -52.77 -6.21 42.87
CA LYS D 377 -52.85 -7.01 44.09
C LYS D 377 -52.99 -6.13 45.32
N GLN D 378 -52.26 -5.01 45.37
CA GLN D 378 -52.34 -4.10 46.50
C GLN D 378 -53.42 -3.04 46.28
N CYS D 381 -53.94 2.97 43.23
CA CYS D 381 -54.17 3.49 41.88
C CYS D 381 -52.84 3.77 41.18
N TYR D 382 -52.57 3.02 40.12
CA TYR D 382 -51.34 3.16 39.34
C TYR D 382 -51.70 3.21 37.87
N ARG D 383 -51.28 4.27 37.19
CA ARG D 383 -51.55 4.47 35.78
C ARG D 383 -50.26 4.34 34.97
N VAL D 384 -50.41 3.92 33.71
CA VAL D 384 -49.26 3.76 32.83
C VAL D 384 -49.61 4.30 31.45
N TYR D 385 -49.14 5.51 31.15
CA TYR D 385 -49.39 6.15 29.86
C TYR D 385 -48.22 5.88 28.93
N VAL D 386 -48.53 5.37 27.73
CA VAL D 386 -47.53 5.12 26.70
C VAL D 386 -47.95 5.86 25.44
N LEU D 387 -47.03 6.66 24.90
CA LEU D 387 -47.26 7.39 23.66
C LEU D 387 -46.24 6.90 22.62
N LEU D 388 -46.73 6.29 21.56
CA LEU D 388 -45.90 5.76 20.49
C LEU D 388 -46.32 6.34 19.15
N PRO D 389 -45.38 6.58 18.25
CA PRO D 389 -45.75 6.98 16.89
C PRO D 389 -46.57 5.88 16.22
N LEU D 390 -47.56 6.32 15.43
CA LEU D 390 -48.47 5.36 14.81
C LEU D 390 -47.75 4.50 13.77
N LEU D 391 -46.72 5.03 13.13
CA LEU D 391 -45.92 4.28 12.17
C LEU D 391 -44.45 4.58 12.41
N PRO D 392 -43.57 3.59 12.19
CA PRO D 392 -42.14 3.85 12.33
C PRO D 392 -41.63 4.80 11.26
N GLY D 393 -40.58 5.54 11.60
CA GLY D 393 -40.06 6.57 10.73
C GLY D 393 -39.29 6.04 9.53
N PHE D 394 -40.00 5.43 8.60
CA PHE D 394 -39.39 4.96 7.35
C PHE D 394 -40.37 5.21 6.21
N GLU D 395 -39.80 5.38 5.01
CA GLU D 395 -40.62 5.56 3.82
C GLU D 395 -41.43 4.30 3.54
N GLY D 396 -42.74 4.45 3.43
CA GLY D 396 -43.62 3.31 3.26
C GLY D 396 -44.89 3.67 2.53
N ASP D 397 -45.44 2.67 1.84
CA ASP D 397 -46.70 2.86 1.11
C ASP D 397 -47.90 2.90 2.03
N ILE D 398 -47.83 2.22 3.19
CA ILE D 398 -48.89 2.17 4.19
C ILE D 398 -50.13 1.46 3.63
N SER D 399 -50.63 1.93 2.49
CA SER D 399 -51.82 1.33 1.90
C SER D 399 -51.60 -0.13 1.52
N THR D 400 -50.38 -0.50 1.18
CA THR D 400 -50.04 -1.87 0.80
C THR D 400 -49.51 -2.69 1.97
N GLY D 401 -49.65 -2.20 3.20
CA GLY D 401 -49.20 -2.91 4.38
C GLY D 401 -47.80 -2.61 4.83
N GLY D 402 -47.14 -1.60 4.23
CA GLY D 402 -45.78 -1.26 4.62
C GLY D 402 -44.74 -2.10 3.91
N GLY D 403 -43.49 -1.78 4.19
CA GLY D 403 -42.37 -2.48 3.58
C GLY D 403 -41.84 -3.61 4.43
N ASN D 404 -40.52 -3.65 4.62
CA ASN D 404 -39.86 -4.71 5.38
C ASN D 404 -39.52 -4.24 6.80
N SER D 405 -38.80 -3.13 6.92
CA SER D 405 -38.46 -2.59 8.23
C SER D 405 -39.72 -2.16 8.97
N ILE D 406 -40.66 -1.53 8.27
CA ILE D 406 -41.91 -1.11 8.89
C ILE D 406 -42.66 -2.33 9.43
N GLN D 407 -42.75 -3.37 8.60
CA GLN D 407 -43.46 -4.58 9.02
C GLN D 407 -42.79 -5.23 10.22
N ALA D 408 -41.45 -5.30 10.22
CA ALA D 408 -40.74 -5.93 11.33
C ALA D 408 -40.94 -5.13 12.62
N ILE D 409 -40.82 -3.81 12.54
CA ILE D 409 -40.97 -2.98 13.74
C ILE D 409 -42.40 -3.07 14.26
N LEU D 410 -43.39 -3.02 13.37
CA LEU D 410 -44.79 -3.15 13.81
C LEU D 410 -45.04 -4.52 14.43
N HIS D 411 -44.48 -5.58 13.84
CA HIS D 411 -44.66 -6.92 14.39
C HIS D 411 -44.08 -7.02 15.79
N PHE D 412 -42.87 -6.50 15.99
CA PHE D 412 -42.26 -6.54 17.31
C PHE D 412 -43.03 -5.69 18.32
N THR D 413 -43.48 -4.50 17.90
CA THR D 413 -44.24 -3.65 18.81
C THR D 413 -45.55 -4.31 19.23
N TYR D 414 -46.26 -4.93 18.28
CA TYR D 414 -47.51 -5.59 18.61
C TYR D 414 -47.28 -6.83 19.46
N ARG D 415 -46.18 -7.55 19.22
CA ARG D 415 -45.84 -8.69 20.06
C ARG D 415 -45.52 -8.25 21.48
N THR D 416 -44.89 -7.08 21.64
CA THR D 416 -44.64 -6.55 22.98
C THR D 416 -45.93 -6.10 23.64
N LEU D 417 -46.86 -5.53 22.88
CA LEU D 417 -48.05 -4.91 23.46
C LEU D 417 -49.20 -5.90 23.63
N CYS D 418 -49.68 -6.48 22.53
CA CYS D 418 -50.92 -7.24 22.56
C CYS D 418 -50.87 -8.60 21.87
N ARG D 419 -49.79 -8.94 21.16
CA ARG D 419 -49.71 -10.17 20.40
C ARG D 419 -48.80 -11.17 21.10
N GLY D 420 -49.24 -12.42 21.18
CA GLY D 420 -48.42 -13.48 21.74
C GLY D 420 -48.71 -13.75 23.20
N GLU D 421 -47.80 -14.51 23.80
CA GLU D 421 -47.92 -14.90 25.20
C GLU D 421 -47.17 -14.00 26.15
N TYR D 422 -46.11 -13.33 25.69
CA TYR D 422 -45.34 -12.42 26.53
C TYR D 422 -45.78 -10.97 26.41
N SER D 423 -46.84 -10.70 25.64
CA SER D 423 -47.34 -9.33 25.50
C SER D 423 -47.92 -8.84 26.82
N ILE D 424 -47.93 -7.52 26.99
CA ILE D 424 -48.42 -6.92 28.22
C ILE D 424 -49.91 -7.22 28.40
N LEU D 425 -50.69 -7.03 27.33
CA LEU D 425 -52.14 -7.16 27.45
C LEU D 425 -52.55 -8.60 27.77
N HIS D 426 -51.91 -9.59 27.16
CA HIS D 426 -52.24 -10.97 27.44
C HIS D 426 -51.94 -11.33 28.89
N ARG D 427 -50.78 -10.87 29.40
CA ARG D 427 -50.43 -11.15 30.79
C ARG D 427 -51.39 -10.47 31.75
N LEU D 428 -51.78 -9.22 31.44
CA LEU D 428 -52.73 -8.52 32.31
C LEU D 428 -54.12 -9.13 32.22
N LYS D 429 -54.58 -9.46 31.01
CA LYS D 429 -55.92 -9.98 30.82
C LYS D 429 -55.99 -11.47 31.11
N THR D 434 -60.61 -7.50 31.90
CA THR D 434 -60.80 -6.27 31.16
C THR D 434 -60.40 -5.05 32.00
N ALA D 435 -59.92 -5.32 33.21
CA ALA D 435 -59.48 -4.25 34.10
C ALA D 435 -58.19 -3.59 33.65
N TRP D 436 -57.49 -4.19 32.67
CA TRP D 436 -56.24 -3.62 32.18
C TRP D 436 -56.43 -2.21 31.62
N ARG D 437 -57.64 -1.88 31.17
CA ARG D 437 -57.91 -0.55 30.66
C ARG D 437 -57.78 0.52 31.73
N ASP D 438 -57.87 0.15 33.01
CA ASP D 438 -57.76 1.10 34.10
C ASP D 438 -56.32 1.31 34.57
N TYR D 439 -55.37 0.54 34.08
CA TYR D 439 -53.98 0.65 34.51
C TYR D 439 -53.03 1.10 33.42
N ILE D 440 -53.33 0.82 32.15
CA ILE D 440 -52.45 1.16 31.04
C ILE D 440 -53.25 1.86 29.96
N SER D 441 -52.56 2.69 29.18
CA SER D 441 -53.19 3.40 28.06
C SER D 441 -52.12 3.64 27.01
N ILE D 442 -52.18 2.89 25.91
CA ILE D 442 -51.25 3.03 24.80
C ILE D 442 -51.95 3.86 23.71
N CYS D 443 -51.31 4.96 23.31
CA CYS D 443 -51.93 5.92 22.41
C CYS D 443 -50.87 6.50 21.48
N GLY D 444 -51.32 7.33 20.54
CA GLY D 444 -50.45 8.04 19.64
C GLY D 444 -50.99 9.43 19.37
N LEU D 445 -50.31 10.14 18.48
CA LEU D 445 -50.65 11.52 18.15
C LEU D 445 -50.92 11.67 16.66
N ARG D 446 -51.97 12.42 16.33
CA ARG D 446 -52.33 12.72 14.96
C ARG D 446 -52.90 14.13 14.93
N THR D 447 -52.64 14.84 13.83
CA THR D 447 -53.10 16.21 13.67
C THR D 447 -53.72 16.38 12.28
N HIS D 448 -54.51 17.44 12.14
CA HIS D 448 -55.20 17.73 10.89
C HIS D 448 -55.07 19.21 10.58
N GLY D 449 -55.17 19.53 9.29
CA GLY D 449 -55.15 20.90 8.82
C GLY D 449 -55.83 21.03 7.47
N GLU D 450 -55.66 22.17 6.81
CA GLU D 450 -56.21 22.40 5.49
C GLU D 450 -55.09 22.43 4.46
N LEU D 451 -55.31 21.75 3.33
CA LEU D 451 -54.34 21.76 2.24
C LEU D 451 -55.08 21.44 0.95
N GLY D 452 -54.70 22.13 -0.13
CA GLY D 452 -55.33 21.91 -1.42
C GLY D 452 -56.82 22.14 -1.42
N GLY D 453 -57.32 22.96 -0.50
CA GLY D 453 -58.74 23.20 -0.40
C GLY D 453 -59.52 22.13 0.32
N HIS D 454 -58.85 21.14 0.91
CA HIS D 454 -59.53 20.04 1.58
C HIS D 454 -58.81 19.72 2.89
N PRO D 455 -59.52 19.13 3.85
CA PRO D 455 -58.85 18.69 5.07
C PRO D 455 -57.82 17.61 4.78
N VAL D 456 -56.69 17.69 5.47
CA VAL D 456 -55.63 16.69 5.41
C VAL D 456 -55.24 16.33 6.84
N SER D 457 -54.67 15.14 6.99
CA SER D 457 -54.28 14.64 8.30
C SER D 457 -52.94 13.92 8.22
N GLU D 458 -52.18 13.98 9.31
CA GLU D 458 -50.91 13.29 9.38
C GLU D 458 -50.58 13.00 10.84
N LEU D 459 -49.91 11.88 11.07
CA LEU D 459 -49.51 11.54 12.43
C LEU D 459 -48.34 12.40 12.89
N ILE D 460 -48.37 12.80 14.15
CA ILE D 460 -47.24 13.48 14.76
C ILE D 460 -46.23 12.43 15.19
N TYR D 461 -45.00 12.54 14.67
CA TYR D 461 -43.99 11.51 14.93
C TYR D 461 -43.40 11.73 16.32
N ILE D 462 -43.63 10.75 17.20
CA ILE D 462 -43.07 10.78 18.55
C ILE D 462 -41.66 10.24 18.46
N HIS D 463 -40.67 11.13 18.44
CA HIS D 463 -39.26 10.76 18.47
C HIS D 463 -38.64 10.98 19.84
N SER D 464 -39.44 11.31 20.85
CA SER D 464 -38.92 11.55 22.18
C SER D 464 -38.44 10.26 22.82
N LYS D 465 -37.59 10.41 23.84
CA LYS D 465 -37.21 9.29 24.71
C LYS D 465 -37.27 9.85 26.14
N VAL D 466 -38.45 9.80 26.75
CA VAL D 466 -38.70 10.43 28.04
C VAL D 466 -39.55 9.51 28.90
N LEU D 467 -39.15 9.33 30.15
CA LEU D 467 -39.91 8.59 31.15
C LEU D 467 -40.14 9.50 32.35
N ILE D 468 -41.39 9.58 32.80
CA ILE D 468 -41.76 10.41 33.94
C ILE D 468 -42.42 9.51 34.97
N ALA D 469 -41.92 9.56 36.21
CA ALA D 469 -42.39 8.71 37.28
C ALA D 469 -42.76 9.57 38.49
N ASP D 470 -44.00 9.42 38.96
CA ASP D 470 -44.49 9.99 40.21
C ASP D 470 -44.37 11.51 40.27
N ASP D 471 -44.24 12.17 39.12
CA ASP D 471 -44.05 13.62 39.03
C ASP D 471 -42.81 14.07 39.81
N ARG D 472 -41.85 13.17 40.01
CA ARG D 472 -40.60 13.50 40.70
C ARG D 472 -39.35 12.99 40.01
N THR D 473 -39.45 11.98 39.13
CA THR D 473 -38.29 11.41 38.47
C THR D 473 -38.48 11.49 36.96
N VAL D 474 -37.45 11.94 36.24
CA VAL D 474 -37.54 12.07 34.79
C VAL D 474 -36.26 11.54 34.14
N ILE D 475 -36.40 10.60 33.22
CA ILE D 475 -35.29 10.11 32.39
C ILE D 475 -35.47 10.69 31.00
N ILE D 476 -34.45 11.40 30.52
CA ILE D 476 -34.48 12.00 29.19
C ILE D 476 -33.24 11.55 28.43
N GLY D 477 -33.43 11.01 27.24
CA GLY D 477 -32.27 10.57 26.49
C GLY D 477 -32.55 10.36 25.02
N SER D 478 -31.62 9.67 24.36
CA SER D 478 -31.77 9.25 22.98
C SER D 478 -32.00 7.75 22.85
N ALA D 479 -32.05 7.02 23.96
CA ALA D 479 -32.19 5.58 23.94
C ALA D 479 -33.66 5.19 23.88
N ASN D 480 -34.05 4.49 22.83
CA ASN D 480 -35.39 3.95 22.72
C ASN D 480 -35.51 2.69 23.58
N ILE D 481 -36.74 2.32 23.89
CA ILE D 481 -36.98 1.09 24.64
C ILE D 481 -36.91 -0.07 23.64
N ASN D 482 -35.73 -0.64 23.50
CA ASN D 482 -35.49 -1.79 22.63
C ASN D 482 -34.09 -2.32 22.94
N ASP D 483 -33.83 -3.54 22.46
CA ASP D 483 -32.53 -4.15 22.69
C ASP D 483 -31.40 -3.41 21.99
N ARG D 484 -31.72 -2.69 20.90
CA ARG D 484 -30.69 -1.97 20.18
C ARG D 484 -30.06 -0.88 21.04
N SER D 485 -30.88 -0.14 21.79
CA SER D 485 -30.39 0.99 22.59
C SER D 485 -30.15 0.64 24.04
N LEU D 486 -30.94 -0.24 24.64
CA LEU D 486 -30.89 -0.46 26.08
C LEU D 486 -29.87 -1.51 26.51
N LEU D 487 -29.50 -2.44 25.62
CA LEU D 487 -28.55 -3.47 26.01
C LEU D 487 -27.16 -2.90 26.24
N GLY D 488 -26.81 -1.81 25.55
CA GLY D 488 -25.51 -1.20 25.71
C GLY D 488 -24.45 -1.85 24.84
N LYS D 489 -24.56 -3.16 24.64
CA LYS D 489 -23.58 -3.87 23.81
C LYS D 489 -23.70 -3.49 22.34
N ARG D 490 -24.88 -3.07 21.90
CA ARG D 490 -25.10 -2.79 20.49
C ARG D 490 -24.87 -1.32 20.15
N ASP D 491 -25.69 -0.42 20.72
CA ASP D 491 -25.66 0.99 20.37
C ASP D 491 -25.20 1.82 21.56
N SER D 492 -24.46 2.89 21.26
CA SER D 492 -24.06 3.86 22.27
C SER D 492 -25.15 4.93 22.38
N GLU D 493 -25.66 5.13 23.59
CA GLU D 493 -26.74 6.07 23.83
C GLU D 493 -26.41 6.91 25.06
N LEU D 494 -27.01 8.10 25.14
CA LEU D 494 -26.84 8.99 26.28
C LEU D 494 -28.20 9.28 26.90
N ALA D 495 -28.19 9.52 28.21
CA ALA D 495 -29.42 9.83 28.93
C ALA D 495 -29.06 10.51 30.25
N VAL D 496 -30.05 11.19 30.81
CA VAL D 496 -29.91 11.85 32.11
C VAL D 496 -31.11 11.49 32.97
N LEU D 497 -30.84 11.23 34.24
CA LEU D 497 -31.85 10.96 35.26
C LEU D 497 -31.93 12.18 36.16
N ILE D 498 -33.13 12.76 36.27
CA ILE D 498 -33.37 14.01 36.97
C ILE D 498 -34.29 13.70 38.15
N GLU D 499 -33.83 14.02 39.35
CA GLU D 499 -34.62 13.91 40.57
C GLU D 499 -34.79 15.30 41.16
N ASP D 500 -36.04 15.70 41.38
CA ASP D 500 -36.32 17.06 41.83
C ASP D 500 -36.14 17.15 43.35
N THR D 501 -35.43 18.19 43.79
CA THR D 501 -35.23 18.43 45.21
C THR D 501 -36.25 19.40 45.79
N GLU D 502 -36.70 20.37 45.00
CA GLU D 502 -37.77 21.27 45.41
C GLU D 502 -39.12 20.72 44.96
N THR D 503 -40.15 21.02 45.74
CA THR D 503 -41.49 20.52 45.49
C THR D 503 -42.50 21.64 45.60
N GLU D 504 -43.61 21.49 44.88
CA GLU D 504 -44.73 22.41 44.89
C GLU D 504 -46.02 21.62 45.05
N PRO D 505 -47.07 22.27 45.59
CA PRO D 505 -48.32 21.55 45.81
C PRO D 505 -48.96 21.08 44.50
N SER D 506 -49.60 19.92 44.58
CA SER D 506 -50.35 19.36 43.46
C SER D 506 -51.28 18.28 44.01
N LEU D 507 -51.97 17.60 43.12
CA LEU D 507 -52.96 16.58 43.49
C LEU D 507 -52.54 15.22 42.95
N MET D 508 -52.63 14.21 43.80
CA MET D 508 -52.38 12.82 43.42
C MET D 508 -53.51 11.98 43.99
N ASN D 509 -54.35 11.44 43.11
CA ASN D 509 -55.53 10.67 43.50
C ASN D 509 -56.43 11.47 44.44
N GLY D 510 -56.50 12.78 44.20
CA GLY D 510 -57.30 13.65 45.03
C GLY D 510 -56.69 14.03 46.35
N ALA D 511 -55.44 13.68 46.61
CA ALA D 511 -54.76 13.98 47.85
C ALA D 511 -53.63 14.97 47.62
N GLU D 512 -53.29 15.73 48.65
CA GLU D 512 -52.20 16.69 48.56
C GLU D 512 -50.89 15.97 48.28
N TYR D 513 -50.10 16.51 47.34
CA TYR D 513 -48.86 15.89 46.92
C TYR D 513 -47.81 16.97 46.72
N GLN D 514 -46.58 16.69 47.13
CA GLN D 514 -45.46 17.62 46.94
C GLN D 514 -44.70 17.19 45.69
N ALA D 515 -45.18 17.65 44.54
CA ALA D 515 -44.63 17.21 43.27
C ALA D 515 -43.39 18.01 42.91
N GLY D 516 -42.38 17.31 42.39
CA GLY D 516 -41.16 17.98 41.98
C GLY D 516 -41.41 18.95 40.85
N ARG D 517 -40.74 20.11 40.92
CA ARG D 517 -41.01 21.19 39.97
C ARG D 517 -40.68 20.79 38.55
N PHE D 518 -39.50 20.19 38.33
CA PHE D 518 -39.06 19.84 36.99
C PHE D 518 -40.00 18.82 36.34
N ALA D 519 -40.25 17.71 37.05
CA ALA D 519 -41.09 16.66 36.50
C ALA D 519 -42.53 17.12 36.34
N LEU D 520 -43.05 17.86 37.32
CA LEU D 520 -44.43 18.35 37.21
C LEU D 520 -44.57 19.31 36.03
N SER D 521 -43.59 20.19 35.83
CA SER D 521 -43.65 21.10 34.70
C SER D 521 -43.62 20.35 33.38
N LEU D 522 -42.72 19.37 33.26
CA LEU D 522 -42.64 18.60 32.02
C LEU D 522 -43.93 17.83 31.76
N ARG D 523 -44.47 17.17 32.79
CA ARG D 523 -45.70 16.41 32.61
C ARG D 523 -46.87 17.32 32.27
N LYS D 524 -46.95 18.48 32.92
CA LYS D 524 -48.03 19.42 32.62
C LYS D 524 -47.95 19.92 31.18
N HIS D 525 -46.73 20.25 30.72
CA HIS D 525 -46.58 20.70 29.34
C HIS D 525 -46.96 19.59 28.36
N CYS D 526 -46.51 18.36 28.62
CA CYS D 526 -46.84 17.26 27.71
C CYS D 526 -48.35 17.01 27.68
N PHE D 527 -48.99 17.03 28.85
CA PHE D 527 -50.44 16.77 28.90
C PHE D 527 -51.22 17.90 28.24
N GLY D 528 -50.78 19.15 28.43
CA GLY D 528 -51.47 20.26 27.80
C GLY D 528 -51.34 20.24 26.29
N VAL D 529 -50.15 19.89 25.78
CA VAL D 529 -49.97 19.82 24.33
C VAL D 529 -50.74 18.65 23.75
N ILE D 530 -50.66 17.48 24.37
CA ILE D 530 -51.34 16.29 23.85
C ILE D 530 -52.86 16.50 23.87
N LEU D 531 -53.38 17.02 24.98
CA LEU D 531 -54.80 17.31 25.09
C LEU D 531 -55.06 18.71 24.55
N GLY D 532 -56.26 19.22 24.79
CA GLY D 532 -56.56 20.60 24.45
C GLY D 532 -56.49 21.50 25.66
N ALA D 533 -55.39 22.24 25.81
CA ALA D 533 -55.23 23.13 26.94
C ALA D 533 -55.69 24.55 26.59
N ASN D 534 -55.25 25.08 25.45
CA ASN D 534 -55.69 26.39 25.02
C ASN D 534 -57.15 26.37 24.58
N THR D 535 -57.57 25.29 23.94
CA THR D 535 -58.94 25.17 23.43
C THR D 535 -59.92 24.64 24.46
N ARG D 536 -59.44 24.21 25.63
CA ARG D 536 -60.31 23.70 26.70
C ARG D 536 -59.69 24.08 28.03
N PRO D 537 -59.87 25.32 28.46
CA PRO D 537 -59.16 25.83 29.64
C PRO D 537 -59.72 25.37 30.97
N ASP D 538 -60.75 24.54 31.00
CA ASP D 538 -61.29 24.00 32.24
C ASP D 538 -60.67 22.66 32.61
N LEU D 539 -59.68 22.19 31.86
CA LEU D 539 -59.07 20.89 32.12
C LEU D 539 -58.12 21.00 33.29
N ASP D 540 -58.40 20.24 34.35
CA ASP D 540 -57.58 20.23 35.56
C ASP D 540 -56.51 19.16 35.40
N LEU D 541 -55.28 19.59 35.14
CA LEU D 541 -54.17 18.68 34.89
C LEU D 541 -53.34 18.41 36.15
N ARG D 542 -53.73 18.94 37.30
CA ARG D 542 -52.96 18.72 38.52
C ARG D 542 -52.98 17.25 38.93
N ASP D 543 -54.13 16.59 38.81
CA ASP D 543 -54.27 15.21 39.27
C ASP D 543 -54.11 14.28 38.07
N PRO D 544 -53.00 13.53 37.97
CA PRO D 544 -52.79 12.69 36.79
C PRO D 544 -53.28 11.26 36.90
N ILE D 545 -53.66 10.80 38.09
CA ILE D 545 -54.03 9.41 38.31
C ILE D 545 -55.47 9.24 38.77
N CYS D 546 -56.20 10.32 39.01
CA CYS D 546 -57.57 10.21 39.47
C CYS D 546 -58.45 9.60 38.38
N ASP D 547 -59.54 8.97 38.81
CA ASP D 547 -60.39 8.23 37.88
C ASP D 547 -60.98 9.15 36.82
N ASP D 548 -61.38 10.36 37.20
CA ASP D 548 -61.98 11.28 36.25
C ASP D 548 -61.01 11.65 35.14
N PHE D 549 -59.75 11.95 35.50
CA PHE D 549 -58.77 12.35 34.49
C PHE D 549 -58.43 11.20 33.56
N PHE D 550 -58.27 9.99 34.10
CA PHE D 550 -57.99 8.83 33.25
C PHE D 550 -59.15 8.52 32.33
N GLN D 551 -60.38 8.64 32.84
CA GLN D 551 -61.55 8.44 31.99
C GLN D 551 -61.62 9.48 30.89
N LEU D 552 -61.33 10.74 31.21
CA LEU D 552 -61.31 11.78 30.19
C LEU D 552 -60.23 11.51 29.14
N TRP D 553 -59.06 11.06 29.59
CA TRP D 553 -57.99 10.71 28.66
C TRP D 553 -58.42 9.62 27.69
N GLN D 554 -58.99 8.53 28.24
CA GLN D 554 -59.42 7.42 27.40
C GLN D 554 -60.54 7.85 26.44
N ASP D 555 -61.50 8.62 26.94
CA ASP D 555 -62.62 9.05 26.09
C ASP D 555 -62.15 9.97 24.99
N MET D 556 -61.23 10.90 25.29
CA MET D 556 -60.70 11.78 24.25
C MET D 556 -59.92 10.98 23.21
N ALA D 557 -59.11 10.01 23.65
CA ALA D 557 -58.37 9.20 22.70
C ALA D 557 -59.31 8.43 21.77
N GLU D 558 -60.34 7.80 22.36
CA GLU D 558 -61.29 7.04 21.55
C GLU D 558 -62.05 7.94 20.58
N SER D 559 -62.49 9.11 21.07
CA SER D 559 -63.26 10.03 20.23
C SER D 559 -62.41 10.53 19.07
N ASN D 560 -61.17 10.93 19.34
CA ASN D 560 -60.30 11.42 18.28
C ASN D 560 -59.99 10.33 17.27
N ALA D 561 -59.72 9.11 17.75
CA ALA D 561 -59.46 8.00 16.84
C ALA D 561 -60.66 7.74 15.94
N ASN D 562 -61.86 7.71 16.54
CA ASN D 562 -63.06 7.46 15.75
C ASN D 562 -63.30 8.56 14.73
N ILE D 563 -63.13 9.82 15.12
CA ILE D 563 -63.37 10.92 14.21
C ILE D 563 -62.38 10.90 13.05
N TYR D 564 -61.09 10.68 13.35
CA TYR D 564 -60.10 10.63 12.28
C TYR D 564 -60.35 9.45 11.36
N GLU D 565 -60.72 8.29 11.91
CA GLU D 565 -61.02 7.14 11.06
C GLU D 565 -62.23 7.40 10.17
N GLN D 566 -63.27 8.06 10.71
CA GLN D 566 -64.45 8.33 9.92
C GLN D 566 -64.17 9.35 8.82
N ILE D 567 -63.38 10.38 9.12
CA ILE D 567 -63.21 11.48 8.18
C ILE D 567 -62.15 11.15 7.13
N PHE D 568 -60.97 10.72 7.57
CA PHE D 568 -59.87 10.51 6.65
C PHE D 568 -59.65 9.06 6.27
N ARG D 569 -60.24 8.11 6.99
CA ARG D 569 -59.99 6.68 6.79
C ARG D 569 -58.50 6.39 6.82
N CYS D 570 -57.81 7.01 7.77
CA CYS D 570 -56.36 6.96 7.85
C CYS D 570 -55.90 5.60 8.37
N LEU D 571 -54.61 5.34 8.19
CA LEU D 571 -53.95 4.12 8.60
C LEU D 571 -52.73 4.46 9.44
N PRO D 572 -52.38 3.61 10.42
CA PRO D 572 -53.04 2.34 10.78
C PRO D 572 -54.34 2.55 11.57
N SER D 573 -55.23 1.57 11.50
CA SER D 573 -56.52 1.66 12.18
C SER D 573 -57.01 0.25 12.49
N ASN D 574 -58.00 0.17 13.36
CA ASN D 574 -58.59 -1.11 13.75
C ASN D 574 -59.62 -1.62 12.75
N ALA D 575 -59.96 -0.82 11.72
CA ALA D 575 -60.93 -1.26 10.73
C ALA D 575 -60.36 -2.28 9.76
N THR D 576 -59.04 -2.45 9.70
CA THR D 576 -58.39 -3.39 8.80
C THR D 576 -57.59 -4.39 9.64
N ARG D 577 -58.20 -5.55 9.88
CA ARG D 577 -57.54 -6.61 10.65
C ARG D 577 -56.79 -7.61 9.78
N SER D 578 -56.78 -7.41 8.46
CA SER D 578 -56.10 -8.33 7.56
C SER D 578 -55.70 -7.58 6.30
N LEU D 579 -54.80 -8.18 5.53
CA LEU D 579 -54.35 -7.58 4.28
C LEU D 579 -55.45 -7.60 3.22
N ARG D 580 -56.28 -8.64 3.23
CA ARG D 580 -57.36 -8.72 2.24
C ARG D 580 -58.35 -7.57 2.41
N THR D 581 -58.73 -7.25 3.64
CA THR D 581 -59.61 -6.12 3.87
C THR D 581 -58.88 -4.80 3.70
N LEU D 582 -57.57 -4.78 3.92
CA LEU D 582 -56.79 -3.57 3.72
C LEU D 582 -56.71 -3.20 2.23
N ARG D 583 -56.60 -4.20 1.36
CA ARG D 583 -56.50 -3.93 -0.07
C ARG D 583 -57.73 -3.20 -0.60
N GLU D 584 -58.90 -3.49 -0.02
CA GLU D 584 -60.13 -2.82 -0.39
C GLU D 584 -60.46 -1.63 0.52
N TYR D 585 -59.56 -1.27 1.43
CA TYR D 585 -59.79 -0.15 2.35
C TYR D 585 -59.07 1.11 1.85
N VAL D 588 -61.67 3.02 -1.03
CA VAL D 588 -62.80 3.84 -0.61
C VAL D 588 -62.30 5.25 -0.30
N GLU D 589 -62.79 6.20 -1.07
CA GLU D 589 -62.39 7.59 -0.87
C GLU D 589 -62.97 8.13 0.43
N PRO D 590 -62.17 8.75 1.28
CA PRO D 590 -62.70 9.27 2.55
C PRO D 590 -63.62 10.46 2.33
N LEU D 591 -64.44 10.72 3.35
CA LEU D 591 -65.37 11.84 3.29
C LEU D 591 -64.66 13.19 3.29
N ALA D 592 -63.38 13.23 3.67
CA ALA D 592 -62.65 14.49 3.67
C ALA D 592 -62.54 15.06 2.26
N THR D 593 -62.21 14.22 1.29
CA THR D 593 -62.13 14.68 -0.10
C THR D 593 -63.51 14.82 -0.72
N VAL D 594 -64.45 13.94 -0.35
CA VAL D 594 -65.77 13.96 -0.96
C VAL D 594 -66.53 15.22 -0.55
N SER D 595 -66.58 15.50 0.75
CA SER D 595 -67.31 16.66 1.29
C SER D 595 -66.42 17.37 2.29
N PRO D 596 -65.54 18.26 1.82
CA PRO D 596 -64.65 19.00 2.74
C PRO D 596 -65.40 19.78 3.79
N PRO D 597 -66.53 20.45 3.46
CA PRO D 597 -67.27 21.14 4.53
C PRO D 597 -67.77 20.20 5.62
N LEU D 598 -68.28 19.03 5.25
CA LEU D 598 -68.72 18.06 6.25
C LEU D 598 -67.54 17.56 7.08
N ALA D 599 -66.39 17.36 6.43
CA ALA D 599 -65.20 16.95 7.15
C ALA D 599 -64.78 18.00 8.18
N ARG D 600 -64.82 19.28 7.80
CA ARG D 600 -64.50 20.34 8.73
C ARG D 600 -65.50 20.40 9.88
N SER D 601 -66.79 20.23 9.56
CA SER D 601 -67.82 20.24 10.60
C SER D 601 -67.59 19.11 11.61
N GLU D 602 -67.24 17.91 11.11
CA GLU D 602 -67.00 16.79 12.02
C GLU D 602 -65.69 16.94 12.78
N LEU D 603 -64.67 17.55 12.16
CA LEU D 603 -63.37 17.71 12.81
C LEU D 603 -63.31 18.89 13.76
N THR D 604 -64.32 19.77 13.74
CA THR D 604 -64.38 20.83 14.73
C THR D 604 -64.48 20.29 16.15
N GLN D 605 -64.92 19.04 16.31
CA GLN D 605 -65.03 18.40 17.63
C GLN D 605 -63.75 17.69 18.05
N VAL D 606 -62.69 17.76 17.26
CA VAL D 606 -61.43 17.11 17.60
C VAL D 606 -60.73 17.94 18.67
N GLN D 607 -60.52 17.35 19.84
CA GLN D 607 -59.87 18.01 20.96
C GLN D 607 -58.44 17.50 21.07
N GLY D 608 -57.47 18.38 20.81
CA GLY D 608 -56.08 17.98 20.93
C GLY D 608 -55.65 17.01 19.85
N HIS D 609 -54.58 16.27 20.16
CA HIS D 609 -53.95 15.37 19.21
C HIS D 609 -53.92 13.92 19.67
N LEU D 610 -54.52 13.60 20.80
CA LEU D 610 -54.41 12.26 21.38
C LEU D 610 -55.40 11.31 20.71
N VAL D 611 -54.88 10.29 20.03
CA VAL D 611 -55.70 9.25 19.43
C VAL D 611 -55.27 7.92 20.04
N HIS D 612 -56.18 6.94 19.97
CA HIS D 612 -55.87 5.62 20.50
C HIS D 612 -54.92 4.87 19.57
N PHE D 613 -54.21 3.91 20.13
CA PHE D 613 -53.28 3.09 19.36
C PHE D 613 -54.03 1.94 18.70
N PRO D 614 -53.91 1.76 17.39
CA PRO D 614 -54.63 0.66 16.73
C PRO D 614 -54.00 -0.70 17.01
N LEU D 615 -54.35 -1.29 18.15
CA LEU D 615 -53.80 -2.57 18.56
C LEU D 615 -54.31 -3.73 17.71
N LYS D 616 -55.33 -3.53 16.89
CA LYS D 616 -55.89 -4.57 16.04
C LYS D 616 -55.54 -4.37 14.57
N PHE D 617 -54.48 -3.60 14.28
CA PHE D 617 -54.08 -3.33 12.90
C PHE D 617 -53.33 -4.53 12.35
N LEU D 618 -53.91 -5.16 11.33
CA LEU D 618 -53.33 -6.36 10.70
C LEU D 618 -53.06 -7.45 11.73
N GLU D 619 -54.03 -7.66 12.61
CA GLU D 619 -53.91 -8.64 13.68
C GLU D 619 -54.05 -10.08 13.20
N ASP D 620 -54.47 -10.30 11.95
CA ASP D 620 -54.64 -11.64 11.40
C ASP D 620 -53.47 -12.06 10.52
N GLU D 621 -52.34 -11.37 10.63
CA GLU D 621 -51.16 -11.70 9.84
C GLU D 621 -49.94 -11.94 10.73
N GLU D 631 -33.24 -18.48 3.36
CA GLU D 631 -33.05 -17.17 3.96
C GLU D 631 -32.47 -17.27 5.36
N GLY D 632 -32.99 -16.45 6.27
CA GLY D 632 -32.50 -16.46 7.64
C GLY D 632 -31.08 -16.02 7.80
N MET D 633 -30.59 -15.14 6.92
CA MET D 633 -29.24 -14.62 7.01
C MET D 633 -29.18 -13.20 7.55
N ILE D 634 -30.34 -12.58 7.81
CA ILE D 634 -30.43 -11.26 8.40
C ILE D 634 -30.95 -11.43 9.82
N PRO D 635 -30.15 -11.13 10.85
CA PRO D 635 -30.64 -11.26 12.22
C PRO D 635 -31.84 -10.35 12.47
N LEU D 636 -32.81 -10.87 13.23
CA LEU D 636 -33.95 -10.06 13.62
C LEU D 636 -33.61 -9.07 14.73
N GLU D 637 -32.42 -9.17 15.32
CA GLU D 637 -31.98 -8.20 16.32
C GLU D 637 -31.70 -6.83 15.73
N VAL D 638 -31.69 -6.71 14.40
CA VAL D 638 -31.52 -5.40 13.76
C VAL D 638 -32.64 -4.46 14.15
N TRP D 639 -33.87 -4.96 14.19
CA TRP D 639 -35.02 -4.13 14.50
C TRP D 639 -35.42 -4.15 15.97
N THR D 640 -35.03 -5.18 16.72
CA THR D 640 -35.39 -5.27 18.13
C THR D 640 -34.65 -4.20 18.95
#